data_1LC4
# 
_entry.id   1LC4 
# 
_audit_conform.dict_name       mmcif_pdbx.dic 
_audit_conform.dict_version    5.376 
_audit_conform.dict_location   http://mmcif.pdb.org/dictionaries/ascii/mmcif_pdbx.dic 
# 
loop_
_database_2.database_id 
_database_2.database_code 
_database_2.pdbx_database_accession 
_database_2.pdbx_DOI 
PDB   1LC4         pdb_00001lc4 10.2210/pdb1lc4/pdb 
NDB   DR0007       ?            ?                   
RCSB  RCSB015829   ?            ?                   
WWPDB D_1000015829 ?            ?                   
# 
_pdbx_database_related.db_name        PDB 
_pdbx_database_related.db_id          1J7T 
_pdbx_database_related.details        '1J7T contains the X-ray structure of Paromomycin bound to the A site' 
_pdbx_database_related.content_type   unspecified 
# 
_pdbx_database_status.status_code                     REL 
_pdbx_database_status.entry_id                        1LC4 
_pdbx_database_status.recvd_initial_deposition_date   2002-04-05 
_pdbx_database_status.deposit_site                    RCSB 
_pdbx_database_status.process_site                    RCSB 
_pdbx_database_status.status_code_sf                  REL 
_pdbx_database_status.SG_entry                        . 
_pdbx_database_status.status_code_mr                  ? 
_pdbx_database_status.status_code_cs                  ? 
_pdbx_database_status.pdb_format_compatible           Y 
_pdbx_database_status.status_code_nmr_data            ? 
_pdbx_database_status.methods_development_category    ? 
# 
loop_
_audit_author.name 
_audit_author.pdbx_ordinal 
'Vicens, Q.'  1 
'Westhof, E.' 2 
# 
loop_
_citation.id 
_citation.title 
_citation.journal_abbrev 
_citation.journal_volume 
_citation.page_first 
_citation.page_last 
_citation.year 
_citation.journal_id_ASTM 
_citation.country 
_citation.journal_id_ISSN 
_citation.journal_id_CSD 
_citation.book_publisher 
_citation.pdbx_database_id_PubMed 
_citation.pdbx_database_id_DOI 
primary 
;Crystal Structure of a Complex between the Aminoglycoside Tobramycin and an  
Oligonucleotide Containing the Ribosomal Decoding A Site
;
Chem.Biol. 9 747 755 2002 CBOLE2 UK 1074-5521 2050 ? 12079787 '10.1016/S1074-5521(02)00153-9' 
1       'Crystal Structure of Paromomycin Docked into the Eubacterial Ribosomal Decoding A Site' Structure  9 647 658 2001 STRUE6 
UK 0969-2126 2005 ? ?        '10.1016/S0969-2126(01)00629-3' 
# 
loop_
_citation_author.citation_id 
_citation_author.name 
_citation_author.ordinal 
_citation_author.identifier_ORCID 
primary 'Vicens, Q.'  1 ? 
primary 'Westhof, E.' 2 ? 
1       'Vicens, Q.'  3 ? 
1       'Westhof, E.' 4 ? 
# 
_cell.entry_id           1LC4 
_cell.length_a           46.900 
_cell.length_b           32.800 
_cell.length_c           52.000 
_cell.angle_alpha        90.00 
_cell.angle_beta         107.90 
_cell.angle_gamma        90.00 
_cell.Z_PDB              4 
_cell.pdbx_unique_axis   ? 
# 
_symmetry.entry_id                         1LC4 
_symmetry.space_group_name_H-M             'P 1 21 1' 
_symmetry.pdbx_full_space_group_name_H-M   ? 
_symmetry.cell_setting                     ? 
_symmetry.Int_Tables_number                4 
# 
loop_
_entity.id 
_entity.type 
_entity.src_method 
_entity.pdbx_description 
_entity.formula_weight 
_entity.pdbx_number_of_molecules 
_entity.pdbx_ec 
_entity.pdbx_mutation 
_entity.pdbx_fragment 
_entity.details 
1 polymer     syn "5'-R(*UP*UP*GP*CP*GP*UP*CP*AP*CP*AP*CP*CP*GP*GP*UP*GP*AP*AP*GP*UP*CP*GP*C)-3'" 7355.409 2  ? ? ? 
'eubacterial 16S RRNA A SITE' 
2 non-polymer syn TOBRAMYCIN                                                                      467.514  2  ? ? ? ? 
3 water       nat water                                                                           18.015   76 ? ? ? ? 
# 
_entity_poly.entity_id                      1 
_entity_poly.type                           polyribonucleotide 
_entity_poly.nstd_linkage                   no 
_entity_poly.nstd_monomer                   no 
_entity_poly.pdbx_seq_one_letter_code       UUGCGUCACACCGGUGAAGUCGC 
_entity_poly.pdbx_seq_one_letter_code_can   UUGCGUCACACCGGUGAAGUCGC 
_entity_poly.pdbx_strand_id                 A,B 
_entity_poly.pdbx_target_identifier         ? 
# 
loop_
_entity_poly_seq.entity_id 
_entity_poly_seq.num 
_entity_poly_seq.mon_id 
_entity_poly_seq.hetero 
1 1  U n 
1 2  U n 
1 3  G n 
1 4  C n 
1 5  G n 
1 6  U n 
1 7  C n 
1 8  A n 
1 9  C n 
1 10 A n 
1 11 C n 
1 12 C n 
1 13 G n 
1 14 G n 
1 15 U n 
1 16 G n 
1 17 A n 
1 18 A n 
1 19 G n 
1 20 U n 
1 21 C n 
1 22 G n 
1 23 C n 
# 
_struct_ref.id                         1 
_struct_ref.entity_id                  1 
_struct_ref.db_name                    PDB 
_struct_ref.db_code                    1LC4 
_struct_ref.pdbx_db_accession          1LC4 
_struct_ref.pdbx_db_isoform            ? 
_struct_ref.pdbx_seq_one_letter_code   ? 
_struct_ref.pdbx_align_begin           ? 
# 
loop_
_struct_ref_seq.align_id 
_struct_ref_seq.ref_id 
_struct_ref_seq.pdbx_PDB_id_code 
_struct_ref_seq.pdbx_strand_id 
_struct_ref_seq.seq_align_beg 
_struct_ref_seq.pdbx_seq_align_beg_ins_code 
_struct_ref_seq.seq_align_end 
_struct_ref_seq.pdbx_seq_align_end_ins_code 
_struct_ref_seq.pdbx_db_accession 
_struct_ref_seq.db_align_beg 
_struct_ref_seq.pdbx_db_align_beg_ins_code 
_struct_ref_seq.db_align_end 
_struct_ref_seq.pdbx_db_align_end_ins_code 
_struct_ref_seq.pdbx_auth_seq_align_beg 
_struct_ref_seq.pdbx_auth_seq_align_end 
1 1 1LC4 A 1 ? 23 ? 1LC4 1  ? 23 ? 1  23 
2 1 1LC4 B 1 ? 23 ? 1LC4 24 ? 46 ? 24 46 
# 
loop_
_chem_comp.id 
_chem_comp.type 
_chem_comp.mon_nstd_flag 
_chem_comp.name 
_chem_comp.pdbx_synonyms 
_chem_comp.formula 
_chem_comp.formula_weight 
A   'RNA linking' y "ADENOSINE-5'-MONOPHOSPHATE" ? 'C10 H14 N5 O7 P' 347.221 
C   'RNA linking' y "CYTIDINE-5'-MONOPHOSPHATE"  ? 'C9 H14 N3 O8 P'  323.197 
G   'RNA linking' y "GUANOSINE-5'-MONOPHOSPHATE" ? 'C10 H14 N5 O8 P' 363.221 
HOH non-polymer   . WATER                        ? 'H2 O'            18.015  
TOY non-polymer   . TOBRAMYCIN                   
;4-AMINO-2-[4,6-DIAMINO-3-(3-AMINO-6-AMINOMETHYL-5-HYDROXY-TETRAHYDRO-PYRAN-2-YLOXY)-2-HYDROXY-CYCLOHEXYLOXY]-6-HYDROXYMETHYL-TETRAHYDRO-PYRAN-3,5-DIOL
;
'C18 H37 N5 O9'   467.514 
U   'RNA linking' y "URIDINE-5'-MONOPHOSPHATE"   ? 'C9 H13 N2 O9 P'  324.181 
# 
_exptl.entry_id          1LC4 
_exptl.method            'X-RAY DIFFRACTION' 
_exptl.crystals_number   1 
# 
_exptl_crystal.id                    1 
_exptl_crystal.density_meas          ? 
_exptl_crystal.density_percent_sol   52.46 
_exptl_crystal.density_Matthews      2.59 
_exptl_crystal.description           ? 
# 
_exptl_crystal_grow.crystal_id      1 
_exptl_crystal_grow.method          'VAPOR DIFFUSION, HANGING DROP' 
_exptl_crystal_grow.temp            310 
_exptl_crystal_grow.temp_details    ? 
_exptl_crystal_grow.pH              6.4 
_exptl_crystal_grow.pdbx_details    
;MPD, sodium cacodylate, sodium chloride, potassium chloride, magnesium sulfate, pH 6.4, VAPOR DIFFUSION, HANGING DROP, temperature 310K
;
_exptl_crystal_grow.pdbx_pH_range   . 
# 
loop_
_exptl_crystal_grow_comp.crystal_id 
_exptl_crystal_grow_comp.id 
_exptl_crystal_grow_comp.sol_id 
_exptl_crystal_grow_comp.name 
_exptl_crystal_grow_comp.conc 
_exptl_crystal_grow_comp.volume 
_exptl_crystal_grow_comp.details 
1 1 1 MPD                 ? ? ? 
1 2 1 'sodium cacodylate' ? ? ? 
1 3 1 NaCl                ? ? ? 
1 4 1 KCl                 ? ? ? 
1 5 1 MgSO4               ? ? ? 
1 6 2 MPD                 ? ? ? 
# 
_diffrn.id                     1 
_diffrn.ambient_temp           100 
_diffrn.ambient_temp_details   ? 
_diffrn.crystal_id             1 
# 
_diffrn_detector.diffrn_id              1 
_diffrn_detector.detector               CCD 
_diffrn_detector.type                   'ADSC QUANTUM 4' 
_diffrn_detector.pdbx_collection_date   2001-02-24 
_diffrn_detector.details                'double crystal monochromator and toroidal focusing mirrors' 
# 
_diffrn_radiation.diffrn_id                        1 
_diffrn_radiation.wavelength_id                    1 
_diffrn_radiation.pdbx_monochromatic_or_laue_m_l   M 
_diffrn_radiation.monochromator                    ? 
_diffrn_radiation.pdbx_diffrn_protocol             'SINGLE WAVELENGTH' 
_diffrn_radiation.pdbx_scattering_type             x-ray 
# 
_diffrn_radiation_wavelength.id           1 
_diffrn_radiation_wavelength.wavelength   0.933 
_diffrn_radiation_wavelength.wt           1.0 
# 
_diffrn_source.diffrn_id                   1 
_diffrn_source.source                      SYNCHROTRON 
_diffrn_source.type                        'ESRF BEAMLINE ID14-2' 
_diffrn_source.pdbx_synchrotron_site       ESRF 
_diffrn_source.pdbx_synchrotron_beamline   ID14-2 
_diffrn_source.pdbx_wavelength             ? 
_diffrn_source.pdbx_wavelength_list        0.933 
# 
_reflns.entry_id                     1LC4 
_reflns.observed_criterion_sigma_I   ? 
_reflns.observed_criterion_sigma_F   ? 
_reflns.d_resolution_low             10 
_reflns.d_resolution_high            2.54 
_reflns.number_obs                   ? 
_reflns.number_all                   4899 
_reflns.percent_possible_obs         95.9 
_reflns.pdbx_Rmerge_I_obs            ? 
_reflns.pdbx_Rsym_value              0.059 
_reflns.pdbx_netI_over_sigmaI        19.5 
_reflns.B_iso_Wilson_estimate        62.8 
_reflns.pdbx_redundancy              4.8 
_reflns.R_free_details               ? 
_reflns.pdbx_ordinal                 1 
_reflns.pdbx_diffrn_id               1 
# 
_reflns_shell.d_res_high             2.54 
_reflns_shell.d_res_low              2.64 
_reflns_shell.percent_possible_all   98.4 
_reflns_shell.Rmerge_I_obs           ? 
_reflns_shell.pdbx_Rsym_value        0.133 
_reflns_shell.meanI_over_sigI_obs    9.2 
_reflns_shell.pdbx_redundancy        4.7 
_reflns_shell.percent_possible_obs   ? 
_reflns_shell.number_unique_all      479 
_reflns_shell.pdbx_ordinal           1 
_reflns_shell.pdbx_diffrn_id         1 
# 
_refine.entry_id                                 1LC4 
_refine.ls_number_reflns_obs                     4644 
_refine.ls_number_reflns_all                     4899 
_refine.pdbx_ls_sigma_I                          ? 
_refine.pdbx_ls_sigma_F                          1.5 
_refine.pdbx_data_cutoff_high_absF               1338987.24 
_refine.pdbx_data_cutoff_low_absF                0.000000 
_refine.ls_d_res_low                             10 
_refine.ls_d_res_high                            2.54 
_refine.ls_percent_reflns_obs                    91.9 
_refine.ls_R_factor_obs                          ? 
_refine.ls_R_factor_all                          ? 
_refine.ls_R_factor_R_work                       0.214 
_refine.ls_R_factor_R_free                       0.264 
_refine.ls_R_factor_R_free_error                 0.013 
_refine.ls_R_factor_R_free_error_details         ? 
_refine.ls_percent_reflns_R_free                 8.5 
_refine.ls_number_reflns_R_free                  396 
_refine.ls_number_parameters                     ? 
_refine.ls_number_restraints                     ? 
_refine.occupancy_min                            ? 
_refine.occupancy_max                            ? 
_refine.B_iso_mean                               61.4 
_refine.aniso_B[1][1]                            0 
_refine.aniso_B[2][2]                            0 
_refine.aniso_B[3][3]                            0 
_refine.aniso_B[1][2]                            0 
_refine.aniso_B[1][3]                            0 
_refine.aniso_B[2][3]                            0 
_refine.solvent_model_details                    'FLAT MODEL' 
_refine.solvent_model_param_ksol                 0.284702 
_refine.solvent_model_param_bsol                 55.7193 
_refine.pdbx_ls_cross_valid_method               THROUGHOUT 
_refine.details                                  ? 
_refine.pdbx_starting_model                      'PDB ENTRY 1J7T' 
_refine.pdbx_method_to_determine_struct          'MOLECULAR REPLACEMENT' 
_refine.pdbx_isotropic_thermal_model             ? 
_refine.pdbx_stereochemistry_target_values       
;G. Parkinson, J. Vojtechovsky, L. Clowney, A.T. Brunger, H.M. Berman, 
New Parameters for the Refinement of Nucleic Acid Containing Structures, 
Acta Cryst. D, 52, 57-64 (1996)
;
_refine.pdbx_stereochem_target_val_spec_case     ? 
_refine.pdbx_R_Free_selection_details            random 
_refine.pdbx_overall_ESU_R_Free                  ? 
_refine.overall_SU_B                             ? 
_refine.ls_redundancy_reflns_obs                 ? 
_refine.correlation_coeff_Fo_to_Fc               ? 
_refine.overall_SU_R_Cruickshank_DPI             ? 
_refine.overall_SU_R_free                        ? 
_refine.overall_SU_ML                            ? 
_refine.pdbx_overall_ESU_R                       ? 
_refine.pdbx_data_cutoff_high_rms_absF           ? 
_refine.correlation_coeff_Fo_to_Fc_free          ? 
_refine.pdbx_solvent_vdw_probe_radii             ? 
_refine.pdbx_solvent_ion_probe_radii             ? 
_refine.pdbx_solvent_shrinkage_radii             ? 
_refine.pdbx_refine_id                           'X-RAY DIFFRACTION' 
_refine.pdbx_diffrn_id                           1 
_refine.pdbx_TLS_residual_ADP_flag               ? 
_refine.pdbx_overall_phase_error                 ? 
_refine.pdbx_overall_SU_R_free_Cruickshank_DPI   ? 
_refine.pdbx_overall_SU_R_Blow_DPI               ? 
_refine.pdbx_overall_SU_R_free_Blow_DPI          ? 
# 
_refine_analyze.entry_id                        1LC4 
_refine_analyze.Luzzati_coordinate_error_obs    0.32 
_refine_analyze.Luzzati_d_res_low_obs           5.00 
_refine_analyze.Luzzati_coordinate_error_free   0.42 
_refine_analyze.Luzzati_d_res_low_free          ? 
_refine_analyze.Luzzati_sigma_a_obs             0.32 
_refine_analyze.Luzzati_sigma_a_free            0.40 
_refine_analyze.number_disordered_residues      ? 
_refine_analyze.occupancy_sum_non_hydrogen      ? 
_refine_analyze.occupancy_sum_hydrogen          ? 
_refine_analyze.pdbx_refine_id                  'X-RAY DIFFRACTION' 
# 
_refine_hist.pdbx_refine_id                   'X-RAY DIFFRACTION' 
_refine_hist.cycle_id                         LAST 
_refine_hist.pdbx_number_atoms_protein        0 
_refine_hist.pdbx_number_atoms_nucleic_acid   898 
_refine_hist.pdbx_number_atoms_ligand         64 
_refine_hist.number_atoms_solvent             76 
_refine_hist.number_atoms_total               1038 
_refine_hist.d_res_high                       2.54 
_refine_hist.d_res_low                        10 
# 
loop_
_refine_ls_restr.type 
_refine_ls_restr.dev_ideal 
_refine_ls_restr.dev_ideal_target 
_refine_ls_restr.weight 
_refine_ls_restr.number 
_refine_ls_restr.pdbx_refine_id 
_refine_ls_restr.pdbx_restraint_function 
c_bond_d           0.005567 ? ? ? 'X-RAY DIFFRACTION' ? 
c_angle_deg        1.03474  ? ? ? 'X-RAY DIFFRACTION' ? 
c_dihedral_angle_d 9.71789  ? ? ? 'X-RAY DIFFRACTION' ? 
c_improper_angle_d 0.75231  ? ? ? 'X-RAY DIFFRACTION' ? 
# 
_refine_ls_shell.R_factor_R_free                  0.426 
_refine_ls_shell.R_factor_R_free_error            0.058 
_refine_ls_shell.R_factor_R_work                  0.314 
_refine_ls_shell.d_res_high                       2.54 
_refine_ls_shell.d_res_low                        2.70 
_refine_ls_shell.pdbx_total_number_of_bins_used   6 
_refine_ls_shell.number_reflns_R_free             53 
_refine_ls_shell.number_reflns_R_work             629 
_refine_ls_shell.percent_reflns_R_free            7.8 
_refine_ls_shell.percent_reflns_obs               82.5 
_refine_ls_shell.redundancy_reflns_obs            ? 
_refine_ls_shell.pdbx_refine_id                   'X-RAY DIFFRACTION' 
_refine_ls_shell.number_reflns_all                ? 
_refine_ls_shell.R_factor_all                     ? 
# 
_struct.entry_id                  1LC4 
_struct.title                     'Crystal Structure of Tobramycin Bound to the Eubacterial 16S rRNA A Site' 
_struct.pdbx_model_details        ? 
_struct.pdbx_CASP_flag            ? 
_struct.pdbx_model_type_details   ? 
# 
_struct_keywords.entry_id        1LC4 
_struct_keywords.pdbx_keywords   RNA 
_struct_keywords.text            'Antibiotic-RNA complex, adenine bulges, RNA' 
# 
loop_
_struct_asym.id 
_struct_asym.pdbx_blank_PDB_chainid_flag 
_struct_asym.pdbx_modified 
_struct_asym.entity_id 
_struct_asym.details 
A N N 1 ? 
B N N 1 ? 
C N N 2 ? 
D N N 2 ? 
E N N 3 ? 
F N N 3 ? 
# 
_struct_biol.id                    1 
_struct_biol.pdbx_parent_biol_id   ? 
_struct_biol.details               ? 
# 
loop_
_struct_conn.id 
_struct_conn.conn_type_id 
_struct_conn.pdbx_leaving_atom_flag 
_struct_conn.pdbx_PDB_id 
_struct_conn.ptnr1_label_asym_id 
_struct_conn.ptnr1_label_comp_id 
_struct_conn.ptnr1_label_seq_id 
_struct_conn.ptnr1_label_atom_id 
_struct_conn.pdbx_ptnr1_label_alt_id 
_struct_conn.pdbx_ptnr1_PDB_ins_code 
_struct_conn.pdbx_ptnr1_standard_comp_id 
_struct_conn.ptnr1_symmetry 
_struct_conn.ptnr2_label_asym_id 
_struct_conn.ptnr2_label_comp_id 
_struct_conn.ptnr2_label_seq_id 
_struct_conn.ptnr2_label_atom_id 
_struct_conn.pdbx_ptnr2_label_alt_id 
_struct_conn.pdbx_ptnr2_PDB_ins_code 
_struct_conn.ptnr1_auth_asym_id 
_struct_conn.ptnr1_auth_comp_id 
_struct_conn.ptnr1_auth_seq_id 
_struct_conn.ptnr2_auth_asym_id 
_struct_conn.ptnr2_auth_comp_id 
_struct_conn.ptnr2_auth_seq_id 
_struct_conn.ptnr2_symmetry 
_struct_conn.pdbx_ptnr3_label_atom_id 
_struct_conn.pdbx_ptnr3_label_seq_id 
_struct_conn.pdbx_ptnr3_label_comp_id 
_struct_conn.pdbx_ptnr3_label_asym_id 
_struct_conn.pdbx_ptnr3_label_alt_id 
_struct_conn.pdbx_ptnr3_PDB_ins_code 
_struct_conn.details 
_struct_conn.pdbx_dist_value 
_struct_conn.pdbx_value_order 
_struct_conn.pdbx_role 
hydrog1  hydrog ? ? A G 3  N1 ? ? ? 1_555 B C 23 N3 ? ? A G 3  B C 46 1_555 ? ? ? ? ? ? WATSON-CRICK  ? ? ? 
hydrog2  hydrog ? ? A G 3  N2 ? ? ? 1_555 B C 23 O2 ? ? A G 3  B C 46 1_555 ? ? ? ? ? ? WATSON-CRICK  ? ? ? 
hydrog3  hydrog ? ? A G 3  O6 ? ? ? 1_555 B C 23 N4 ? ? A G 3  B C 46 1_555 ? ? ? ? ? ? WATSON-CRICK  ? ? ? 
hydrog4  hydrog ? ? A C 4  N3 ? ? ? 1_555 B G 22 N1 ? ? A C 4  B G 45 1_555 ? ? ? ? ? ? WATSON-CRICK  ? ? ? 
hydrog5  hydrog ? ? A C 4  N4 ? ? ? 1_555 B G 22 O6 ? ? A C 4  B G 45 1_555 ? ? ? ? ? ? WATSON-CRICK  ? ? ? 
hydrog6  hydrog ? ? A C 4  O2 ? ? ? 1_555 B G 22 N2 ? ? A C 4  B G 45 1_555 ? ? ? ? ? ? WATSON-CRICK  ? ? ? 
hydrog7  hydrog ? ? A G 5  N1 ? ? ? 1_555 B C 21 N3 ? ? A G 5  B C 44 1_555 ? ? ? ? ? ? WATSON-CRICK  ? ? ? 
hydrog8  hydrog ? ? A G 5  N2 ? ? ? 1_555 B C 21 O2 ? ? A G 5  B C 44 1_555 ? ? ? ? ? ? WATSON-CRICK  ? ? ? 
hydrog9  hydrog ? ? A G 5  O6 ? ? ? 1_555 B C 21 N4 ? ? A G 5  B C 44 1_555 ? ? ? ? ? ? WATSON-CRICK  ? ? ? 
hydrog10 hydrog ? ? A U 6  O4 ? ? ? 1_555 B U 20 N3 ? ? A U 6  B U 43 1_555 ? ? ? ? ? ? 'U-U MISPAIR' ? ? ? 
hydrog11 hydrog ? ? A C 7  N3 ? ? ? 1_555 B G 19 N1 ? ? A C 7  B G 42 1_555 ? ? ? ? ? ? WATSON-CRICK  ? ? ? 
hydrog12 hydrog ? ? A C 7  N4 ? ? ? 1_555 B G 19 O6 ? ? A C 7  B G 42 1_555 ? ? ? ? ? ? WATSON-CRICK  ? ? ? 
hydrog13 hydrog ? ? A C 7  O2 ? ? ? 1_555 B G 19 N2 ? ? A C 7  B G 42 1_555 ? ? ? ? ? ? WATSON-CRICK  ? ? ? 
hydrog14 hydrog ? ? A C 9  N3 ? ? ? 1_555 B G 16 N1 ? ? A C 9  B G 39 1_555 ? ? ? ? ? ? WATSON-CRICK  ? ? ? 
hydrog15 hydrog ? ? A C 9  N4 ? ? ? 1_555 B G 16 O6 ? ? A C 9  B G 39 1_555 ? ? ? ? ? ? WATSON-CRICK  ? ? ? 
hydrog16 hydrog ? ? A C 9  O2 ? ? ? 1_555 B G 16 N2 ? ? A C 9  B G 39 1_555 ? ? ? ? ? ? WATSON-CRICK  ? ? ? 
hydrog17 hydrog ? ? A A 10 N1 ? ? ? 1_555 B U 15 N3 ? ? A A 10 B U 38 1_555 ? ? ? ? ? ? WATSON-CRICK  ? ? ? 
hydrog18 hydrog ? ? A A 10 N6 ? ? ? 1_555 B U 15 O4 ? ? A A 10 B U 38 1_555 ? ? ? ? ? ? WATSON-CRICK  ? ? ? 
hydrog19 hydrog ? ? A C 11 N3 ? ? ? 1_555 B G 14 N1 ? ? A C 11 B G 37 1_555 ? ? ? ? ? ? WATSON-CRICK  ? ? ? 
hydrog20 hydrog ? ? A C 11 N4 ? ? ? 1_555 B G 14 O6 ? ? A C 11 B G 37 1_555 ? ? ? ? ? ? WATSON-CRICK  ? ? ? 
hydrog21 hydrog ? ? A C 11 O2 ? ? ? 1_555 B G 14 N2 ? ? A C 11 B G 37 1_555 ? ? ? ? ? ? WATSON-CRICK  ? ? ? 
hydrog22 hydrog ? ? A C 12 N3 ? ? ? 1_555 B G 13 N1 ? ? A C 12 B G 36 1_555 ? ? ? ? ? ? WATSON-CRICK  ? ? ? 
hydrog23 hydrog ? ? A C 12 N4 ? ? ? 1_555 B G 13 O6 ? ? A C 12 B G 36 1_555 ? ? ? ? ? ? WATSON-CRICK  ? ? ? 
hydrog24 hydrog ? ? A C 12 O2 ? ? ? 1_555 B G 13 N2 ? ? A C 12 B G 36 1_555 ? ? ? ? ? ? WATSON-CRICK  ? ? ? 
hydrog25 hydrog ? ? A G 13 N1 ? ? ? 1_555 B C 12 N3 ? ? A G 13 B C 35 1_555 ? ? ? ? ? ? WATSON-CRICK  ? ? ? 
hydrog26 hydrog ? ? A G 13 N2 ? ? ? 1_555 B C 12 O2 ? ? A G 13 B C 35 1_555 ? ? ? ? ? ? WATSON-CRICK  ? ? ? 
hydrog27 hydrog ? ? A G 13 O6 ? ? ? 1_555 B C 12 N4 ? ? A G 13 B C 35 1_555 ? ? ? ? ? ? WATSON-CRICK  ? ? ? 
hydrog28 hydrog ? ? A G 14 N1 ? ? ? 1_555 B C 11 N3 ? ? A G 14 B C 34 1_555 ? ? ? ? ? ? WATSON-CRICK  ? ? ? 
hydrog29 hydrog ? ? A G 14 N2 ? ? ? 1_555 B C 11 O2 ? ? A G 14 B C 34 1_555 ? ? ? ? ? ? WATSON-CRICK  ? ? ? 
hydrog30 hydrog ? ? A G 14 O6 ? ? ? 1_555 B C 11 N4 ? ? A G 14 B C 34 1_555 ? ? ? ? ? ? WATSON-CRICK  ? ? ? 
hydrog31 hydrog ? ? A U 15 N3 ? ? ? 1_555 B A 10 N1 ? ? A U 15 B A 33 1_555 ? ? ? ? ? ? WATSON-CRICK  ? ? ? 
hydrog32 hydrog ? ? A U 15 O4 ? ? ? 1_555 B A 10 N6 ? ? A U 15 B A 33 1_555 ? ? ? ? ? ? WATSON-CRICK  ? ? ? 
hydrog33 hydrog ? ? A G 16 N1 ? ? ? 1_555 B C 9  N3 ? ? A G 16 B C 32 1_555 ? ? ? ? ? ? WATSON-CRICK  ? ? ? 
hydrog34 hydrog ? ? A G 16 N2 ? ? ? 1_555 B C 9  O2 ? ? A G 16 B C 32 1_555 ? ? ? ? ? ? WATSON-CRICK  ? ? ? 
hydrog35 hydrog ? ? A G 16 O6 ? ? ? 1_555 B C 9  N4 ? ? A G 16 B C 32 1_555 ? ? ? ? ? ? WATSON-CRICK  ? ? ? 
hydrog36 hydrog ? ? A G 19 N1 ? ? ? 1_555 B C 7  N3 ? ? A G 19 B C 30 1_555 ? ? ? ? ? ? WATSON-CRICK  ? ? ? 
hydrog37 hydrog ? ? A G 19 N2 ? ? ? 1_555 B C 7  O2 ? ? A G 19 B C 30 1_555 ? ? ? ? ? ? WATSON-CRICK  ? ? ? 
hydrog38 hydrog ? ? A G 19 O6 ? ? ? 1_555 B C 7  N4 ? ? A G 19 B C 30 1_555 ? ? ? ? ? ? WATSON-CRICK  ? ? ? 
hydrog39 hydrog ? ? A U 20 N3 ? ? ? 1_555 B U 6  O4 ? ? A U 20 B U 29 1_555 ? ? ? ? ? ? 'U-U MISPAIR' ? ? ? 
hydrog40 hydrog ? ? A C 21 N3 ? ? ? 1_555 B G 5  N1 ? ? A C 21 B G 28 1_555 ? ? ? ? ? ? WATSON-CRICK  ? ? ? 
hydrog41 hydrog ? ? A C 21 N4 ? ? ? 1_555 B G 5  O6 ? ? A C 21 B G 28 1_555 ? ? ? ? ? ? WATSON-CRICK  ? ? ? 
hydrog42 hydrog ? ? A C 21 O2 ? ? ? 1_555 B G 5  N2 ? ? A C 21 B G 28 1_555 ? ? ? ? ? ? WATSON-CRICK  ? ? ? 
hydrog43 hydrog ? ? A G 22 N1 ? ? ? 1_555 B C 4  N3 ? ? A G 22 B C 27 1_555 ? ? ? ? ? ? WATSON-CRICK  ? ? ? 
hydrog44 hydrog ? ? A G 22 N2 ? ? ? 1_555 B C 4  O2 ? ? A G 22 B C 27 1_555 ? ? ? ? ? ? WATSON-CRICK  ? ? ? 
hydrog45 hydrog ? ? A G 22 O6 ? ? ? 1_555 B C 4  N4 ? ? A G 22 B C 27 1_555 ? ? ? ? ? ? WATSON-CRICK  ? ? ? 
hydrog46 hydrog ? ? A C 23 N3 ? ? ? 1_555 B G 3  N1 ? ? A C 23 B G 26 1_555 ? ? ? ? ? ? WATSON-CRICK  ? ? ? 
hydrog47 hydrog ? ? A C 23 N4 ? ? ? 1_555 B G 3  O6 ? ? A C 23 B G 26 1_555 ? ? ? ? ? ? WATSON-CRICK  ? ? ? 
hydrog48 hydrog ? ? A C 23 O2 ? ? ? 1_555 B G 3  N2 ? ? A C 23 B G 26 1_555 ? ? ? ? ? ? WATSON-CRICK  ? ? ? 
# 
_struct_conn_type.id          hydrog 
_struct_conn_type.criteria    ? 
_struct_conn_type.reference   ? 
# 
loop_
_struct_site.id 
_struct_site.pdbx_evidence_code 
_struct_site.pdbx_auth_asym_id 
_struct_site.pdbx_auth_comp_id 
_struct_site.pdbx_auth_seq_id 
_struct_site.pdbx_auth_ins_code 
_struct_site.pdbx_num_residues 
_struct_site.details 
AC1 Software A TOY 47 ? 10 'BINDING SITE FOR RESIDUE TOY A 47' 
AC2 Software B TOY 48 ? 12 'BINDING SITE FOR RESIDUE TOY B 48' 
1   ?        ? ?   ?  ? ?  ?                                   
# 
loop_
_struct_site_gen.id 
_struct_site_gen.site_id 
_struct_site_gen.pdbx_num_res 
_struct_site_gen.label_comp_id 
_struct_site_gen.label_asym_id 
_struct_site_gen.label_seq_id 
_struct_site_gen.pdbx_auth_ins_code 
_struct_site_gen.auth_comp_id 
_struct_site_gen.auth_asym_id 
_struct_site_gen.auth_seq_id 
_struct_site_gen.label_atom_id 
_struct_site_gen.label_alt_id 
_struct_site_gen.symmetry 
_struct_site_gen.details 
1  AC1 10 G   A 16 ? G   A 16  . ? 1_555 ? 
2  AC1 10 A   A 18 ? A   A 18  . ? 1_555 ? 
3  AC1 10 G   A 19 ? G   A 19  . ? 1_555 ? 
4  AC1 10 U   A 20 ? U   A 20  . ? 1_555 ? 
5  AC1 10 HOH E .  ? HOH A 115 . ? 1_555 ? 
6  AC1 10 HOH E .  ? HOH A 154 . ? 1_555 ? 
7  AC1 10 C   B 4  ? C   B 27  . ? 1_555 ? 
8  AC1 10 G   B 5  ? G   B 28  . ? 1_555 ? 
9  AC1 10 C   B 7  ? C   B 30  . ? 1_555 ? 
10 AC1 10 A   B 8  ? A   B 31  . ? 1_555 ? 
11 AC2 12 C   A 4  ? C   A 4   . ? 1_555 ? 
12 AC2 12 G   A 5  ? G   A 5   . ? 1_555 ? 
13 AC2 12 C   A 7  ? C   A 7   . ? 1_555 ? 
14 AC2 12 A   A 8  ? A   A 8   . ? 1_555 ? 
15 AC2 12 G   B 16 ? G   B 39  . ? 1_555 ? 
16 AC2 12 A   B 18 ? A   B 41  . ? 1_555 ? 
17 AC2 12 G   B 19 ? G   B 42  . ? 1_555 ? 
18 AC2 12 U   B 20 ? U   B 43  . ? 1_555 ? 
19 AC2 12 HOH F .  ? HOH B 110 . ? 1_555 ? 
20 AC2 12 HOH F .  ? HOH B 122 . ? 1_555 ? 
21 AC2 12 HOH F .  ? HOH B 127 . ? 1_555 ? 
22 AC2 12 HOH F .  ? HOH B 169 . ? 1_555 ? 
# 
_atom_sites.entry_id                    1LC4 
_atom_sites.fract_transf_matrix[1][1]   -0.00372111 
_atom_sites.fract_transf_matrix[1][2]   0.01507446 
_atom_sites.fract_transf_matrix[1][3]   0.01615421 
_atom_sites.fract_transf_matrix[2][1]   -0.01679229 
_atom_sites.fract_transf_matrix[2][2]   0.01655862 
_atom_sites.fract_transf_matrix[2][3]   -0.01932224 
_atom_sites.fract_transf_matrix[3][1]   -0.01676130 
_atom_sites.fract_transf_matrix[3][2]   -0.00548241 
_atom_sites.fract_transf_matrix[3][3]   0.00986944 
_atom_sites.fract_transf_vector[1]      0.103006 
_atom_sites.fract_transf_vector[2]      -0.000439 
_atom_sites.fract_transf_vector[3]      0.256648 
# 
loop_
_atom_type.symbol 
C 
N 
O 
P 
# 
loop_
_atom_site.group_PDB 
_atom_site.id 
_atom_site.type_symbol 
_atom_site.label_atom_id 
_atom_site.label_alt_id 
_atom_site.label_comp_id 
_atom_site.label_asym_id 
_atom_site.label_entity_id 
_atom_site.label_seq_id 
_atom_site.pdbx_PDB_ins_code 
_atom_site.Cartn_x 
_atom_site.Cartn_y 
_atom_site.Cartn_z 
_atom_site.occupancy 
_atom_site.B_iso_or_equiv 
_atom_site.pdbx_formal_charge 
_atom_site.auth_seq_id 
_atom_site.auth_comp_id 
_atom_site.auth_asym_id 
_atom_site.auth_atom_id 
_atom_site.pdbx_PDB_model_num 
ATOM   1    P P     . G   A 1 3  ? -12.205 -17.009 -16.166 1.00 109.08 ? 3   G   A P     1 
ATOM   2    O OP1   . G   A 1 3  ? -12.996 -18.299 -16.330 1.00 107.86 ? 3   G   A OP1   1 
ATOM   3    O OP2   . G   A 1 3  ? -13.070 -15.765 -16.314 1.00 107.96 ? 3   G   A OP2   1 
ATOM   4    O "O5'" . G   A 1 3  ? -11.159 -16.976 -17.414 1.00 99.48  ? 3   G   A "O5'" 1 
ATOM   5    C "C5'" . G   A 1 3  ? -10.311 -18.102 -17.692 1.00 85.44  ? 3   G   A "C5'" 1 
ATOM   6    C "C4'" . G   A 1 3  ? -9.251  -17.719 -18.697 1.00 77.33  ? 3   G   A "C4'" 1 
ATOM   7    O "O4'" . G   A 1 3  ? -9.911  -17.234 -19.894 1.00 71.11  ? 3   G   A "O4'" 1 
ATOM   8    C "C3'" . G   A 1 3  ? -8.396  -16.544 -18.259 1.00 70.68  ? 3   G   A "C3'" 1 
ATOM   9    O "O3'" . G   A 1 3  ? -7.307  -17.018 -17.476 1.00 72.63  ? 3   G   A "O3'" 1 
ATOM   10   C "C2'" . G   A 1 3  ? -7.901  -16.002 -19.593 1.00 66.89  ? 3   G   A "C2'" 1 
ATOM   11   O "O2'" . G   A 1 3  ? -6.853  -16.790 -20.117 1.00 62.12  ? 3   G   A "O2'" 1 
ATOM   12   C "C1'" . G   A 1 3  ? -9.134  -16.203 -20.475 1.00 66.64  ? 3   G   A "C1'" 1 
ATOM   13   N N9    . G   A 1 3  ? -9.955  -15.002 -20.570 1.00 62.80  ? 3   G   A N9    1 
ATOM   14   C C8    . G   A 1 3  ? -11.167 -14.758 -19.969 1.00 62.00  ? 3   G   A C8    1 
ATOM   15   N N7    . G   A 1 3  ? -11.655 -13.582 -20.258 1.00 60.99  ? 3   G   A N7    1 
ATOM   16   C C5    . G   A 1 3  ? -10.706 -13.017 -21.101 1.00 54.88  ? 3   G   A C5    1 
ATOM   17   C C6    . G   A 1 3  ? -10.682 -11.750 -21.745 1.00 50.22  ? 3   G   A C6    1 
ATOM   18   O O6    . G   A 1 3  ? -11.524 -10.844 -21.701 1.00 53.05  ? 3   G   A O6    1 
ATOM   19   N N1    . G   A 1 3  ? -9.528  -11.589 -22.509 1.00 50.48  ? 3   G   A N1    1 
ATOM   20   C C2    . G   A 1 3  ? -8.528  -12.529 -22.638 1.00 54.51  ? 3   G   A C2    1 
ATOM   21   N N2    . G   A 1 3  ? -7.497  -12.207 -23.431 1.00 50.07  ? 3   G   A N2    1 
ATOM   22   N N3    . G   A 1 3  ? -8.540  -13.706 -22.037 1.00 50.08  ? 3   G   A N3    1 
ATOM   23   C C4    . G   A 1 3  ? -9.650  -13.881 -21.295 1.00 54.21  ? 3   G   A C4    1 
ATOM   24   P P     . C   A 1 4  ? -6.466  -15.988 -16.573 1.00 67.78  ? 4   C   A P     1 
ATOM   25   O OP1   . C   A 1 4  ? -5.426  -16.771 -15.859 1.00 71.87  ? 4   C   A OP1   1 
ATOM   26   O OP2   . C   A 1 4  ? -7.412  -15.140 -15.799 1.00 68.28  ? 4   C   A OP2   1 
ATOM   27   O "O5'" . C   A 1 4  ? -5.737  -15.069 -17.642 1.00 62.83  ? 4   C   A "O5'" 1 
ATOM   28   C "C5'" . C   A 1 4  ? -4.769  -15.614 -18.521 1.00 59.39  ? 4   C   A "C5'" 1 
ATOM   29   C "C4'" . C   A 1 4  ? -4.201  -14.526 -19.391 1.00 62.72  ? 4   C   A "C4'" 1 
ATOM   30   O "O4'" . C   A 1 4  ? -5.241  -14.056 -20.293 1.00 66.79  ? 4   C   A "O4'" 1 
ATOM   31   C "C3'" . C   A 1 4  ? -3.850  -13.271 -18.623 1.00 61.16  ? 4   C   A "C3'" 1 
ATOM   32   O "O3'" . C   A 1 4  ? -2.564  -13.397 -18.033 1.00 60.19  ? 4   C   A "O3'" 1 
ATOM   33   C "C2'" . C   A 1 4  ? -3.821  -12.246 -19.740 1.00 60.08  ? 4   C   A "C2'" 1 
ATOM   34   O "O2'" . C   A 1 4  ? -2.686  -12.425 -20.561 1.00 55.20  ? 4   C   A "O2'" 1 
ATOM   35   C "C1'" . C   A 1 4  ? -5.058  -12.664 -20.533 1.00 60.94  ? 4   C   A "C1'" 1 
ATOM   36   N N1    . C   A 1 4  ? -6.249  -11.951 -20.055 1.00 58.62  ? 4   C   A N1    1 
ATOM   37   C C2    . C   A 1 4  ? -6.504  -10.667 -20.546 1.00 55.69  ? 4   C   A C2    1 
ATOM   38   O O2    . C   A 1 4  ? -5.713  -10.168 -21.359 1.00 63.33  ? 4   C   A O2    1 
ATOM   39   N N3    . C   A 1 4  ? -7.598  -10.003 -20.118 1.00 51.04  ? 4   C   A N3    1 
ATOM   40   C C4    . C   A 1 4  ? -8.413  -10.567 -19.225 1.00 53.59  ? 4   C   A C4    1 
ATOM   41   N N4    . C   A 1 4  ? -9.479  -9.869  -18.821 1.00 51.47  ? 4   C   A N4    1 
ATOM   42   C C5    . C   A 1 4  ? -8.172  -11.871 -18.703 1.00 55.67  ? 4   C   A C5    1 
ATOM   43   C C6    . C   A 1 4  ? -7.089  -12.522 -19.144 1.00 55.03  ? 4   C   A C6    1 
ATOM   44   P P     . G   A 1 5  ? -2.207  -12.509 -16.745 1.00 61.12  ? 5   G   A P     1 
ATOM   45   O OP1   . G   A 1 5  ? -0.849  -12.900 -16.290 1.00 68.31  ? 5   G   A OP1   1 
ATOM   46   O OP2   . G   A 1 5  ? -3.345  -12.569 -15.790 1.00 62.95  ? 5   G   A OP2   1 
ATOM   47   O "O5'" . G   A 1 5  ? -2.126  -11.038 -17.345 1.00 60.98  ? 5   G   A "O5'" 1 
ATOM   48   C "C5'" . G   A 1 5  ? -1.270  -10.762 -18.450 1.00 58.74  ? 5   G   A "C5'" 1 
ATOM   49   C "C4'" . G   A 1 5  ? -1.346  -9.300  -18.830 1.00 57.32  ? 5   G   A "C4'" 1 
ATOM   50   O "O4'" . G   A 1 5  ? -2.617  -9.027  -19.476 1.00 60.80  ? 5   G   A "O4'" 1 
ATOM   51   C "C3'" . G   A 1 5  ? -1.376  -8.382  -17.631 1.00 55.68  ? 5   G   A "C3'" 1 
ATOM   52   O "O3'" . G   A 1 5  ? -0.047  -8.175  -17.183 1.00 58.92  ? 5   G   A "O3'" 1 
ATOM   53   C "C2'" . G   A 1 5  ? -1.958  -7.112  -18.234 1.00 50.57  ? 5   G   A "C2'" 1 
ATOM   54   O "O2'" . G   A 1 5  ? -0.987  -6.426  -18.997 1.00 47.71  ? 5   G   A "O2'" 1 
ATOM   55   C "C1'" . G   A 1 5  ? -3.001  -7.688  -19.196 1.00 51.73  ? 5   G   A "C1'" 1 
ATOM   56   N N9    . G   A 1 5  ? -4.352  -7.699  -18.648 1.00 49.77  ? 5   G   A N9    1 
ATOM   57   C C8    . G   A 1 5  ? -4.975  -8.735  -17.994 1.00 46.33  ? 5   G   A C8    1 
ATOM   58   N N7    . G   A 1 5  ? -6.191  -8.445  -17.622 1.00 42.47  ? 5   G   A N7    1 
ATOM   59   C C5    . G   A 1 5  ? -6.384  -7.141  -18.056 1.00 38.60  ? 5   G   A C5    1 
ATOM   60   C C6    . G   A 1 5  ? -7.511  -6.287  -17.930 1.00 41.67  ? 5   G   A C6    1 
ATOM   61   O O6    . G   A 1 5  ? -8.593  -6.521  -17.396 1.00 38.39  ? 5   G   A O6    1 
ATOM   62   N N1    . G   A 1 5  ? -7.280  -5.041  -18.506 1.00 42.70  ? 5   G   A N1    1 
ATOM   63   C C2    . G   A 1 5  ? -6.113  -4.662  -19.114 1.00 38.88  ? 5   G   A C2    1 
ATOM   64   N N2    . G   A 1 5  ? -6.084  -3.420  -19.595 1.00 36.48  ? 5   G   A N2    1 
ATOM   65   N N3    . G   A 1 5  ? -5.052  -5.447  -19.237 1.00 39.05  ? 5   G   A N3    1 
ATOM   66   C C4    . G   A 1 5  ? -5.258  -6.664  -18.688 1.00 43.28  ? 5   G   A C4    1 
ATOM   67   P P     . U   A 1 6  ? 0.207   -7.477  -15.764 1.00 64.17  ? 6   U   A P     1 
ATOM   68   O OP1   . U   A 1 6  ? 1.665   -7.570  -15.486 1.00 69.75  ? 6   U   A OP1   1 
ATOM   69   O OP2   . U   A 1 6  ? -0.773  -7.992  -14.776 1.00 56.96  ? 6   U   A OP2   1 
ATOM   70   O "O5'" . U   A 1 6  ? -0.146  -5.958  -16.040 1.00 61.44  ? 6   U   A "O5'" 1 
ATOM   71   C "C5'" . U   A 1 6  ? -0.799  -5.174  -15.062 1.00 55.52  ? 6   U   A "C5'" 1 
ATOM   72   C "C4'" . U   A 1 6  ? -1.125  -3.833  -15.648 1.00 56.46  ? 6   U   A "C4'" 1 
ATOM   73   O "O4'" . U   A 1 6  ? -2.173  -4.018  -16.640 1.00 53.77  ? 6   U   A "O4'" 1 
ATOM   74   C "C3'" . U   A 1 6  ? -1.771  -2.870  -14.682 1.00 57.65  ? 6   U   A "C3'" 1 
ATOM   75   O "O3'" . U   A 1 6  ? -0.769  -2.257  -13.888 1.00 55.58  ? 6   U   A "O3'" 1 
ATOM   76   C "C2'" . U   A 1 6  ? -2.378  -1.876  -15.658 1.00 58.27  ? 6   U   A "C2'" 1 
ATOM   77   O "O2'" . U   A 1 6  ? -1.377  -1.078  -16.262 1.00 60.21  ? 6   U   A "O2'" 1 
ATOM   78   C "C1'" . U   A 1 6  ? -2.953  -2.833  -16.710 1.00 53.91  ? 6   U   A "C1'" 1 
ATOM   79   N N1    . U   A 1 6  ? -4.335  -3.133  -16.317 1.00 52.01  ? 6   U   A N1    1 
ATOM   80   C C2    . U   A 1 6  ? -5.257  -2.138  -16.558 1.00 44.69  ? 6   U   A C2    1 
ATOM   81   O O2    . U   A 1 6  ? -4.977  -1.109  -17.148 1.00 51.64  ? 6   U   A O2    1 
ATOM   82   N N3    . U   A 1 6  ? -6.524  -2.396  -16.096 1.00 35.03  ? 6   U   A N3    1 
ATOM   83   C C4    . U   A 1 6  ? -6.954  -3.523  -15.439 1.00 35.21  ? 6   U   A C4    1 
ATOM   84   O O4    . U   A 1 6  ? -8.118  -3.585  -15.048 1.00 36.99  ? 6   U   A O4    1 
ATOM   85   C C5    . U   A 1 6  ? -5.942  -4.521  -15.237 1.00 39.37  ? 6   U   A C5    1 
ATOM   86   C C6    . U   A 1 6  ? -4.697  -4.297  -15.673 1.00 42.95  ? 6   U   A C6    1 
ATOM   87   P P     . C   A 1 7  ? -1.061  -1.954  -12.342 1.00 55.83  ? 7   C   A P     1 
ATOM   88   O OP1   . C   A 1 7  ? 0.157   -1.282  -11.826 1.00 66.06  ? 7   C   A OP1   1 
ATOM   89   O OP2   . C   A 1 7  ? -1.559  -3.188  -11.682 1.00 60.99  ? 7   C   A OP2   1 
ATOM   90   O "O5'" . C   A 1 7  ? -2.263  -0.904  -12.361 1.00 59.35  ? 7   C   A "O5'" 1 
ATOM   91   C "C5'" . C   A 1 7  ? -2.149  0.338   -13.050 1.00 46.39  ? 7   C   A "C5'" 1 
ATOM   92   C "C4'" . C   A 1 7  ? -3.487  1.044   -13.072 1.00 51.65  ? 7   C   A "C4'" 1 
ATOM   93   O "O4'" . C   A 1 7  ? -4.442  0.227   -13.815 1.00 54.35  ? 7   C   A "O4'" 1 
ATOM   94   C "C3'" . C   A 1 7  ? -4.133  1.141   -11.706 1.00 53.52  ? 7   C   A "C3'" 1 
ATOM   95   O "O3'" . C   A 1 7  ? -3.633  2.270   -10.993 1.00 56.95  ? 7   C   A "O3'" 1 
ATOM   96   C "C2'" . C   A 1 7  ? -5.593  1.348   -12.074 1.00 48.62  ? 7   C   A "C2'" 1 
ATOM   97   O "O2'" . C   A 1 7  ? -5.827  2.662   -12.530 1.00 50.73  ? 7   C   A "O2'" 1 
ATOM   98   C "C1'" . C   A 1 7  ? -5.741  0.389   -13.258 1.00 41.97  ? 7   C   A "C1'" 1 
ATOM   99   N N1    . C   A 1 7  ? -6.243  -0.922  -12.795 1.00 38.52  ? 7   C   A N1    1 
ATOM   100  C C2    . C   A 1 7  ? -7.582  -1.009  -12.384 1.00 34.72  ? 7   C   A C2    1 
ATOM   101  O O2    . C   A 1 7  ? -8.301  -0.012  -12.480 1.00 37.00  ? 7   C   A O2    1 
ATOM   102  N N3    . C   A 1 7  ? -8.052  -2.171  -11.881 1.00 38.12  ? 7   C   A N3    1 
ATOM   103  C C4    . C   A 1 7  ? -7.238  -3.225  -11.766 1.00 39.53  ? 7   C   A C4    1 
ATOM   104  N N4    . C   A 1 7  ? -7.731  -4.322  -11.199 1.00 25.98  ? 7   C   A N4    1 
ATOM   105  C C5    . C   A 1 7  ? -5.879  -3.187  -12.215 1.00 26.65  ? 7   C   A C5    1 
ATOM   106  C C6    . C   A 1 7  ? -5.428  -2.022  -12.725 1.00 38.68  ? 7   C   A C6    1 
ATOM   107  P P     . A   A 1 8  ? -3.746  2.306   -9.384  1.00 60.73  ? 8   A   A P     1 
ATOM   108  O OP1   . A   A 1 8  ? -3.085  3.547   -8.903  1.00 67.27  ? 8   A   A OP1   1 
ATOM   109  O OP2   . A   A 1 8  ? -3.315  0.991   -8.839  1.00 50.47  ? 8   A   A OP2   1 
ATOM   110  O "O5'" . A   A 1 8  ? -5.307  2.466   -9.120  1.00 51.47  ? 8   A   A "O5'" 1 
ATOM   111  C "C5'" . A   A 1 8  ? -5.994  3.627   -9.558  1.00 47.68  ? 8   A   A "C5'" 1 
ATOM   112  C "C4'" . A   A 1 8  ? -7.455  3.542   -9.187  1.00 52.96  ? 8   A   A "C4'" 1 
ATOM   113  O "O4'" . A   A 1 8  ? -8.019  2.371   -9.838  1.00 54.24  ? 8   A   A "O4'" 1 
ATOM   114  C "C3'" . A   A 1 8  ? -7.706  3.257   -7.722  1.00 52.45  ? 8   A   A "C3'" 1 
ATOM   115  O "O3'" . A   A 1 8  ? -7.675  4.468   -6.981  1.00 55.16  ? 8   A   A "O3'" 1 
ATOM   116  C "C2'" . A   A 1 8  ? -9.115  2.693   -7.765  1.00 56.53  ? 8   A   A "C2'" 1 
ATOM   117  O "O2'" . A   A 1 8  ? -10.067 3.708   -8.009  1.00 55.06  ? 8   A   A "O2'" 1 
ATOM   118  C "C1'" . A   A 1 8  ? -9.033  1.812   -9.011  1.00 48.17  ? 8   A   A "C1'" 1 
ATOM   119  N N9    . A   A 1 8  ? -8.657  0.432   -8.701  1.00 43.70  ? 8   A   A N9    1 
ATOM   120  C C8    . A   A 1 8  ? -7.423  -0.165  -8.847  1.00 36.28  ? 8   A   A C8    1 
ATOM   121  N N7    . A   A 1 8  ? -7.402  -1.424  -8.485  1.00 31.30  ? 8   A   A N7    1 
ATOM   122  C C5    . A   A 1 8  ? -8.705  -1.673  -8.070  1.00 26.10  ? 8   A   A C5    1 
ATOM   123  C C6    . A   A 1 8  ? -9.332  -2.825  -7.582  1.00 29.51  ? 8   A   A C6    1 
ATOM   124  N N6    . A   A 1 8  ? -8.709  -3.989  -7.436  1.00 27.29  ? 8   A   A N6    1 
ATOM   125  N N1    . A   A 1 8  ? -10.641 -2.742  -7.257  1.00 31.38  ? 8   A   A N1    1 
ATOM   126  C C2    . A   A 1 8  ? -11.269 -1.574  -7.436  1.00 33.85  ? 8   A   A C2    1 
ATOM   127  N N3    . A   A 1 8  ? -10.789 -0.425  -7.900  1.00 27.59  ? 8   A   A N3    1 
ATOM   128  C C4    . A   A 1 8  ? -9.486  -0.541  -8.197  1.00 30.13  ? 8   A   A C4    1 
ATOM   129  P P     . C   A 1 9  ? -6.994  4.488   -5.523  1.00 53.11  ? 9   C   A P     1 
ATOM   130  O OP1   . C   A 1 9  ? -6.959  5.887   -5.041  1.00 63.81  ? 9   C   A OP1   1 
ATOM   131  O OP2   . C   A 1 9  ? -5.727  3.711   -5.592  1.00 48.43  ? 9   C   A OP2   1 
ATOM   132  O "O5'" . C   A 1 9  ? -8.066  3.728   -4.634  1.00 44.39  ? 9   C   A "O5'" 1 
ATOM   133  C "C5'" . C   A 1 9  ? -9.388  4.217   -4.536  1.00 36.57  ? 9   C   A "C5'" 1 
ATOM   134  C "C4'" . C   A 1 9  ? -10.284 3.169   -3.925  1.00 52.09  ? 9   C   A "C4'" 1 
ATOM   135  O "O4'" . C   A 1 9  ? -10.367 2.047   -4.842  1.00 55.59  ? 9   C   A "O4'" 1 
ATOM   136  C "C3'" . C   A 1 9  ? -9.716  2.527   -2.673  1.00 49.70  ? 9   C   A "C3'" 1 
ATOM   137  O "O3'" . C   A 1 9  ? -10.011 3.322   -1.533  1.00 53.82  ? 9   C   A "O3'" 1 
ATOM   138  C "C2'" . C   A 1 9  ? -10.500 1.229   -2.621  1.00 49.57  ? 9   C   A "C2'" 1 
ATOM   139  O "O2'" . C   A 1 9  ? -11.834 1.461   -2.204  1.00 54.17  ? 9   C   A "O2'" 1 
ATOM   140  C "C1'" . C   A 1 9  ? -10.507 0.842   -4.101  1.00 47.74  ? 9   C   A "C1'" 1 
ATOM   141  N N1    . C   A 1 9  ? -9.382  -0.038  -4.440  1.00 36.92  ? 9   C   A N1    1 
ATOM   142  C C2    . C   A 1 9  ? -9.511  -1.404  -4.198  1.00 37.10  ? 9   C   A C2    1 
ATOM   143  O O2    . C   A 1 9  ? -10.573 -1.827  -3.699  1.00 32.67  ? 9   C   A O2    1 
ATOM   144  N N3    . C   A 1 9  ? -8.480  -2.227  -4.501  1.00 35.17  ? 9   C   A N3    1 
ATOM   145  C C4    . C   A 1 9  ? -7.353  -1.725  -5.011  1.00 33.61  ? 9   C   A C4    1 
ATOM   146  N N4    . C   A 1 9  ? -6.357  -2.570  -5.279  1.00 30.87  ? 9   C   A N4    1 
ATOM   147  C C5    . C   A 1 9  ? -7.198  -0.336  -5.266  1.00 30.95  ? 9   C   A C5    1 
ATOM   148  C C6    . C   A 1 9  ? -8.231  0.465   -4.974  1.00 37.23  ? 9   C   A C6    1 
ATOM   149  P P     . A   A 1 10 ? -8.897  3.488   -0.390  1.00 65.66  ? 10  A   A P     1 
ATOM   150  O OP1   . A   A 1 10 ? -9.258  4.681   0.415   1.00 63.08  ? 10  A   A OP1   1 
ATOM   151  O OP2   . A   A 1 10 ? -7.551  3.407   -1.022  1.00 51.08  ? 10  A   A OP2   1 
ATOM   152  O "O5'" . A   A 1 10 ? -9.120  2.198   0.517   1.00 60.35  ? 10  A   A "O5'" 1 
ATOM   153  C "C5'" . A   A 1 10 ? -10.323 2.050   1.256   1.00 60.42  ? 10  A   A "C5'" 1 
ATOM   154  C "C4'" . A   A 1 10 ? -10.444 0.646   1.786   1.00 62.26  ? 10  A   A "C4'" 1 
ATOM   155  O "O4'" . A   A 1 10 ? -10.485 -0.252  0.647   1.00 62.63  ? 10  A   A "O4'" 1 
ATOM   156  C "C3'" . A   A 1 10 ? -9.227  0.151   2.547   1.00 63.21  ? 10  A   A "C3'" 1 
ATOM   157  O "O3'" . A   A 1 10 ? -9.273  0.583   3.909   1.00 57.03  ? 10  A   A "O3'" 1 
ATOM   158  C "C2'" . A   A 1 10 ? -9.437  -1.352  2.460   1.00 55.86  ? 10  A   A "C2'" 1 
ATOM   159  O "O2'" . A   A 1 10 ? -10.513 -1.775  3.274   1.00 52.89  ? 10  A   A "O2'" 1 
ATOM   160  C "C1'" . A   A 1 10 ? -9.877  -1.486  1.002   1.00 56.27  ? 10  A   A "C1'" 1 
ATOM   161  N N9    . A   A 1 10 ? -8.742  -1.727  0.111   1.00 52.17  ? 10  A   A N9    1 
ATOM   162  C C8    . A   A 1 10 ? -8.070  -0.847  -0.700  1.00 48.96  ? 10  A   A C8    1 
ATOM   163  N N7    . A   A 1 10 ? -7.078  -1.393  -1.365  1.00 49.94  ? 10  A   A N7    1 
ATOM   164  C C5    . A   A 1 10 ? -7.103  -2.724  -0.966  1.00 39.55  ? 10  A   A C5    1 
ATOM   165  C C6    . A   A 1 10 ? -6.313  -3.836  -1.313  1.00 32.84  ? 10  A   A C6    1 
ATOM   166  N N6    . A   A 1 10 ? -5.296  -3.789  -2.181  1.00 24.01  ? 10  A   A N6    1 
ATOM   167  N N1    . A   A 1 10 ? -6.608  -5.017  -0.730  1.00 29.54  ? 10  A   A N1    1 
ATOM   168  C C2    . A   A 1 10 ? -7.626  -5.073  0.140   1.00 29.57  ? 10  A   A C2    1 
ATOM   169  N N3    . A   A 1 10 ? -8.442  -4.105  0.542   1.00 32.54  ? 10  A   A N3    1 
ATOM   170  C C4    . A   A 1 10 ? -8.124  -2.941  -0.056  1.00 45.97  ? 10  A   A C4    1 
ATOM   171  P P     . C   A 1 11 ? -7.897  0.931   4.677   1.00 61.32  ? 11  C   A P     1 
ATOM   172  O OP1   . C   A 1 11 ? -8.301  1.433   6.019   1.00 60.25  ? 11  C   A OP1   1 
ATOM   173  O OP2   . C   A 1 11 ? -7.038  1.777   3.806   1.00 52.76  ? 11  C   A OP2   1 
ATOM   174  O "O5'" . C   A 1 11 ? -7.168  -0.484  4.835   1.00 58.94  ? 11  C   A "O5'" 1 
ATOM   175  C "C5'" . C   A 1 11 ? -7.815  -1.548  5.521   1.00 50.31  ? 11  C   A "C5'" 1 
ATOM   176  C "C4'" . C   A 1 11 ? -7.151  -2.894  5.238   1.00 52.05  ? 11  C   A "C4'" 1 
ATOM   177  O "O4'" . C   A 1 11 ? -7.163  -3.131  3.808   1.00 42.02  ? 11  C   A "O4'" 1 
ATOM   178  C "C3'" . C   A 1 11 ? -5.665  -2.978  5.541   1.00 46.05  ? 11  C   A "C3'" 1 
ATOM   179  O "O3'" . C   A 1 11 ? -5.455  -3.173  6.942   1.00 44.52  ? 11  C   A "O3'" 1 
ATOM   180  C "C2'" . C   A 1 11 ? -5.304  -4.248  4.775   1.00 42.20  ? 11  C   A "C2'" 1 
ATOM   181  O "O2'" . C   A 1 11 ? -5.765  -5.411  5.438   1.00 33.21  ? 11  C   A "O2'" 1 
ATOM   182  C "C1'" . C   A 1 11 ? -6.145  -4.078  3.504   1.00 41.85  ? 11  C   A "C1'" 1 
ATOM   183  N N1    . C   A 1 11 ? -5.312  -3.581  2.402   1.00 34.78  ? 11  C   A N1    1 
ATOM   184  C C2    . C   A 1 11 ? -4.491  -4.494  1.753   1.00 33.64  ? 11  C   A C2    1 
ATOM   185  O O2    . C   A 1 11 ? -4.551  -5.689  2.089   1.00 40.93  ? 11  C   A O2    1 
ATOM   186  N N3    . C   A 1 11 ? -3.661  -4.065  0.779   1.00 28.82  ? 11  C   A N3    1 
ATOM   187  C C4    . C   A 1 11 ? -3.654  -2.775  0.430   1.00 31.60  ? 11  C   A C4    1 
ATOM   188  N N4    . C   A 1 11 ? -2.812  -2.395  -0.544  1.00 21.38  ? 11  C   A N4    1 
ATOM   189  C C5    . C   A 1 11 ? -4.505  -1.821  1.058   1.00 25.47  ? 11  C   A C5    1 
ATOM   190  C C6    . C   A 1 11 ? -5.314  -2.263  2.032   1.00 38.32  ? 11  C   A C6    1 
ATOM   191  P P     . C   A 1 12 ? -3.970  -3.037  7.570   1.00 46.03  ? 12  C   A P     1 
ATOM   192  O OP1   . C   A 1 12 ? -4.180  -3.142  9.036   1.00 45.51  ? 12  C   A OP1   1 
ATOM   193  O OP2   . C   A 1 12 ? -3.233  -1.878  7.014   1.00 41.73  ? 12  C   A OP2   1 
ATOM   194  O "O5'" . C   A 1 12 ? -3.197  -4.343  7.079   1.00 48.22  ? 12  C   A "O5'" 1 
ATOM   195  C "C5'" . C   A 1 12 ? -3.517  -5.620  7.619   1.00 36.66  ? 12  C   A "C5'" 1 
ATOM   196  C "C4'" . C   A 1 12 ? -2.558  -6.664  7.102   1.00 42.54  ? 12  C   A "C4'" 1 
ATOM   197  O "O4'" . C   A 1 12 ? -2.688  -6.724  5.657   1.00 41.21  ? 12  C   A "O4'" 1 
ATOM   198  C "C3'" . C   A 1 12 ? -1.095  -6.313  7.289   1.00 41.91  ? 12  C   A "C3'" 1 
ATOM   199  O "O3'" . C   A 1 12 ? -0.671  -6.672  8.603   1.00 49.09  ? 12  C   A "O3'" 1 
ATOM   200  C "C2'" . C   A 1 12 ? -0.454  -7.225  6.257   1.00 44.50  ? 12  C   A "C2'" 1 
ATOM   201  O "O2'" . C   A 1 12 ? -0.499  -8.582  6.679   1.00 30.01  ? 12  C   A "O2'" 1 
ATOM   202  C "C1'" . C   A 1 12 ? -1.428  -7.054  5.088   1.00 40.90  ? 12  C   A "C1'" 1 
ATOM   203  N N1    . C   A 1 12 ? -1.054  -5.988  4.143   1.00 34.13  ? 12  C   A N1    1 
ATOM   204  C C2    . C   A 1 12 ? -0.051  -6.238  3.204   1.00 39.41  ? 12  C   A C2    1 
ATOM   205  O O2    . C   A 1 12 ? 0.524   -7.337  3.217   1.00 41.10  ? 12  C   A O2    1 
ATOM   206  N N3    . C   A 1 12 ? 0.263   -5.281  2.301   1.00 41.89  ? 12  C   A N3    1 
ATOM   207  C C4    . C   A 1 12 ? -0.391  -4.118  2.309   1.00 40.61  ? 12  C   A C4    1 
ATOM   208  N N4    . C   A 1 12 ? -0.092  -3.225  1.362   1.00 34.03  ? 12  C   A N4    1 
ATOM   209  C C5    . C   A 1 12 ? -1.392  -3.825  3.275   1.00 30.41  ? 12  C   A C5    1 
ATOM   210  C C6    . C   A 1 12 ? -1.690  -4.779  4.166   1.00 40.02  ? 12  C   A C6    1 
ATOM   211  P P     . G   A 1 13 ? 0.567   -5.895  9.285   1.00 52.53  ? 13  G   A P     1 
ATOM   212  O OP1   . G   A 1 13 ? 0.704   -6.407  10.676  1.00 59.56  ? 13  G   A OP1   1 
ATOM   213  O OP2   . G   A 1 13 ? 0.405   -4.436  9.052   1.00 47.87  ? 13  G   A OP2   1 
ATOM   214  O "O5'" . G   A 1 13 ? 1.837   -6.376  8.456   1.00 39.96  ? 13  G   A "O5'" 1 
ATOM   215  C "C5'" . G   A 1 13 ? 2.275   -7.719  8.543   1.00 40.24  ? 13  G   A "C5'" 1 
ATOM   216  C "C4'" . G   A 1 13 ? 3.341   -8.001  7.514   1.00 44.12  ? 13  G   A "C4'" 1 
ATOM   217  O "O4'" . G   A 1 13 ? 2.771   -7.796  6.196   1.00 45.87  ? 13  G   A "O4'" 1 
ATOM   218  C "C3'" . G   A 1 13 ? 4.484   -7.007  7.501   1.00 50.53  ? 13  G   A "C3'" 1 
ATOM   219  O "O3'" . G   A 1 13 ? 5.447   -7.298  8.504   1.00 54.65  ? 13  G   A "O3'" 1 
ATOM   220  C "C2'" . G   A 1 13 ? 5.085   -7.282  6.135   1.00 48.93  ? 13  G   A "C2'" 1 
ATOM   221  O "O2'" . G   A 1 13 ? 5.784   -8.509  6.122   1.00 51.51  ? 13  G   A "O2'" 1 
ATOM   222  C "C1'" . G   A 1 13 ? 3.818   -7.438  5.297   1.00 49.08  ? 13  G   A "C1'" 1 
ATOM   223  N N9    . G   A 1 13 ? 3.485   -6.181  4.642   1.00 41.31  ? 13  G   A N9    1 
ATOM   224  C C8    . G   A 1 13 ? 2.520   -5.266  4.991   1.00 44.47  ? 13  G   A C8    1 
ATOM   225  N N7    . G   A 1 13 ? 2.479   -4.235  4.187   1.00 43.71  ? 13  G   A N7    1 
ATOM   226  C C5    . G   A 1 13 ? 3.478   -4.487  3.257   1.00 41.74  ? 13  G   A C5    1 
ATOM   227  C C6    . G   A 1 13 ? 3.914   -3.725  2.142   1.00 38.32  ? 13  G   A C6    1 
ATOM   228  O O6    . G   A 1 13 ? 3.492   -2.636  1.739   1.00 45.85  ? 13  G   A O6    1 
ATOM   229  N N1    . G   A 1 13 ? 4.962   -4.350  1.474   1.00 43.77  ? 13  G   A N1    1 
ATOM   230  C C2    . G   A 1 13 ? 5.534   -5.549  1.843   1.00 46.46  ? 13  G   A C2    1 
ATOM   231  N N2    . G   A 1 13 ? 6.567   -5.974  1.098   1.00 44.04  ? 13  G   A N2    1 
ATOM   232  N N3    . G   A 1 13 ? 5.130   -6.271  2.875   1.00 43.40  ? 13  G   A N3    1 
ATOM   233  C C4    . G   A 1 13 ? 4.108   -5.684  3.530   1.00 43.19  ? 13  G   A C4    1 
ATOM   234  P P     . G   A 1 14 ? 6.430   -6.132  9.010   1.00 56.53  ? 14  G   A P     1 
ATOM   235  O OP1   . G   A 1 14 ? 7.188   -6.691  10.158  1.00 62.21  ? 14  G   A OP1   1 
ATOM   236  O OP2   . G   A 1 14 ? 5.643   -4.885  9.191   1.00 63.82  ? 14  G   A OP2   1 
ATOM   237  O "O5'" . G   A 1 14 ? 7.413   -5.901  7.776   1.00 51.85  ? 14  G   A "O5'" 1 
ATOM   238  C "C5'" . G   A 1 14 ? 8.302   -6.930  7.362   1.00 62.83  ? 14  G   A "C5'" 1 
ATOM   239  C "C4'" . G   A 1 14 ? 8.988   -6.557  6.062   1.00 66.29  ? 14  G   A "C4'" 1 
ATOM   240  O "O4'" . G   A 1 14 ? 7.962   -6.307  5.066   1.00 63.98  ? 14  G   A "O4'" 1 
ATOM   241  C "C3'" . G   A 1 14 ? 9.740   -5.239  6.093   1.00 65.62  ? 14  G   A "C3'" 1 
ATOM   242  O "O3'" . G   A 1 14 ? 11.043  -5.428  6.640   1.00 70.37  ? 14  G   A "O3'" 1 
ATOM   243  C "C2'" . G   A 1 14 ? 9.838   -4.935  4.607   1.00 62.32  ? 14  G   A "C2'" 1 
ATOM   244  O "O2'" . G   A 1 14 ? 10.783  -5.781  3.981   1.00 58.32  ? 14  G   A "O2'" 1 
ATOM   245  C "C1'" . G   A 1 14 ? 8.440   -5.344  4.138   1.00 58.92  ? 14  G   A "C1'" 1 
ATOM   246  N N9    . G   A 1 14 ? 7.518   -4.211  4.109   1.00 50.71  ? 14  G   A N9    1 
ATOM   247  C C8    . G   A 1 14 ? 6.511   -3.914  4.998   1.00 46.55  ? 14  G   A C8    1 
ATOM   248  N N7    . G   A 1 14 ? 5.882   -2.807  4.708   1.00 37.31  ? 14  G   A N7    1 
ATOM   249  C C5    . G   A 1 14 ? 6.508   -2.349  3.552   1.00 39.63  ? 14  G   A C5    1 
ATOM   250  C C6    . G   A 1 14 ? 6.261   -1.189  2.757   1.00 36.03  ? 14  G   A C6    1 
ATOM   251  O O6    . G   A 1 14 ? 5.414   -0.296  2.926   1.00 33.81  ? 14  G   A O6    1 
ATOM   252  N N1    . G   A 1 14 ? 7.126   -1.125  1.672   1.00 28.69  ? 14  G   A N1    1 
ATOM   253  C C2    . G   A 1 14 ? 8.106   -2.047  1.387   1.00 35.65  ? 14  G   A C2    1 
ATOM   254  N N2    . G   A 1 14 ? 8.862   -1.811  0.297   1.00 33.29  ? 14  G   A N2    1 
ATOM   255  N N3    . G   A 1 14 ? 8.339   -3.123  2.111   1.00 35.22  ? 14  G   A N3    1 
ATOM   256  C C4    . G   A 1 14 ? 7.513   -3.209  3.170   1.00 39.27  ? 14  G   A C4    1 
ATOM   257  P P     . U   A 1 15 ? 11.722  -4.254  7.514   1.00 69.69  ? 15  U   A P     1 
ATOM   258  O OP1   . U   A 1 15 ? 12.882  -4.865  8.209   1.00 76.19  ? 15  U   A OP1   1 
ATOM   259  O OP2   . U   A 1 15 ? 10.680  -3.560  8.308   1.00 65.53  ? 15  U   A OP2   1 
ATOM   260  O "O5'" . U   A 1 15 ? 12.287  -3.253  6.413   1.00 64.86  ? 15  U   A "O5'" 1 
ATOM   261  C "C5'" . U   A 1 15 ? 13.220  -3.719  5.445   1.00 65.09  ? 15  U   A "C5'" 1 
ATOM   262  C "C4'" . U   A 1 15 ? 13.194  -2.846  4.209   1.00 63.78  ? 15  U   A "C4'" 1 
ATOM   263  O "O4'" . U   A 1 15 ? 11.826  -2.785  3.725   1.00 68.96  ? 15  U   A "O4'" 1 
ATOM   264  C "C3'" . U   A 1 15 ? 13.509  -1.385  4.460   1.00 63.52  ? 15  U   A "C3'" 1 
ATOM   265  O "O3'" . U   A 1 15 ? 14.919  -1.177  4.488   1.00 63.18  ? 15  U   A "O3'" 1 
ATOM   266  C "C2'" . U   A 1 15 ? 12.913  -0.742  3.218   1.00 65.71  ? 15  U   A "C2'" 1 
ATOM   267  O "O2'" . U   A 1 15 ? 13.706  -0.981  2.070   1.00 61.65  ? 15  U   A "O2'" 1 
ATOM   268  C "C1'" . U   A 1 15 ? 11.620  -1.544  3.064   1.00 66.73  ? 15  U   A "C1'" 1 
ATOM   269  N N1    . U   A 1 15 ? 10.464  -0.863  3.666   1.00 61.82  ? 15  U   A N1    1 
ATOM   270  C C2    . U   A 1 15 ? 9.940   0.228   2.985   1.00 64.69  ? 15  U   A C2    1 
ATOM   271  O O2    . U   A 1 15 ? 10.397  0.630   1.922   1.00 67.20  ? 15  U   A O2    1 
ATOM   272  N N3    . U   A 1 15 ? 8.867   0.830   3.595   1.00 60.49  ? 15  U   A N3    1 
ATOM   273  C C4    . U   A 1 15 ? 8.276   0.464   4.785   1.00 65.77  ? 15  U   A C4    1 
ATOM   274  O O4    . U   A 1 15 ? 7.313   1.108   5.205   1.00 70.58  ? 15  U   A O4    1 
ATOM   275  C C5    . U   A 1 15 ? 8.875   -0.673  5.426   1.00 64.70  ? 15  U   A C5    1 
ATOM   276  C C6    . U   A 1 15 ? 9.923   -1.281  4.856   1.00 62.09  ? 15  U   A C6    1 
ATOM   277  P P     . G   A 1 16 ? 15.519  0.053   5.338   1.00 70.96  ? 16  G   A P     1 
ATOM   278  O OP1   . G   A 1 16 ? 16.996  -0.099  5.358   1.00 73.92  ? 16  G   A OP1   1 
ATOM   279  O OP2   . G   A 1 16 ? 14.771  0.127   6.623   1.00 63.62  ? 16  G   A OP2   1 
ATOM   280  O "O5'" . G   A 1 16 ? 15.158  1.341   4.461   1.00 67.76  ? 16  G   A "O5'" 1 
ATOM   281  C "C5'" . G   A 1 16 ? 15.712  1.514   3.154   1.00 63.69  ? 16  G   A "C5'" 1 
ATOM   282  C "C4'" . G   A 1 16 ? 15.183  2.781   2.500   1.00 70.50  ? 16  G   A "C4'" 1 
ATOM   283  O "O4'" . G   A 1 16 ? 13.771  2.612   2.207   1.00 72.66  ? 16  G   A "O4'" 1 
ATOM   284  C "C3'" . G   A 1 16 ? 15.197  3.997   3.407   1.00 73.37  ? 16  G   A "C3'" 1 
ATOM   285  O "O3'" . G   A 1 16 ? 16.482  4.611   3.384   1.00 73.66  ? 16  G   A "O3'" 1 
ATOM   286  C "C2'" . G   A 1 16 ? 14.176  4.897   2.724   1.00 72.81  ? 16  G   A "C2'" 1 
ATOM   287  O "O2'" . G   A 1 16 ? 14.725  5.506   1.569   1.00 76.40  ? 16  G   A "O2'" 1 
ATOM   288  C "C1'" . G   A 1 16 ? 13.120  3.876   2.286   1.00 69.44  ? 16  G   A "C1'" 1 
ATOM   289  N N9    . G   A 1 16 ? 12.031  3.783   3.254   1.00 64.61  ? 16  G   A N9    1 
ATOM   290  C C8    . G   A 1 16 ? 11.959  2.945   4.341   1.00 65.18  ? 16  G   A C8    1 
ATOM   291  N N7    . G   A 1 16 ? 10.878  3.118   5.050   1.00 65.33  ? 16  G   A N7    1 
ATOM   292  C C5    . G   A 1 16 ? 10.188  4.126   4.390   1.00 62.65  ? 16  G   A C5    1 
ATOM   293  C C6    . G   A 1 16 ? 8.952   4.747   4.699   1.00 58.01  ? 16  G   A C6    1 
ATOM   294  O O6    . G   A 1 16 ? 8.202   4.532   5.650   1.00 60.44  ? 16  G   A O6    1 
ATOM   295  N N1    . G   A 1 16 ? 8.618   5.718   3.763   1.00 58.87  ? 16  G   A N1    1 
ATOM   296  C C2    . G   A 1 16 ? 9.378   6.058   2.671   1.00 59.34  ? 16  G   A C2    1 
ATOM   297  N N2    . G   A 1 16 ? 8.882   7.023   1.885   1.00 61.29  ? 16  G   A N2    1 
ATOM   298  N N3    . G   A 1 16 ? 10.538  5.493   2.373   1.00 61.06  ? 16  G   A N3    1 
ATOM   299  C C4    . G   A 1 16 ? 10.881  4.540   3.271   1.00 67.25  ? 16  G   A C4    1 
ATOM   300  P P     . A   A 1 17 ? 17.190  5.018   4.766   1.00 79.66  ? 17  A   A P     1 
ATOM   301  O OP1   . A   A 1 17 ? 18.654  4.933   4.536   1.00 84.41  ? 17  A   A OP1   1 
ATOM   302  O OP2   . A   A 1 17 ? 16.576  4.237   5.871   1.00 76.48  ? 17  A   A OP2   1 
ATOM   303  O "O5'" . A   A 1 17 ? 16.798  6.550   4.973   1.00 88.88  ? 17  A   A "O5'" 1 
ATOM   304  C "C5'" . A   A 1 17 ? 17.373  7.555   4.148   1.00 90.20  ? 17  A   A "C5'" 1 
ATOM   305  C "C4'" . A   A 1 17 ? 17.913  8.691   4.987   1.00 92.66  ? 17  A   A "C4'" 1 
ATOM   306  O "O4'" . A   A 1 17 ? 18.938  9.340   4.195   1.00 93.82  ? 17  A   A "O4'" 1 
ATOM   307  C "C3'" . A   A 1 17 ? 16.900  9.781   5.313   1.00 95.85  ? 17  A   A "C3'" 1 
ATOM   308  O "O3'" . A   A 1 17 ? 16.297  9.541   6.590   1.00 98.40  ? 17  A   A "O3'" 1 
ATOM   309  C "C2'" . A   A 1 17 ? 17.783  11.018  5.386   1.00 94.94  ? 17  A   A "C2'" 1 
ATOM   310  O "O2'" . A   A 1 17 ? 18.504  11.063  6.602   1.00 93.37  ? 17  A   A "O2'" 1 
ATOM   311  C "C1'" . A   A 1 17 ? 18.773  10.741  4.253   1.00 94.63  ? 17  A   A "C1'" 1 
ATOM   312  N N9    . A   A 1 17 ? 18.326  11.177  2.930   1.00 93.90  ? 17  A   A N9    1 
ATOM   313  C C8    . A   A 1 17 ? 17.724  10.405  1.965   1.00 91.25  ? 17  A   A C8    1 
ATOM   314  N N7    . A   A 1 17 ? 17.454  11.054  0.860   1.00 94.31  ? 17  A   A N7    1 
ATOM   315  C C5    . A   A 1 17 ? 17.903  12.345  1.113   1.00 96.43  ? 17  A   A C5    1 
ATOM   316  C C6    . A   A 1 17 ? 17.910  13.518  0.332   1.00 97.65  ? 17  A   A C6    1 
ATOM   317  N N6    . A   A 1 17 ? 17.435  13.583  -0.916  1.00 99.28  ? 17  A   A N6    1 
ATOM   318  N N1    . A   A 1 17 ? 18.430  14.638  0.885   1.00 95.01  ? 17  A   A N1    1 
ATOM   319  C C2    . A   A 1 17 ? 18.910  14.572  2.134   1.00 92.13  ? 17  A   A C2    1 
ATOM   320  N N3    . A   A 1 17 ? 18.961  13.531  2.964   1.00 92.18  ? 17  A   A N3    1 
ATOM   321  C C4    . A   A 1 17 ? 18.437  12.435  2.386   1.00 93.59  ? 17  A   A C4    1 
ATOM   322  P P     . A   A 1 18 ? 14.845  10.165  6.923   1.00 100.36 ? 18  A   A P     1 
ATOM   323  O OP1   . A   A 1 18 ? 14.384  9.586   8.212   1.00 98.63  ? 18  A   A OP1   1 
ATOM   324  O OP2   . A   A 1 18 ? 13.992  10.037  5.716   1.00 95.57  ? 18  A   A OP2   1 
ATOM   325  O "O5'" . A   A 1 18 ? 15.116  11.717  7.159   1.00 100.18 ? 18  A   A "O5'" 1 
ATOM   326  C "C5'" . A   A 1 18 ? 15.760  12.185  8.341   1.00 102.59 ? 18  A   A "C5'" 1 
ATOM   327  C "C4'" . A   A 1 18 ? 16.027  13.667  8.226   1.00 104.11 ? 18  A   A "C4'" 1 
ATOM   328  O "O4'" . A   A 1 18 ? 16.712  13.870  6.966   1.00 106.55 ? 18  A   A "O4'" 1 
ATOM   329  C "C3'" . A   A 1 18 ? 14.776  14.531  8.125   1.00 103.86 ? 18  A   A "C3'" 1 
ATOM   330  O "O3'" . A   A 1 18 ? 14.384  14.979  9.424   1.00 103.85 ? 18  A   A "O3'" 1 
ATOM   331  C "C2'" . A   A 1 18 ? 15.270  15.733  7.325   1.00 105.60 ? 18  A   A "C2'" 1 
ATOM   332  O "O2'" . A   A 1 18 ? 15.927  16.665  8.161   1.00 105.42 ? 18  A   A "O2'" 1 
ATOM   333  C "C1'" . A   A 1 18 ? 16.315  15.102  6.400   1.00 107.58 ? 18  A   A "C1'" 1 
ATOM   334  N N9    . A   A 1 18 ? 15.856  14.861  5.033   1.00 110.75 ? 18  A   A N9    1 
ATOM   335  C C8    . A   A 1 18 ? 15.201  13.759  4.541   1.00 111.56 ? 18  A   A C8    1 
ATOM   336  N N7    . A   A 1 18 ? 14.920  13.838  3.261   1.00 111.97 ? 18  A   A N7    1 
ATOM   337  C C5    . A   A 1 18 ? 15.424  15.077  2.885   1.00 112.70 ? 18  A   A C5    1 
ATOM   338  C C6    . A   A 1 18 ? 15.443  15.761  1.651   1.00 113.23 ? 18  A   A C6    1 
ATOM   339  N N6    . A   A 1 18 ? 14.918  15.273  0.523   1.00 111.40 ? 18  A   A N6    1 
ATOM   340  N N1    . A   A 1 18 ? 16.029  16.980  1.617   1.00 114.16 ? 18  A   A N1    1 
ATOM   341  C C2    . A   A 1 18 ? 16.551  17.469  2.749   1.00 115.30 ? 18  A   A C2    1 
ATOM   342  N N3    . A   A 1 18 ? 16.591  16.927  3.966   1.00 114.14 ? 18  A   A N3    1 
ATOM   343  C C4    . A   A 1 18 ? 16.004  15.717  3.967   1.00 112.19 ? 18  A   A C4    1 
ATOM   344  P P     . G   A 1 19 ? 12.997  14.488  10.076  1.00 103.34 ? 19  G   A P     1 
ATOM   345  O OP1   . G   A 1 19 ? 12.743  15.366  11.246  1.00 101.53 ? 19  G   A OP1   1 
ATOM   346  O OP2   . G   A 1 19 ? 13.082  13.019  10.272  1.00 106.47 ? 19  G   A OP2   1 
ATOM   347  O "O5'" . G   A 1 19 ? 11.880  14.795  8.976   1.00 99.98  ? 19  G   A "O5'" 1 
ATOM   348  C "C5'" . G   A 1 19 ? 11.509  16.135  8.648   1.00 94.10  ? 19  G   A "C5'" 1 
ATOM   349  C "C4'" . G   A 1 19 ? 9.995   16.271  8.577   1.00 94.39  ? 19  G   A "C4'" 1 
ATOM   350  O "O4'" . G   A 1 19 ? 9.491   15.229  7.699   1.00 94.26  ? 19  G   A "O4'" 1 
ATOM   351  C "C3'" . G   A 1 19 ? 9.278   16.002  9.890   1.00 94.67  ? 19  G   A "C3'" 1 
ATOM   352  O "O3'" . G   A 1 19 ? 9.180   17.199  10.654  1.00 94.08  ? 19  G   A "O3'" 1 
ATOM   353  C "C2'" . G   A 1 19 ? 7.892   15.593  9.416   1.00 92.96  ? 19  G   A "C2'" 1 
ATOM   354  O "O2'" . G   A 1 19 ? 7.137   16.718  9.013   1.00 94.12  ? 19  G   A "O2'" 1 
ATOM   355  C "C1'" . G   A 1 19 ? 8.234   14.765  8.178   1.00 90.77  ? 19  G   A "C1'" 1 
ATOM   356  N N9    . G   A 1 19 ? 8.363   13.344  8.494   1.00 87.19  ? 19  G   A N9    1 
ATOM   357  C C8    . G   A 1 19 ? 9.504   12.583  8.412   1.00 85.03  ? 19  G   A C8    1 
ATOM   358  N N7    . G   A 1 19 ? 9.322   11.347  8.789   1.00 78.64  ? 19  G   A N7    1 
ATOM   359  C C5    . G   A 1 19 ? 7.981   11.287  9.140   1.00 76.21  ? 19  G   A C5    1 
ATOM   360  C C6    . G   A 1 19 ? 7.216   10.205  9.635   1.00 74.95  ? 19  G   A C6    1 
ATOM   361  O O6    . G   A 1 19 ? 7.585   9.050   9.879   1.00 73.40  ? 19  G   A O6    1 
ATOM   362  N N1    . G   A 1 19 ? 5.891   10.572  9.848   1.00 71.35  ? 19  G   A N1    1 
ATOM   363  C C2    . G   A 1 19 ? 5.373   11.822  9.617   1.00 70.89  ? 19  G   A C2    1 
ATOM   364  N N2    . G   A 1 19 ? 4.064   11.975  9.872   1.00 73.79  ? 19  G   A N2    1 
ATOM   365  N N3    . G   A 1 19 ? 6.081   12.843  9.166   1.00 68.50  ? 19  G   A N3    1 
ATOM   366  C C4    . G   A 1 19 ? 7.369   12.507  8.951   1.00 77.23  ? 19  G   A C4    1 
ATOM   367  P P     . U   A 1 20 ? 8.936   17.110  12.240  1.00 98.77  ? 20  U   A P     1 
ATOM   368  O OP1   . U   A 1 20 ? 8.921   18.502  12.763  1.00 97.12  ? 20  U   A OP1   1 
ATOM   369  O OP2   . U   A 1 20 ? 9.902   16.126  12.799  1.00 103.02 ? 20  U   A OP2   1 
ATOM   370  O "O5'" . U   A 1 20 ? 7.470   16.496  12.383  1.00 99.09  ? 20  U   A "O5'" 1 
ATOM   371  C "C5'" . U   A 1 20 ? 6.315   17.266  12.054  1.00 95.44  ? 20  U   A "C5'" 1 
ATOM   372  C "C4'" . U   A 1 20 ? 5.052   16.558  12.510  1.00 93.91  ? 20  U   A "C4'" 1 
ATOM   373  O "O4'" . U   A 1 20 ? 4.976   15.281  11.823  1.00 89.92  ? 20  U   A "O4'" 1 
ATOM   374  C "C3'" . U   A 1 20 ? 5.049   16.164  13.978  1.00 92.80  ? 20  U   A "C3'" 1 
ATOM   375  O "O3'" . U   A 1 20 ? 4.568   17.236  14.785  1.00 95.08  ? 20  U   A "O3'" 1 
ATOM   376  C "C2'" . U   A 1 20 ? 4.037   15.026  13.995  1.00 90.54  ? 20  U   A "C2'" 1 
ATOM   377  O "O2'" . U   A 1 20 ? 2.709   15.510  13.931  1.00 94.82  ? 20  U   A "O2'" 1 
ATOM   378  C "C1'" . U   A 1 20 ? 4.355   14.326  12.673  1.00 84.52  ? 20  U   A "C1'" 1 
ATOM   379  N N1    . U   A 1 20 ? 5.267   13.189  12.854  1.00 72.42  ? 20  U   A N1    1 
ATOM   380  C C2    . U   A 1 20 ? 4.747   12.047  13.436  1.00 67.85  ? 20  U   A C2    1 
ATOM   381  O O2    . U   A 1 20 ? 3.587   11.963  13.806  1.00 67.93  ? 20  U   A O2    1 
ATOM   382  N N3    . U   A 1 20 ? 5.638   11.011  13.577  1.00 58.41  ? 20  U   A N3    1 
ATOM   383  C C4    . U   A 1 20 ? 6.970   11.002  13.201  1.00 62.62  ? 20  U   A C4    1 
ATOM   384  O O4    . U   A 1 20 ? 7.647   9.987   13.392  1.00 53.91  ? 20  U   A O4    1 
ATOM   385  C C5    . U   A 1 20 ? 7.432   12.223  12.606  1.00 57.28  ? 20  U   A C5    1 
ATOM   386  C C6    . U   A 1 20 ? 6.586   13.247  12.458  1.00 66.00  ? 20  U   A C6    1 
ATOM   387  P P     . C   A 1 21 ? 4.793   17.198  16.380  1.00 99.20  ? 21  C   A P     1 
ATOM   388  O OP1   . C   A 1 21 ? 4.121   18.400  16.940  1.00 95.22  ? 21  C   A OP1   1 
ATOM   389  O OP2   . C   A 1 21 ? 6.238   16.965  16.654  1.00 95.74  ? 21  C   A OP2   1 
ATOM   390  O "O5'" . C   A 1 21 ? 3.982   15.912  16.866  1.00 94.15  ? 21  C   A "O5'" 1 
ATOM   391  C "C5'" . C   A 1 21 ? 2.564   15.954  17.015  1.00 85.62  ? 21  C   A "C5'" 1 
ATOM   392  C "C4'" . C   A 1 21 ? 2.070   14.706  17.715  1.00 81.36  ? 21  C   A "C4'" 1 
ATOM   393  O "O4'" . C   A 1 21 ? 2.426   13.559  16.898  1.00 80.16  ? 21  C   A "O4'" 1 
ATOM   394  C "C3'" . C   A 1 21 ? 2.767   14.410  19.031  1.00 84.35  ? 21  C   A "C3'" 1 
ATOM   395  O "O3'" . C   A 1 21 ? 2.140   15.114  20.100  1.00 92.69  ? 21  C   A "O3'" 1 
ATOM   396  C "C2'" . C   A 1 21 ? 2.512   12.918  19.181  1.00 80.19  ? 21  C   A "C2'" 1 
ATOM   397  O "O2'" . C   A 1 21 ? 1.174   12.663  19.568  1.00 74.35  ? 21  C   A "O2'" 1 
ATOM   398  C "C1'" . C   A 1 21 ? 2.692   12.443  17.738  1.00 71.54  ? 21  C   A "C1'" 1 
ATOM   399  N N1    . C   A 1 21 ? 4.048   11.938  17.443  1.00 56.26  ? 21  C   A N1    1 
ATOM   400  C C2    . C   A 1 21 ? 4.363   10.613  17.782  1.00 55.69  ? 21  C   A C2    1 
ATOM   401  O O2    . C   A 1 21 ? 3.513   9.928   18.363  1.00 55.48  ? 21  C   A O2    1 
ATOM   402  N N3    . C   A 1 21 ? 5.585   10.118  17.472  1.00 42.28  ? 21  C   A N3    1 
ATOM   403  C C4    . C   A 1 21 ? 6.480   10.895  16.861  1.00 50.81  ? 21  C   A C4    1 
ATOM   404  N N4    . C   A 1 21 ? 7.664   10.359  16.548  1.00 52.92  ? 21  C   A N4    1 
ATOM   405  C C5    . C   A 1 21 ? 6.200   12.257  16.535  1.00 52.22  ? 21  C   A C5    1 
ATOM   406  C C6    . C   A 1 21 ? 4.981   12.732  16.839  1.00 54.15  ? 21  C   A C6    1 
ATOM   407  P P     . G   A 1 22 ? 2.928   15.315  21.494  1.00 101.73 ? 22  G   A P     1 
ATOM   408  O OP1   . G   A 1 22 ? 2.035   16.089  22.395  1.00 103.95 ? 22  G   A OP1   1 
ATOM   409  O OP2   . G   A 1 22 ? 4.298   15.819  21.207  1.00 99.36  ? 22  G   A OP2   1 
ATOM   410  O "O5'" . G   A 1 22 ? 3.045   13.844  22.090  1.00 89.02  ? 22  G   A "O5'" 1 
ATOM   411  C "C5'" . G   A 1 22 ? 1.898   13.197  22.619  1.00 86.15  ? 22  G   A "C5'" 1 
ATOM   412  C "C4'" . G   A 1 22 ? 2.224   11.775  23.004  1.00 85.34  ? 22  G   A "C4'" 1 
ATOM   413  O "O4'" . G   A 1 22 ? 2.708   11.082  21.826  1.00 80.45  ? 22  G   A "O4'" 1 
ATOM   414  C "C3'" . G   A 1 22 ? 3.396   11.645  23.955  1.00 86.23  ? 22  G   A "C3'" 1 
ATOM   415  O "O3'" . G   A 1 22 ? 2.968   11.831  25.296  1.00 94.19  ? 22  G   A "O3'" 1 
ATOM   416  C "C2'" . G   A 1 22 ? 3.793   10.194  23.739  1.00 81.35  ? 22  G   A "C2'" 1 
ATOM   417  O "O2'" . G   A 1 22 ? 2.874   9.317   24.364  1.00 83.87  ? 22  G   A "O2'" 1 
ATOM   418  C "C1'" . G   A 1 22 ? 3.625   10.073  22.223  1.00 74.14  ? 22  G   A "C1'" 1 
ATOM   419  N N9    . G   A 1 22 ? 4.888   10.275  21.524  1.00 58.94  ? 22  G   A N9    1 
ATOM   420  C C8    . G   A 1 22 ? 5.317   11.395  20.852  1.00 55.37  ? 22  G   A C8    1 
ATOM   421  N N7    . G   A 1 22 ? 6.513   11.258  20.341  1.00 49.10  ? 22  G   A N7    1 
ATOM   422  C C5    . G   A 1 22 ? 6.890   9.969   20.699  1.00 48.75  ? 22  G   A C5    1 
ATOM   423  C C6    . G   A 1 22 ? 8.089   9.248   20.433  1.00 49.12  ? 22  G   A C6    1 
ATOM   424  O O6    . G   A 1 22 ? 9.086   9.613   19.795  1.00 50.72  ? 22  G   A O6    1 
ATOM   425  N N1    . G   A 1 22 ? 8.052   7.978   20.997  1.00 39.67  ? 22  G   A N1    1 
ATOM   426  C C2    . G   A 1 22 ? 6.999   7.457   21.710  1.00 44.17  ? 22  G   A C2    1 
ATOM   427  N N2    . G   A 1 22 ? 7.152   6.206   22.175  1.00 43.94  ? 22  G   A N2    1 
ATOM   428  N N3    . G   A 1 22 ? 5.879   8.113   21.953  1.00 42.27  ? 22  G   A N3    1 
ATOM   429  C C4    . G   A 1 22 ? 5.896   9.354   21.427  1.00 49.99  ? 22  G   A C4    1 
ATOM   430  P P     . C   A 1 23 ? 4.047   12.224  26.419  1.00 100.22 ? 23  C   A P     1 
ATOM   431  O OP1   . C   A 1 23 ? 3.300   12.377  27.694  1.00 101.43 ? 23  C   A OP1   1 
ATOM   432  O OP2   . C   A 1 23 ? 4.862   13.357  25.906  1.00 97.43  ? 23  C   A OP2   1 
ATOM   433  O "O5'" . C   A 1 23 ? 4.978   10.932  26.524  1.00 92.32  ? 23  C   A "O5'" 1 
ATOM   434  C "C5'" . C   A 1 23 ? 4.424   9.672   26.891  1.00 80.39  ? 23  C   A "C5'" 1 
ATOM   435  C "C4'" . C   A 1 23 ? 5.451   8.565   26.749  1.00 79.45  ? 23  C   A "C4'" 1 
ATOM   436  O "O4'" . C   A 1 23 ? 5.958   8.574   25.392  1.00 75.28  ? 23  C   A "O4'" 1 
ATOM   437  C "C3'" . C   A 1 23 ? 6.721   8.771   27.555  1.00 77.77  ? 23  C   A "C3'" 1 
ATOM   438  O "O3'" . C   A 1 23 ? 6.571   8.488   28.947  1.00 79.42  ? 23  C   A "O3'" 1 
ATOM   439  C "C2'" . C   A 1 23 ? 7.698   7.838   26.846  1.00 73.29  ? 23  C   A "C2'" 1 
ATOM   440  O "O2'" . C   A 1 23 ? 7.519   6.491   27.237  1.00 82.71  ? 23  C   A "O2'" 1 
ATOM   441  C "C1'" . C   A 1 23 ? 7.240   7.963   25.388  1.00 66.90  ? 23  C   A "C1'" 1 
ATOM   442  N N1    . C   A 1 23 ? 8.165   8.759   24.574  1.00 48.53  ? 23  C   A N1    1 
ATOM   443  C C2    . C   A 1 23 ? 9.366   8.173   24.194  1.00 44.83  ? 23  C   A C2    1 
ATOM   444  O O2    . C   A 1 23 ? 9.593   7.003   24.544  1.00 39.74  ? 23  C   A O2    1 
ATOM   445  N N3    . C   A 1 23 ? 10.248  8.883   23.459  1.00 42.78  ? 23  C   A N3    1 
ATOM   446  C C4    . C   A 1 23 ? 9.961   10.137  23.105  1.00 47.00  ? 23  C   A C4    1 
ATOM   447  N N4    . C   A 1 23 ? 10.869  10.807  22.392  1.00 53.12  ? 23  C   A N4    1 
ATOM   448  C C5    . C   A 1 23 ? 8.732   10.761  23.472  1.00 40.66  ? 23  C   A C5    1 
ATOM   449  C C6    . C   A 1 23 ? 7.869   10.040  24.201  1.00 47.37  ? 23  C   A C6    1 
ATOM   450  P P     . G   B 1 3  ? 19.134  5.355   17.812  1.00 118.13 ? 26  G   B P     1 
ATOM   451  O OP1   . G   B 1 3  ? 20.284  6.071   18.502  1.00 115.56 ? 26  G   B OP1   1 
ATOM   452  O OP2   . G   B 1 3  ? 19.599  4.198   16.938  1.00 117.96 ? 26  G   B OP2   1 
ATOM   453  O "O5'" . G   B 1 3  ? 18.241  4.683   19.000  1.00 112.20 ? 26  G   B "O5'" 1 
ATOM   454  C "C5'" . G   B 1 3  ? 18.731  3.553   19.742  1.00 104.29 ? 26  G   B "C5'" 1 
ATOM   455  C "C4'" . G   B 1 3  ? 17.711  3.114   20.772  1.00 98.70  ? 26  G   B "C4'" 1 
ATOM   456  O "O4'" . G   B 1 3  ? 17.546  4.188   21.737  1.00 95.38  ? 26  G   B "O4'" 1 
ATOM   457  C "C3'" . G   B 1 3  ? 16.307  2.942   20.219  1.00 96.54  ? 26  G   B "C3'" 1 
ATOM   458  O "O3'" . G   B 1 3  ? 16.145  1.643   19.657  1.00 95.23  ? 26  G   B "O3'" 1 
ATOM   459  C "C2'" . G   B 1 3  ? 15.467  3.069   21.480  1.00 92.08  ? 26  G   B "C2'" 1 
ATOM   460  O "O2'" . G   B 1 3  ? 15.542  1.899   22.272  1.00 88.88  ? 26  G   B "O2'" 1 
ATOM   461  C "C1'" . G   B 1 3  ? 16.205  4.193   22.210  1.00 88.28  ? 26  G   B "C1'" 1 
ATOM   462  N N9    . G   B 1 3  ? 15.607  5.494   21.924  1.00 81.37  ? 26  G   B N9    1 
ATOM   463  C C8    . G   B 1 3  ? 16.117  6.502   21.141  1.00 73.76  ? 26  G   B C8    1 
ATOM   464  N N7    . G   B 1 3  ? 15.325  7.538   21.064  1.00 72.02  ? 26  G   B N7    1 
ATOM   465  C C5    . G   B 1 3  ? 14.231  7.194   21.848  1.00 68.97  ? 26  G   B C5    1 
ATOM   466  C C6    . G   B 1 3  ? 13.049  7.917   22.149  1.00 69.56  ? 26  G   B C6    1 
ATOM   467  O O6    . G   B 1 3  ? 12.718  9.047   21.769  1.00 71.18  ? 26  G   B O6    1 
ATOM   468  N N1    . G   B 1 3  ? 12.206  7.192   22.984  1.00 65.72  ? 26  G   B N1    1 
ATOM   469  C C2    . G   B 1 3  ? 12.463  5.933   23.466  1.00 66.78  ? 26  G   B C2    1 
ATOM   470  N N2    . G   B 1 3  ? 11.523  5.392   24.257  1.00 65.37  ? 26  G   B N2    1 
ATOM   471  N N3    . G   B 1 3  ? 13.558  5.251   23.195  1.00 68.63  ? 26  G   B N3    1 
ATOM   472  C C4    . G   B 1 3  ? 14.393  5.937   22.387  1.00 72.94  ? 26  G   B C4    1 
ATOM   473  P P     . C   B 1 4  ? 14.950  1.376   18.614  1.00 94.16  ? 27  C   B P     1 
ATOM   474  O OP1   . C   B 1 4  ? 15.103  -0.012  18.115  1.00 97.83  ? 27  C   B OP1   1 
ATOM   475  O OP2   . C   B 1 4  ? 14.905  2.504   17.648  1.00 96.83  ? 27  C   B OP2   1 
ATOM   476  O "O5'" . C   B 1 4  ? 13.637  1.435   19.514  1.00 91.17  ? 27  C   B "O5'" 1 
ATOM   477  C "C5'" . C   B 1 4  ? 13.442  0.501   20.567  1.00 87.61  ? 27  C   B "C5'" 1 
ATOM   478  C "C4'" . C   B 1 4  ? 12.126  0.756   21.262  1.00 87.02  ? 27  C   B "C4'" 1 
ATOM   479  O "O4'" . C   B 1 4  ? 12.177  2.066   21.885  1.00 86.82  ? 27  C   B "O4'" 1 
ATOM   480  C "C3'" . C   B 1 4  ? 10.951  0.890   20.315  1.00 88.21  ? 27  C   B "C3'" 1 
ATOM   481  O "O3'" . C   B 1 4  ? 10.439  -0.390  19.978  1.00 93.27  ? 27  C   B "O3'" 1 
ATOM   482  C "C2'" . C   B 1 4  ? 9.950   1.636   21.182  1.00 85.26  ? 27  C   B "C2'" 1 
ATOM   483  O "O2'" . C   B 1 4  ? 9.368   0.784   22.151  1.00 86.85  ? 27  C   B "O2'" 1 
ATOM   484  C "C1'" . C   B 1 4  ? 10.868  2.626   21.901  1.00 81.70  ? 27  C   B "C1'" 1 
ATOM   485  N N1    . C   B 1 4  ? 10.892  3.924   21.211  1.00 73.04  ? 27  C   B N1    1 
ATOM   486  C C2    . C   B 1 4  ? 9.825   4.803   21.417  1.00 68.29  ? 27  C   B C2    1 
ATOM   487  O O2    . C   B 1 4  ? 8.911   4.463   22.186  1.00 69.70  ? 27  C   B O2    1 
ATOM   488  N N3    . C   B 1 4  ? 9.814   5.992   20.777  1.00 63.31  ? 27  C   B N3    1 
ATOM   489  C C4    . C   B 1 4  ? 10.819  6.317   19.959  1.00 67.23  ? 27  C   B C4    1 
ATOM   490  N N4    . C   B 1 4  ? 10.765  7.502   19.344  1.00 59.55  ? 27  C   B N4    1 
ATOM   491  C C5    . C   B 1 4  ? 11.923  5.441   19.734  1.00 64.57  ? 27  C   B C5    1 
ATOM   492  C C6    . C   B 1 4  ? 11.921  4.268   20.377  1.00 67.18  ? 27  C   B C6    1 
ATOM   493  P P     . G   B 1 5  ? 9.603   -0.570  18.621  1.00 96.81  ? 28  G   B P     1 
ATOM   494  O OP1   . G   B 1 5  ? 9.285   -2.017  18.501  1.00 98.66  ? 28  G   B OP1   1 
ATOM   495  O OP2   . G   B 1 5  ? 10.340  0.116   17.525  1.00 98.72  ? 28  G   B OP2   1 
ATOM   496  O "O5'" . G   B 1 5  ? 8.244   0.218   18.897  1.00 94.13  ? 28  G   B "O5'" 1 
ATOM   497  C "C5'" . G   B 1 5  ? 7.255   -0.333  19.760  1.00 90.62  ? 28  G   B "C5'" 1 
ATOM   498  C "C4'" . G   B 1 5  ? 6.090   0.625   19.938  1.00 89.70  ? 28  G   B "C4'" 1 
ATOM   499  O "O4'" . G   B 1 5  ? 6.613   1.879   20.450  1.00 87.35  ? 28  G   B "O4'" 1 
ATOM   500  C "C3'" . G   B 1 5  ? 5.415   1.068   18.653  1.00 91.89  ? 28  G   B "C3'" 1 
ATOM   501  O "O3'" . G   B 1 5  ? 4.451   0.109   18.221  1.00 99.04  ? 28  G   B "O3'" 1 
ATOM   502  C "C2'" . G   B 1 5  ? 4.698   2.324   19.125  1.00 88.91  ? 28  G   B "C2'" 1 
ATOM   503  O "O2'" . G   B 1 5  ? 3.556   2.004   19.899  1.00 89.09  ? 28  G   B "O2'" 1 
ATOM   504  C "C1'" . G   B 1 5  ? 5.751   2.936   20.050  1.00 80.85  ? 28  G   B "C1'" 1 
ATOM   505  N N9    . G   B 1 5  ? 6.530   3.973   19.379  1.00 70.30  ? 28  G   B N9    1 
ATOM   506  C C8    . G   B 1 5  ? 7.817   3.893   18.898  1.00 66.73  ? 28  G   B C8    1 
ATOM   507  N N7    . G   B 1 5  ? 8.223   5.004   18.339  1.00 63.71  ? 28  G   B N7    1 
ATOM   508  C C5    . G   B 1 5  ? 7.139   5.867   18.460  1.00 55.63  ? 28  G   B C5    1 
ATOM   509  C C6    . G   B 1 5  ? 6.979   7.218   18.046  1.00 51.16  ? 28  G   B C6    1 
ATOM   510  O O6    . G   B 1 5  ? 7.794   7.959   17.494  1.00 52.19  ? 28  G   B O6    1 
ATOM   511  N N1    . G   B 1 5  ? 5.713   7.699   18.350  1.00 45.09  ? 28  G   B N1    1 
ATOM   512  C C2    . G   B 1 5  ? 4.733   6.986   18.982  1.00 49.16  ? 28  G   B C2    1 
ATOM   513  N N2    . G   B 1 5  ? 3.571   7.622   19.174  1.00 54.10  ? 28  G   B N2    1 
ATOM   514  N N3    . G   B 1 5  ? 4.873   5.739   19.393  1.00 48.86  ? 28  G   B N3    1 
ATOM   515  C C4    . G   B 1 5  ? 6.089   5.244   19.097  1.00 57.31  ? 28  G   B C4    1 
ATOM   516  P P     . U   B 1 6  ? 4.331   -0.251  16.655  1.00 102.80 ? 29  U   B P     1 
ATOM   517  O OP1   . U   B 1 6  ? 3.662   -1.575  16.562  1.00 105.15 ? 29  U   B OP1   1 
ATOM   518  O OP2   . U   B 1 6  ? 5.670   -0.062  16.036  1.00 100.68 ? 29  U   B OP2   1 
ATOM   519  O "O5'" . U   B 1 6  ? 3.348   0.854   16.057  1.00 95.99  ? 29  U   B "O5'" 1 
ATOM   520  C "C5'" . U   B 1 6  ? 3.666   2.236   16.160  1.00 92.12  ? 29  U   B "C5'" 1 
ATOM   521  C "C4'" . U   B 1 6  ? 2.421   3.048   16.439  1.00 85.81  ? 29  U   B "C4'" 1 
ATOM   522  O "O4'" . U   B 1 6  ? 2.827   4.215   17.196  1.00 77.22  ? 29  U   B "O4'" 1 
ATOM   523  C "C3'" . U   B 1 6  ? 1.750   3.606   15.195  1.00 87.25  ? 29  U   B "C3'" 1 
ATOM   524  O "O3'" . U   B 1 6  ? 0.773   2.684   14.709  1.00 93.20  ? 29  U   B "O3'" 1 
ATOM   525  C "C2'" . U   B 1 6  ? 1.072   4.857   15.738  1.00 84.68  ? 29  U   B "C2'" 1 
ATOM   526  O "O2'" . U   B 1 6  ? -0.108  4.544   16.457  1.00 85.43  ? 29  U   B "O2'" 1 
ATOM   527  C "C1'" . U   B 1 6  ? 2.122   5.353   16.734  1.00 76.36  ? 29  U   B "C1'" 1 
ATOM   528  N N1    . U   B 1 6  ? 3.100   6.259   16.120  1.00 64.13  ? 29  U   B N1    1 
ATOM   529  C C2    . U   B 1 6  ? 2.717   7.567   15.890  1.00 60.87  ? 29  U   B C2    1 
ATOM   530  O O2    . U   B 1 6  ? 1.616   7.999   16.191  1.00 65.94  ? 29  U   B O2    1 
ATOM   531  N N3    . U   B 1 6  ? 3.670   8.351   15.297  1.00 53.86  ? 29  U   B N3    1 
ATOM   532  C C4    . U   B 1 6  ? 4.938   7.970   14.919  1.00 53.95  ? 29  U   B C4    1 
ATOM   533  O O4    . U   B 1 6  ? 5.680   8.790   14.387  1.00 60.50  ? 29  U   B O4    1 
ATOM   534  C C5    . U   B 1 6  ? 5.257   6.602   15.193  1.00 48.92  ? 29  U   B C5    1 
ATOM   535  C C6    . U   B 1 6  ? 4.351   5.815   15.769  1.00 53.56  ? 29  U   B C6    1 
ATOM   536  P P     . C   B 1 7  ? 0.299   2.757   13.169  1.00 95.09  ? 30  C   B P     1 
ATOM   537  O OP1   . C   B 1 7  ? -0.858  1.840   13.010  1.00 95.77  ? 30  C   B OP1   1 
ATOM   538  O OP2   . C   B 1 7  ? 1.481   2.609   12.277  1.00 87.83  ? 30  C   B OP2   1 
ATOM   539  O "O5'" . C   B 1 7  ? -0.246  4.242   13.002  1.00 89.94  ? 30  C   B "O5'" 1 
ATOM   540  C "C5'" . C   B 1 7  ? -0.164  4.889   11.749  1.00 76.13  ? 30  C   B "C5'" 1 
ATOM   541  C "C4'" . C   B 1 7  ? -0.381  6.372   11.903  1.00 76.74  ? 30  C   B "C4'" 1 
ATOM   542  O "O4'" . C   B 1 7  ? 0.571   6.925   12.856  1.00 77.68  ? 30  C   B "O4'" 1 
ATOM   543  C "C3'" . C   B 1 7  ? -0.084  7.096   10.608  1.00 78.52  ? 30  C   B "C3'" 1 
ATOM   544  O "O3'" . C   B 1 7  ? -1.279  7.102   9.838   1.00 80.65  ? 30  C   B "O3'" 1 
ATOM   545  C "C2'" . C   B 1 7  ? 0.306   8.482   11.097  1.00 74.13  ? 30  C   B "C2'" 1 
ATOM   546  O "O2'" . C   B 1 7  ? -0.826  9.213   11.520  1.00 72.49  ? 30  C   B "O2'" 1 
ATOM   547  C "C1'" . C   B 1 7  ? 1.135   8.122   12.333  1.00 69.24  ? 30  C   B "C1'" 1 
ATOM   548  N N1    . C   B 1 7  ? 2.549   7.843   12.024  1.00 57.45  ? 30  C   B N1    1 
ATOM   549  C C2    . C   B 1 7  ? 3.328   8.825   11.392  1.00 55.94  ? 30  C   B C2    1 
ATOM   550  O O2    . C   B 1 7  ? 2.814   9.920   11.124  1.00 60.86  ? 30  C   B O2    1 
ATOM   551  N N3    . C   B 1 7  ? 4.621   8.551   11.092  1.00 47.19  ? 30  C   B N3    1 
ATOM   552  C C4    . C   B 1 7  ? 5.140   7.355   11.404  1.00 50.03  ? 30  C   B C4    1 
ATOM   553  N N4    . C   B 1 7  ? 6.412   7.116   11.085  1.00 47.22  ? 30  C   B N4    1 
ATOM   554  C C5    . C   B 1 7  ? 4.373   6.347   12.058  1.00 48.44  ? 30  C   B C5    1 
ATOM   555  C C6    . C   B 1 7  ? 3.096   6.631   12.347  1.00 55.68  ? 30  C   B C6    1 
ATOM   556  P P     . A   B 1 8  ? -1.245  6.566   8.323   1.00 84.09  ? 31  A   B P     1 
ATOM   557  O OP1   . A   B 1 8  ? -2.662  6.435   7.894   1.00 86.07  ? 31  A   B OP1   1 
ATOM   558  O OP2   . A   B 1 8  ? -0.342  5.386   8.241   1.00 67.60  ? 31  A   B OP2   1 
ATOM   559  O "O5'" . A   B 1 8  ? -0.586  7.786   7.538   1.00 78.90  ? 31  A   B "O5'" 1 
ATOM   560  C "C5'" . A   B 1 8  ? -1.097  9.104   7.711   1.00 78.42  ? 31  A   B "C5'" 1 
ATOM   561  C "C4'" . A   B 1 8  ? -0.104  10.132  7.225   1.00 80.04  ? 31  A   B "C4'" 1 
ATOM   562  O "O4'" . A   B 1 8  ? 1.041   10.144  8.116   1.00 80.32  ? 31  A   B "O4'" 1 
ATOM   563  C "C3'" . A   B 1 8  ? 0.514   9.789   5.888   1.00 83.08  ? 31  A   B "C3'" 1 
ATOM   564  O "O3'" . A   B 1 8  ? -0.362  10.193  4.840   1.00 90.85  ? 31  A   B "O3'" 1 
ATOM   565  C "C2'" . A   B 1 8  ? 1.767   10.654  5.913   1.00 81.93  ? 31  A   B "C2'" 1 
ATOM   566  O "O2'" . A   B 1 8  ? 1.454   12.018  5.691   1.00 79.87  ? 31  A   B "O2'" 1 
ATOM   567  C "C1'" . A   B 1 8  ? 2.204   10.494  7.373   1.00 75.52  ? 31  A   B "C1'" 1 
ATOM   568  N N9    . A   B 1 8  ? 3.204   9.440   7.545   1.00 66.23  ? 31  A   B N9    1 
ATOM   569  C C8    . A   B 1 8  ? 3.064   8.220   8.163   1.00 67.13  ? 31  A   B C8    1 
ATOM   570  N N7    . A   B 1 8  ? 4.157   7.493   8.153   1.00 62.92  ? 31  A   B N7    1 
ATOM   571  C C5    . A   B 1 8  ? 5.079   8.290   7.485   1.00 58.60  ? 31  A   B C5    1 
ATOM   572  C C6    . A   B 1 8  ? 6.433   8.096   7.148   1.00 56.98  ? 31  A   B C6    1 
ATOM   573  N N6    . A   B 1 8  ? 7.129   6.996   7.461   1.00 47.75  ? 31  A   B N6    1 
ATOM   574  N N1    . A   B 1 8  ? 7.056   9.083   6.470   1.00 61.48  ? 31  A   B N1    1 
ATOM   575  C C2    . A   B 1 8  ? 6.362   10.190  6.163   1.00 60.42  ? 31  A   B C2    1 
ATOM   576  N N3    . A   B 1 8  ? 5.094   10.489  6.430   1.00 56.44  ? 31  A   B N3    1 
ATOM   577  C C4    . A   B 1 8  ? 4.502   9.488   7.100   1.00 57.99  ? 31  A   B C4    1 
ATOM   578  P P     . C   B 1 9  ? -0.559  9.241   3.558   1.00 89.06  ? 32  C   B P     1 
ATOM   579  O OP1   . C   B 1 9  ? -1.687  9.805   2.775   1.00 91.15  ? 32  C   B OP1   1 
ATOM   580  O OP2   . C   B 1 9  ? -0.614  7.827   4.013   1.00 87.22  ? 32  C   B OP2   1 
ATOM   581  O "O5'" . C   B 1 9  ? 0.784   9.441   2.729   1.00 84.45  ? 32  C   B "O5'" 1 
ATOM   582  C "C5'" . C   B 1 9  ? 1.181   10.738  2.312   1.00 83.53  ? 32  C   B "C5'" 1 
ATOM   583  C "C4'" . C   B 1 9  ? 2.628   10.733  1.880   1.00 83.69  ? 32  C   B "C4'" 1 
ATOM   584  O "O4'" . C   B 1 9  ? 3.464   10.492  3.040   1.00 84.50  ? 32  C   B "O4'" 1 
ATOM   585  C "C3'" . C   B 1 9  ? 2.985   9.578   0.970   1.00 82.95  ? 32  C   B "C3'" 1 
ATOM   586  O "O3'" . C   B 1 9  ? 2.629   9.904   -0.368  1.00 87.59  ? 32  C   B "O3'" 1 
ATOM   587  C "C2'" . C   B 1 9  ? 4.499   9.527   1.133   1.00 81.34  ? 32  C   B "C2'" 1 
ATOM   588  O "O2'" . C   B 1 9  ? 5.139   10.571  0.422   1.00 78.56  ? 32  C   B "O2'" 1 
ATOM   589  C "C1'" . C   B 1 9  ? 4.644   9.814   2.630   1.00 78.70  ? 32  C   B "C1'" 1 
ATOM   590  N N1    . C   B 1 9  ? 4.780   8.579   3.415   1.00 70.69  ? 32  C   B N1    1 
ATOM   591  C C2    . C   B 1 9  ? 6.025   7.950   3.448   1.00 64.91  ? 32  C   B C2    1 
ATOM   592  O O2    . C   B 1 9  ? 6.972   8.470   2.837   1.00 62.66  ? 32  C   B O2    1 
ATOM   593  N N3    . C   B 1 9  ? 6.165   6.795   4.137   1.00 58.44  ? 32  C   B N3    1 
ATOM   594  C C4    . C   B 1 9  ? 5.119   6.271   4.777   1.00 57.54  ? 32  C   B C4    1 
ATOM   595  N N4    . C   B 1 9  ? 5.302   5.128   5.435   1.00 47.90  ? 32  C   B N4    1 
ATOM   596  C C5    . C   B 1 9  ? 3.838   6.898   4.771   1.00 56.28  ? 32  C   B C5    1 
ATOM   597  C C6    . C   B 1 9  ? 3.716   8.042   4.087   1.00 64.23  ? 32  C   B C6    1 
ATOM   598  P P     . A   B 1 10 ? 2.221   8.730   -1.384  1.00 88.81  ? 33  A   B P     1 
ATOM   599  O OP1   . A   B 1 10 ? 1.607   9.376   -2.573  1.00 92.07  ? 33  A   B OP1   1 
ATOM   600  O OP2   . A   B 1 10 ? 1.459   7.702   -0.630  1.00 87.80  ? 33  A   B OP2   1 
ATOM   601  O "O5'" . A   B 1 10 ? 3.626   8.120   -1.819  1.00 82.97  ? 33  A   B "O5'" 1 
ATOM   602  C "C5'" . A   B 1 10 ? 4.538   8.900   -2.586  1.00 84.29  ? 33  A   B "C5'" 1 
ATOM   603  C "C4'" . A   B 1 10 ? 5.855   8.178   -2.736  1.00 85.67  ? 33  A   B "C4'" 1 
ATOM   604  O "O4'" . A   B 1 10 ? 6.469   8.061   -1.428  1.00 84.08  ? 33  A   B "O4'" 1 
ATOM   605  C "C3'" . A   B 1 10 ? 5.708   6.737   -3.182  1.00 87.54  ? 33  A   B "C3'" 1 
ATOM   606  O "O3'" . A   B 1 10 ? 5.623   6.677   -4.601  1.00 89.34  ? 33  A   B "O3'" 1 
ATOM   607  C "C2'" . A   B 1 10 ? 7.018   6.139   -2.700  1.00 85.21  ? 33  A   B "C2'" 1 
ATOM   608  O "O2'" . A   B 1 10 ? 8.102   6.544   -3.512  1.00 85.02  ? 33  A   B "O2'" 1 
ATOM   609  C "C1'" . A   B 1 10 ? 7.164   6.825   -1.342  1.00 82.29  ? 33  A   B "C1'" 1 
ATOM   610  N N9    . A   B 1 10 ? 6.581   6.044   -0.251  1.00 76.04  ? 33  A   B N9    1 
ATOM   611  C C8    . A   B 1 10 ? 5.369   6.230   0.366   1.00 74.54  ? 33  A   B C8    1 
ATOM   612  N N7    . A   B 1 10 ? 5.132   5.375   1.331   1.00 73.05  ? 33  A   B N7    1 
ATOM   613  C C5    . A   B 1 10 ? 6.264   4.570   1.349   1.00 70.64  ? 33  A   B C5    1 
ATOM   614  C C6    . A   B 1 10 ? 6.640   3.478   2.156   1.00 68.05  ? 33  A   B C6    1 
ATOM   615  N N6    . A   B 1 10 ? 5.890   2.993   3.148   1.00 65.08  ? 33  A   B N6    1 
ATOM   616  N N1    . A   B 1 10 ? 7.831   2.897   1.907   1.00 67.91  ? 33  A   B N1    1 
ATOM   617  C C2    . A   B 1 10 ? 8.590   3.386   0.919   1.00 71.69  ? 33  A   B C2    1 
ATOM   618  N N3    . A   B 1 10 ? 8.352   4.408   0.101   1.00 73.08  ? 33  A   B N3    1 
ATOM   619  C C4    . A   B 1 10 ? 7.158   4.964   0.371   1.00 71.35  ? 33  A   B C4    1 
ATOM   620  P P     . C   B 1 11 ? 4.857   5.448   -5.292  1.00 95.05  ? 34  C   B P     1 
ATOM   621  O OP1   . C   B 1 11 ? 4.590   5.818   -6.705  1.00 99.87  ? 34  C   B OP1   1 
ATOM   622  O OP2   . C   B 1 11 ? 3.729   5.052   -4.409  1.00 96.71  ? 34  C   B OP2   1 
ATOM   623  O "O5'" . C   B 1 11 ? 5.931   4.274   -5.275  1.00 87.30  ? 34  C   B "O5'" 1 
ATOM   624  C "C5'" . C   B 1 11 ? 7.191   4.440   -5.908  1.00 79.61  ? 34  C   B "C5'" 1 
ATOM   625  C "C4'" . C   B 1 11 ? 8.179   3.429   -5.377  1.00 75.48  ? 34  C   B "C4'" 1 
ATOM   626  O "O4'" . C   B 1 11 ? 8.316   3.634   -3.948  1.00 72.55  ? 34  C   B "O4'" 1 
ATOM   627  C "C3'" . C   B 1 11 ? 7.693   1.997   -5.453  1.00 71.20  ? 34  C   B "C3'" 1 
ATOM   628  O "O3'" . C   B 1 11 ? 7.958   1.458   -6.736  1.00 71.86  ? 34  C   B "O3'" 1 
ATOM   629  C "C2'" . C   B 1 11 ? 8.572   1.327   -4.415  1.00 67.85  ? 34  C   B "C2'" 1 
ATOM   630  O "O2'" . C   B 1 11 ? 9.899   1.180   -4.881  1.00 68.18  ? 34  C   B "O2'" 1 
ATOM   631  C "C1'" . C   B 1 11 ? 8.562   2.386   -3.315  1.00 65.70  ? 34  C   B "C1'" 1 
ATOM   632  N N1    . C   B 1 11 ? 7.491   2.144   -2.340  1.00 59.30  ? 34  C   B N1    1 
ATOM   633  C C2    . C   B 1 11 ? 7.697   1.171   -1.359  1.00 54.80  ? 34  C   B C2    1 
ATOM   634  O O2    . C   B 1 11 ? 8.771   0.545   -1.359  1.00 50.51  ? 34  C   B O2    1 
ATOM   635  N N3    . C   B 1 11 ? 6.723   0.935   -0.446  1.00 50.46  ? 34  C   B N3    1 
ATOM   636  C C4    . C   B 1 11 ? 5.579   1.623   -0.498  1.00 48.78  ? 34  C   B C4    1 
ATOM   637  N N4    . C   B 1 11 ? 4.643   1.355   0.421   1.00 35.13  ? 34  C   B N4    1 
ATOM   638  C C5    . C   B 1 11 ? 5.341   2.616   -1.495  1.00 50.72  ? 34  C   B C5    1 
ATOM   639  C C6    . C   B 1 11 ? 6.318   2.844   -2.386  1.00 55.45  ? 34  C   B C6    1 
ATOM   640  P P     . C   B 1 12 ? 6.985   0.328   -7.319  1.00 73.37  ? 35  C   B P     1 
ATOM   641  O OP1   . C   B 1 12 ? 7.312   0.149   -8.759  1.00 70.84  ? 35  C   B OP1   1 
ATOM   642  O OP2   . C   B 1 12 ? 5.596   0.683   -6.912  1.00 65.17  ? 35  C   B OP2   1 
ATOM   643  O "O5'" . C   B 1 12 ? 7.426   -0.976  -6.518  1.00 68.41  ? 35  C   B "O5'" 1 
ATOM   644  C "C5'" . C   B 1 12 ? 8.761   -1.455  -6.600  1.00 62.73  ? 35  C   B "C5'" 1 
ATOM   645  C "C4'" . C   B 1 12 ? 8.979   -2.580  -5.612  1.00 65.66  ? 35  C   B "C4'" 1 
ATOM   646  O "O4'" . C   B 1 12 ? 8.880   -2.045  -4.265  1.00 63.06  ? 35  C   B "O4'" 1 
ATOM   647  C "C3'" . C   B 1 12 ? 7.883   -3.627  -5.618  1.00 63.23  ? 35  C   B "C3'" 1 
ATOM   648  O "O3'" . C   B 1 12 ? 8.092   -4.576  -6.656  1.00 61.72  ? 35  C   B "O3'" 1 
ATOM   649  C "C2'" . C   B 1 12 ? 8.103   -4.283  -4.268  1.00 63.06  ? 35  C   B "C2'" 1 
ATOM   650  O "O2'" . C   B 1 12 ? 9.263   -5.096  -4.271  1.00 60.30  ? 35  C   B "O2'" 1 
ATOM   651  C "C1'" . C   B 1 12 ? 8.383   -3.056  -3.398  1.00 62.79  ? 35  C   B "C1'" 1 
ATOM   652  N N1    . C   B 1 12 ? 7.160   -2.569  -2.742  1.00 59.63  ? 35  C   B N1    1 
ATOM   653  C C2    . C   B 1 12 ? 6.769   -3.167  -1.536  1.00 60.22  ? 35  C   B C2    1 
ATOM   654  O O2    . C   B 1 12 ? 7.465   -4.084  -1.065  1.00 62.99  ? 35  C   B O2    1 
ATOM   655  N N3    . C   B 1 12 ? 5.643   -2.738  -0.917  1.00 56.54  ? 35  C   B N3    1 
ATOM   656  C C4    . C   B 1 12 ? 4.915   -1.763  -1.459  1.00 54.69  ? 35  C   B C4    1 
ATOM   657  N N4    . C   B 1 12 ? 3.813   -1.384  -0.815  1.00 48.25  ? 35  C   B N4    1 
ATOM   658  C C5    . C   B 1 12 ? 5.288   -1.135  -2.689  1.00 57.89  ? 35  C   B C5    1 
ATOM   659  C C6    . C   B 1 12 ? 6.410   -1.565  -3.289  1.00 56.43  ? 35  C   B C6    1 
ATOM   660  P P     . G   B 1 13 ? 6.831   -5.381  -7.242  1.00 68.97  ? 36  G   B P     1 
ATOM   661  O OP1   . G   B 1 13 ? 7.249   -6.110  -8.465  1.00 65.73  ? 36  G   B OP1   1 
ATOM   662  O OP2   . G   B 1 13 ? 5.682   -4.444  -7.302  1.00 56.74  ? 36  G   B OP2   1 
ATOM   663  O "O5'" . G   B 1 13 ? 6.503   -6.437  -6.094  1.00 73.30  ? 36  G   B "O5'" 1 
ATOM   664  C "C5'" . G   B 1 13 ? 7.486   -7.373  -5.663  1.00 60.94  ? 36  G   B "C5'" 1 
ATOM   665  C "C4'" . G   B 1 13 ? 6.954   -8.198  -4.511  1.00 59.66  ? 36  G   B "C4'" 1 
ATOM   666  O "O4'" . G   B 1 13 ? 6.858   -7.360  -3.329  1.00 60.70  ? 36  G   B "O4'" 1 
ATOM   667  C "C3'" . G   B 1 13 ? 5.524   -8.650  -4.705  1.00 62.94  ? 36  G   B "C3'" 1 
ATOM   668  O "O3'" . G   B 1 13 ? 5.472   -9.828  -5.503  1.00 63.36  ? 36  G   B "O3'" 1 
ATOM   669  C "C2'" . G   B 1 13 ? 5.113   -8.961  -3.274  1.00 63.83  ? 36  G   B "C2'" 1 
ATOM   670  O "O2'" . G   B 1 13 ? 5.708   -10.155 -2.796  1.00 68.03  ? 36  G   B "O2'" 1 
ATOM   671  C "C1'" . G   B 1 13 ? 5.756   -7.789  -2.535  1.00 57.66  ? 36  G   B "C1'" 1 
ATOM   672  N N9    . G   B 1 13 ? 4.826   -6.674  -2.386  1.00 54.65  ? 36  G   B N9    1 
ATOM   673  C C8    . G   B 1 13 ? 4.709   -5.569  -3.198  1.00 49.87  ? 36  G   B C8    1 
ATOM   674  N N7    . G   B 1 13 ? 3.780   -4.741  -2.804  1.00 49.27  ? 36  G   B N7    1 
ATOM   675  C C5    . G   B 1 13 ? 3.250   -5.332  -1.663  1.00 41.05  ? 36  G   B C5    1 
ATOM   676  C C6    . G   B 1 13 ? 2.215   -4.895  -0.796  1.00 43.88  ? 36  G   B C6    1 
ATOM   677  O O6    . G   B 1 13 ? 1.540   -3.863  -0.856  1.00 49.29  ? 36  G   B O6    1 
ATOM   678  N N1    . G   B 1 13 ? 1.992   -5.802  0.232   1.00 50.85  ? 36  G   B N1    1 
ATOM   679  C C2    . G   B 1 13 ? 2.671   -6.982  0.404   1.00 51.27  ? 36  G   B C2    1 
ATOM   680  N N2    . G   B 1 13 ? 2.290   -7.729  1.451   1.00 50.66  ? 36  G   B N2    1 
ATOM   681  N N3    . G   B 1 13 ? 3.644   -7.398  -0.392  1.00 41.50  ? 36  G   B N3    1 
ATOM   682  C C4    . G   B 1 13 ? 3.880   -6.529  -1.396  1.00 48.03  ? 36  G   B C4    1 
ATOM   683  P P     . G   B 1 14 ? 4.048   -10.356 -6.020  1.00 68.91  ? 37  G   B P     1 
ATOM   684  O OP1   . G   B 1 14 ? 4.283   -11.505 -6.937  1.00 69.26  ? 37  G   B OP1   1 
ATOM   685  O OP2   . G   B 1 14 ? 3.255   -9.187  -6.492  1.00 68.44  ? 37  G   B OP2   1 
ATOM   686  O "O5'" . G   B 1 14 ? 3.392   -10.895 -4.675  1.00 61.98  ? 37  G   B "O5'" 1 
ATOM   687  C "C5'" . G   B 1 14 ? 1.991   -10.972 -4.517  1.00 48.46  ? 37  G   B "C5'" 1 
ATOM   688  C "C4'" . G   B 1 14 ? 1.650   -11.155 -3.062  1.00 42.96  ? 37  G   B "C4'" 1 
ATOM   689  O "O4'" . G   B 1 14 ? 2.091   -9.985  -2.333  1.00 44.18  ? 37  G   B "O4'" 1 
ATOM   690  C "C3'" . G   B 1 14 ? 0.160   -11.200 -2.812  1.00 44.90  ? 37  G   B "C3'" 1 
ATOM   691  O "O3'" . G   B 1 14 ? -0.278  -12.535 -2.941  1.00 47.82  ? 37  G   B "O3'" 1 
ATOM   692  C "C2'" . G   B 1 14 ? 0.052   -10.718 -1.379  1.00 44.22  ? 37  G   B "C2'" 1 
ATOM   693  O "O2'" . G   B 1 14 ? 0.451   -11.715 -0.462  1.00 45.56  ? 37  G   B "O2'" 1 
ATOM   694  C "C1'" . G   B 1 14 ? 1.103   -9.613  -1.380  1.00 40.55  ? 37  G   B "C1'" 1 
ATOM   695  N N9    . G   B 1 14 ? 0.538   -8.337  -1.800  1.00 37.18  ? 37  G   B N9    1 
ATOM   696  C C8    . G   B 1 14 ? 0.854   -7.621  -2.936  1.00 27.27  ? 37  G   B C8    1 
ATOM   697  N N7    . G   B 1 14 ? 0.209   -6.490  -3.023  1.00 34.82  ? 37  G   B N7    1 
ATOM   698  C C5    . G   B 1 14 ? -0.588  -6.458  -1.883  1.00 36.28  ? 37  G   B C5    1 
ATOM   699  C C6    . G   B 1 14 ? -1.484  -5.462  -1.414  1.00 35.06  ? 37  G   B C6    1 
ATOM   700  O O6    . G   B 1 14 ? -1.738  -4.364  -1.913  1.00 47.92  ? 37  G   B O6    1 
ATOM   701  N N1    . G   B 1 14 ? -2.097  -5.842  -0.224  1.00 33.36  ? 37  G   B N1    1 
ATOM   702  C C2    . G   B 1 14 ? -1.864  -7.024  0.439   1.00 31.82  ? 37  G   B C2    1 
ATOM   703  N N2    . G   B 1 14 ? -2.576  -7.222  1.558   1.00 27.90  ? 37  G   B N2    1 
ATOM   704  N N3    . G   B 1 14 ? -1.009  -7.944  0.032   1.00 20.82  ? 37  G   B N3    1 
ATOM   705  C C4    . G   B 1 14 ? -0.412  -7.599  -1.128  1.00 30.78  ? 37  G   B C4    1 
ATOM   706  P P     . U   B 1 15 ? -1.731  -12.817 -3.534  1.00 47.56  ? 38  U   B P     1 
ATOM   707  O OP1   . U   B 1 15 ? -1.848  -14.279 -3.764  1.00 53.94  ? 38  U   B OP1   1 
ATOM   708  O OP2   . U   B 1 15 ? -1.943  -11.875 -4.664  1.00 55.81  ? 38  U   B OP2   1 
ATOM   709  O "O5'" . U   B 1 15 ? -2.694  -12.406 -2.336  1.00 37.08  ? 38  U   B "O5'" 1 
ATOM   710  C "C5'" . U   B 1 15 ? -2.715  -13.168 -1.146  1.00 30.87  ? 38  U   B "C5'" 1 
ATOM   711  C "C4'" . U   B 1 15 ? -3.703  -12.593 -0.175  1.00 29.86  ? 38  U   B "C4'" 1 
ATOM   712  O "O4'" . U   B 1 15 ? -3.247  -11.272 0.209   1.00 38.93  ? 38  U   B "O4'" 1 
ATOM   713  C "C3'" . U   B 1 15 ? -5.060  -12.313 -0.774  1.00 28.92  ? 38  U   B "C3'" 1 
ATOM   714  O "O3'" . U   B 1 15 ? -5.842  -13.493 -0.769  1.00 33.48  ? 38  U   B "O3'" 1 
ATOM   715  C "C2'" . U   B 1 15 ? -5.599  -11.310 0.226   1.00 30.80  ? 38  U   B "C2'" 1 
ATOM   716  O "O2'" . U   B 1 15 ? -5.885  -11.912 1.467   1.00 25.49  ? 38  U   B "O2'" 1 
ATOM   717  C "C1'" . U   B 1 15 ? -4.369  -10.431 0.425   1.00 33.09  ? 38  U   B "C1'" 1 
ATOM   718  N N1    . U   B 1 15 ? -4.316  -9.330  -0.550  1.00 33.03  ? 38  U   B N1    1 
ATOM   719  C C2    . U   B 1 15 ? -5.085  -8.214  -0.290  1.00 27.60  ? 38  U   B C2    1 
ATOM   720  O O2    . U   B 1 15 ? -5.810  -8.125  0.680   1.00 26.67  ? 38  U   B O2    1 
ATOM   721  N N3    . U   B 1 15 ? -4.984  -7.212  -1.221  1.00 33.45  ? 38  U   B N3    1 
ATOM   722  C C4    . U   B 1 15 ? -4.215  -7.213  -2.357  1.00 37.71  ? 38  U   B C4    1 
ATOM   723  O O4    . U   B 1 15 ? -4.227  -6.233  -3.091  1.00 45.63  ? 38  U   B O4    1 
ATOM   724  C C5    . U   B 1 15 ? -3.447  -8.408  -2.560  1.00 38.11  ? 38  U   B C5    1 
ATOM   725  C C6    . U   B 1 15 ? -3.523  -9.399  -1.673  1.00 33.51  ? 38  U   B C6    1 
ATOM   726  P P     . G   B 1 16 ? -6.892  -13.753 -1.958  1.00 44.14  ? 39  G   B P     1 
ATOM   727  O OP1   . G   B 1 16 ? -7.495  -15.081 -1.697  1.00 47.68  ? 39  G   B OP1   1 
ATOM   728  O OP2   . G   B 1 16 ? -6.236  -13.493 -3.264  1.00 40.18  ? 39  G   B OP2   1 
ATOM   729  O "O5'" . G   B 1 16 ? -8.010  -12.642 -1.731  1.00 30.71  ? 39  G   B "O5'" 1 
ATOM   730  C "C5'" . G   B 1 16 ? -8.966  -12.788 -0.702  1.00 23.10  ? 39  G   B "C5'" 1 
ATOM   731  C "C4'" . G   B 1 16 ? -9.741  -11.506 -0.516  1.00 38.21  ? 39  G   B "C4'" 1 
ATOM   732  O "O4'" . G   B 1 16 ? -8.777  -10.419 -0.483  1.00 48.20  ? 39  G   B "O4'" 1 
ATOM   733  C "C3'" . G   B 1 16 ? -10.610 -11.089 -1.692  1.00 26.21  ? 39  G   B "C3'" 1 
ATOM   734  O "O3'" . G   B 1 16 ? -11.857 -11.757 -1.655  1.00 34.28  ? 39  G   B "O3'" 1 
ATOM   735  C "C2'" . G   B 1 16 ? -10.823 -9.618  -1.370  1.00 31.32  ? 39  G   B "C2'" 1 
ATOM   736  O "O2'" . G   B 1 16 ? -11.699 -9.440  -0.267  1.00 22.79  ? 39  G   B "O2'" 1 
ATOM   737  C "C1'" . G   B 1 16 ? -9.423  -9.224  -0.910  1.00 38.67  ? 39  G   B "C1'" 1 
ATOM   738  N N9    . G   B 1 16 ? -8.651  -8.601  -1.976  1.00 37.51  ? 39  G   B N9    1 
ATOM   739  C C8    . G   B 1 16 ? -7.671  -9.148  -2.771  1.00 40.68  ? 39  G   B C8    1 
ATOM   740  N N7    . G   B 1 16 ? -7.159  -8.289  -3.614  1.00 28.07  ? 39  G   B N7    1 
ATOM   741  C C5    . G   B 1 16 ? -7.855  -7.113  -3.363  1.00 36.59  ? 39  G   B C5    1 
ATOM   742  C C6    . G   B 1 16 ? -7.752  -5.825  -3.963  1.00 33.00  ? 39  G   B C6    1 
ATOM   743  O O6    . G   B 1 16 ? -6.988  -5.449  -4.860  1.00 32.93  ? 39  G   B O6    1 
ATOM   744  N N1    . G   B 1 16 ? -8.657  -4.932  -3.405  1.00 25.63  ? 39  G   B N1    1 
ATOM   745  C C2    . G   B 1 16 ? -9.545  -5.230  -2.397  1.00 32.02  ? 39  G   B C2    1 
ATOM   746  N N2    . G   B 1 16 ? -10.330 -4.238  -1.966  1.00 24.85  ? 39  G   B N2    1 
ATOM   747  N N3    . G   B 1 16 ? -9.653  -6.416  -1.841  1.00 39.63  ? 39  G   B N3    1 
ATOM   748  C C4    . G   B 1 16 ? -8.782  -7.299  -2.364  1.00 37.24  ? 39  G   B C4    1 
ATOM   749  P P     . A   B 1 17 ? -12.157 -12.930 -2.711  1.00 40.35  ? 40  A   B P     1 
ATOM   750  O OP1   . A   B 1 17 ? -12.034 -14.219 -1.977  1.00 60.99  ? 40  A   B OP1   1 
ATOM   751  O OP2   . A   B 1 17 ? -11.309 -12.692 -3.901  1.00 30.65  ? 40  A   B OP2   1 
ATOM   752  O "O5'" . A   B 1 17 ? -13.705 -12.777 -3.047  1.00 50.99  ? 40  A   B "O5'" 1 
ATOM   753  C "C5'" . A   B 1 17 ? -14.273 -11.537 -3.464  1.00 41.03  ? 40  A   B "C5'" 1 
ATOM   754  C "C4'" . A   B 1 17 ? -15.649 -11.785 -4.053  1.00 44.11  ? 40  A   B "C4'" 1 
ATOM   755  O "O4'" . A   B 1 17 ? -16.558 -12.152 -2.983  1.00 40.57  ? 40  A   B "O4'" 1 
ATOM   756  C "C3'" . A   B 1 17 ? -16.295 -10.545 -4.635  1.00 43.17  ? 40  A   B "C3'" 1 
ATOM   757  O "O3'" . A   B 1 17 ? -15.809 -10.386 -5.960  1.00 31.82  ? 40  A   B "O3'" 1 
ATOM   758  C "C2'" . A   B 1 17 ? -17.776 -10.919 -4.616  1.00 45.94  ? 40  A   B "C2'" 1 
ATOM   759  O "O2'" . A   B 1 17 ? -18.116 -11.801 -5.679  1.00 38.62  ? 40  A   B "O2'" 1 
ATOM   760  C "C1'" . A   B 1 17 ? -17.868 -11.706 -3.304  1.00 40.92  ? 40  A   B "C1'" 1 
ATOM   761  N N9    . A   B 1 17 ? -18.393 -10.942 -2.172  1.00 27.45  ? 40  A   B N9    1 
ATOM   762  C C8    . A   B 1 17 ? -17.702 -10.176 -1.282  1.00 27.16  ? 40  A   B C8    1 
ATOM   763  N N7    . A   B 1 17 ? -18.452 -9.637  -0.349  1.00 33.18  ? 40  A   B N7    1 
ATOM   764  C C5    . A   B 1 17 ? -19.730 -10.078 -0.652  1.00 20.27  ? 40  A   B C5    1 
ATOM   765  C C6    . A   B 1 17 ? -20.976 -9.864  -0.040  1.00 27.73  ? 40  A   B C6    1 
ATOM   766  N N6    . A   B 1 17 ? -21.151 -9.111  1.059   1.00 31.07  ? 40  A   B N6    1 
ATOM   767  N N1    . A   B 1 17 ? -22.057 -10.451 -0.600  1.00 26.81  ? 40  A   B N1    1 
ATOM   768  C C2    . A   B 1 17 ? -21.888 -11.187 -1.698  1.00 32.37  ? 40  A   B C2    1 
ATOM   769  N N3    . A   B 1 17 ? -20.773 -11.458 -2.367  1.00 29.55  ? 40  A   B N3    1 
ATOM   770  C C4    . A   B 1 17 ? -19.714 -10.871 -1.781  1.00 30.03  ? 40  A   B C4    1 
ATOM   771  P P     . A   B 1 18 ? -15.211 -8.972  -6.410  1.00 50.02  ? 41  A   B P     1 
ATOM   772  O OP1   . A   B 1 18 ? -14.129 -9.237  -7.393  1.00 40.06  ? 41  A   B OP1   1 
ATOM   773  O OP2   . A   B 1 18 ? -14.913 -8.174  -5.192  1.00 35.03  ? 41  A   B OP2   1 
ATOM   774  O "O5'" . A   B 1 18 ? -16.447 -8.287  -7.151  1.00 49.94  ? 41  A   B "O5'" 1 
ATOM   775  C "C5'" . A   B 1 18 ? -17.071 -8.907  -8.272  1.00 30.03  ? 41  A   B "C5'" 1 
ATOM   776  C "C4'" . A   B 1 18 ? -18.521 -8.502  -8.336  1.00 50.40  ? 41  A   B "C4'" 1 
ATOM   777  O "O4'" . A   B 1 18 ? -19.189 -9.073  -7.182  1.00 41.30  ? 41  A   B "O4'" 1 
ATOM   778  C "C3'" . A   B 1 18 ? -18.759 -7.006  -8.170  1.00 55.55  ? 41  A   B "C3'" 1 
ATOM   779  O "O3'" . A   B 1 18 ? -18.615 -6.344  -9.436  1.00 64.00  ? 41  A   B "O3'" 1 
ATOM   780  C "C2'" . A   B 1 18 ? -20.211 -6.991  -7.697  1.00 50.49  ? 41  A   B "C2'" 1 
ATOM   781  O "O2'" . A   B 1 18 ? -21.128 -7.281  -8.736  1.00 45.06  ? 41  A   B "O2'" 1 
ATOM   782  C "C1'" . A   B 1 18 ? -20.217 -8.194  -6.751  1.00 44.37  ? 41  A   B "C1'" 1 
ATOM   783  N N9    . A   B 1 18 ? -19.952 -7.797  -5.369  1.00 42.66  ? 41  A   B N9    1 
ATOM   784  C C8    . A   B 1 18 ? -18.814 -7.239  -4.829  1.00 30.26  ? 41  A   B C8    1 
ATOM   785  N N7    . A   B 1 18 ? -18.937 -6.924  -3.557  1.00 31.45  ? 41  A   B N7    1 
ATOM   786  C C5    . A   B 1 18 ? -20.229 -7.323  -3.236  1.00 24.21  ? 41  A   B C5    1 
ATOM   787  C C6    . A   B 1 18 ? -20.987 -7.236  -2.056  1.00 30.14  ? 41  A   B C6    1 
ATOM   788  N N6    . A   B 1 18 ? -20.546 -6.677  -0.930  1.00 26.46  ? 41  A   B N6    1 
ATOM   789  N N1    . A   B 1 18 ? -22.251 -7.731  -2.080  1.00 25.65  ? 41  A   B N1    1 
ATOM   790  C C2    . A   B 1 18 ? -22.711 -8.247  -3.217  1.00 24.78  ? 41  A   B C2    1 
ATOM   791  N N3    . A   B 1 18 ? -22.108 -8.362  -4.394  1.00 34.92  ? 41  A   B N3    1 
ATOM   792  C C4    . A   B 1 18 ? -20.857 -7.876  -4.338  1.00 35.39  ? 41  A   B C4    1 
ATOM   793  P P     . G   B 1 19 ? -17.246 -5.548  -9.780  1.00 70.07  ? 42  G   B P     1 
ATOM   794  O OP1   . G   B 1 19 ? -17.110 -5.498  -11.260 1.00 82.19  ? 42  G   B OP1   1 
ATOM   795  O OP2   . G   B 1 19 ? -16.145 -6.107  -8.964  1.00 79.76  ? 42  G   B OP2   1 
ATOM   796  O "O5'" . G   B 1 19 ? -17.467 -4.057  -9.275  1.00 69.81  ? 42  G   B "O5'" 1 
ATOM   797  C "C5'" . G   B 1 19 ? -18.288 -3.143  -9.995  1.00 49.40  ? 42  G   B "C5'" 1 
ATOM   798  C "C4'" . G   B 1 19 ? -17.553 -1.834  -10.213 1.00 51.51  ? 42  G   B "C4'" 1 
ATOM   799  O "O4'" . G   B 1 19 ? -16.507 -1.711  -9.204  1.00 49.95  ? 42  G   B "O4'" 1 
ATOM   800  C "C3'" . G   B 1 19 ? -16.792 -1.781  -11.525 1.00 45.63  ? 42  G   B "C3'" 1 
ATOM   801  O "O3'" . G   B 1 19 ? -17.673 -1.325  -12.548 1.00 47.13  ? 42  G   B "O3'" 1 
ATOM   802  C "C2'" . G   B 1 19 ? -15.730 -0.737  -11.213 1.00 53.97  ? 42  G   B "C2'" 1 
ATOM   803  O "O2'" . G   B 1 19 ? -16.277 0.569   -11.177 1.00 53.80  ? 42  G   B "O2'" 1 
ATOM   804  C "C1'" . G   B 1 19 ? -15.345 -1.133  -9.786  1.00 48.45  ? 42  G   B "C1'" 1 
ATOM   805  N N9    . G   B 1 19 ? -14.291 -2.141  -9.790  1.00 37.03  ? 42  G   B N9    1 
ATOM   806  C C8    . G   B 1 19 ? -14.401 -3.445  -9.381  1.00 36.66  ? 42  G   B C8    1 
ATOM   807  N N7    . G   B 1 19 ? -13.301 -4.128  -9.544  1.00 42.22  ? 42  G   B N7    1 
ATOM   808  C C5    . G   B 1 19 ? -12.408 -3.218  -10.090 1.00 34.87  ? 42  G   B C5    1 
ATOM   809  C C6    . G   B 1 19 ? -11.056 -3.383  -10.481 1.00 37.59  ? 42  G   B C6    1 
ATOM   810  O O6    . G   B 1 19 ? -10.361 -4.395  -10.427 1.00 37.33  ? 42  G   B O6    1 
ATOM   811  N N1    . G   B 1 19 ? -10.520 -2.203  -10.974 1.00 42.98  ? 42  G   B N1    1 
ATOM   812  C C2    . G   B 1 19 ? -11.191 -1.012  -11.061 1.00 42.60  ? 42  G   B C2    1 
ATOM   813  N N2    . G   B 1 19 ? -10.488 0.016   -11.534 1.00 38.47  ? 42  G   B N2    1 
ATOM   814  N N3    . G   B 1 19 ? -12.455 -0.843  -10.704 1.00 31.42  ? 42  G   B N3    1 
ATOM   815  C C4    . G   B 1 19 ? -12.998 -1.981  -10.233 1.00 33.72  ? 42  G   B C4    1 
ATOM   816  P P     . U   B 1 20 ? -17.531 -1.899  -14.045 1.00 50.28  ? 43  U   B P     1 
ATOM   817  O OP1   . U   B 1 20 ? -18.819 -1.645  -14.738 1.00 62.37  ? 43  U   B OP1   1 
ATOM   818  O OP2   . U   B 1 20 ? -16.990 -3.281  -14.002 1.00 57.38  ? 43  U   B OP2   1 
ATOM   819  O "O5'" . U   B 1 20 ? -16.417 -0.973  -14.702 1.00 45.83  ? 43  U   B "O5'" 1 
ATOM   820  C "C5'" . U   B 1 20 ? -16.408 0.429   -14.478 1.00 41.63  ? 43  U   B "C5'" 1 
ATOM   821  C "C4'" . U   B 1 20 ? -15.048 0.995   -14.809 1.00 45.11  ? 43  U   B "C4'" 1 
ATOM   822  O "O4'" . U   B 1 20 ? -14.087 0.529   -13.825 1.00 45.41  ? 43  U   B "O4'" 1 
ATOM   823  C "C3'" . U   B 1 20 ? -14.490 0.473   -16.117 1.00 40.37  ? 43  U   B "C3'" 1 
ATOM   824  O "O3'" . U   B 1 20 ? -14.983 1.259   -17.195 1.00 45.68  ? 43  U   B "O3'" 1 
ATOM   825  C "C2'" . U   B 1 20 ? -12.997 0.702   -15.933 1.00 39.86  ? 43  U   B "C2'" 1 
ATOM   826  O "O2'" . U   B 1 20 ? -12.663 2.058   -16.132 1.00 39.36  ? 43  U   B "O2'" 1 
ATOM   827  C "C1'" . U   B 1 20 ? -12.819 0.366   -14.448 1.00 38.60  ? 43  U   B "C1'" 1 
ATOM   828  N N1    . U   B 1 20 ? -12.372 -1.022  -14.257 1.00 30.75  ? 43  U   B N1    1 
ATOM   829  C C2    . U   B 1 20 ? -11.074 -1.318  -14.600 1.00 26.00  ? 43  U   B C2    1 
ATOM   830  O O2    . U   B 1 20 ? -10.302 -0.485  -15.031 1.00 16.85  ? 43  U   B O2    1 
ATOM   831  N N3    . U   B 1 20 ? -10.712 -2.628  -14.427 1.00 34.23  ? 43  U   B N3    1 
ATOM   832  C C4    . U   B 1 20 ? -11.500 -3.650  -13.956 1.00 34.68  ? 43  U   B C4    1 
ATOM   833  O O4    . U   B 1 20 ? -11.031 -4.783  -13.869 1.00 39.78  ? 43  U   B O4    1 
ATOM   834  C C5    . U   B 1 20 ? -12.833 -3.266  -13.619 1.00 34.47  ? 43  U   B C5    1 
ATOM   835  C C6    . U   B 1 20 ? -13.216 -1.997  -13.777 1.00 34.76  ? 43  U   B C6    1 
ATOM   836  P P     . C   B 1 21 ? -15.184 0.593   -18.643 1.00 43.99  ? 44  C   B P     1 
ATOM   837  O OP1   . C   B 1 21 ? -16.072 1.520   -19.391 1.00 56.42  ? 44  C   B OP1   1 
ATOM   838  O OP2   . C   B 1 21 ? -15.578 -0.836  -18.490 1.00 48.81  ? 44  C   B OP2   1 
ATOM   839  O "O5'" . C   B 1 21 ? -13.727 0.621   -19.281 1.00 36.45  ? 44  C   B "O5'" 1 
ATOM   840  C "C5'" . C   B 1 21 ? -13.029 1.842   -19.456 1.00 33.58  ? 44  C   B "C5'" 1 
ATOM   841  C "C4'" . C   B 1 21 ? -11.608 1.566   -19.883 1.00 48.39  ? 44  C   B "C4'" 1 
ATOM   842  O "O4'" . C   B 1 21 ? -10.902 0.965   -18.762 1.00 53.11  ? 44  C   B "O4'" 1 
ATOM   843  C "C3'" . C   B 1 21 ? -11.487 0.511   -20.968 1.00 50.82  ? 44  C   B "C3'" 1 
ATOM   844  O "O3'" . C   B 1 21 ? -11.664 1.108   -22.256 1.00 56.58  ? 44  C   B "O3'" 1 
ATOM   845  C "C2'" . C   B 1 21 ? -10.045 0.057   -20.775 1.00 52.94  ? 44  C   B "C2'" 1 
ATOM   846  O "O2'" . C   B 1 21 ? -9.114  1.023   -21.232 1.00 53.11  ? 44  C   B "O2'" 1 
ATOM   847  C "C1'" . C   B 1 21 ? -9.958  0.024   -19.250 1.00 45.25  ? 44  C   B "C1'" 1 
ATOM   848  N N1    . C   B 1 21 ? -10.286 -1.303  -18.703 1.00 42.47  ? 44  C   B N1    1 
ATOM   849  C C2    . C   B 1 21 ? -9.278  -2.276  -18.677 1.00 39.53  ? 44  C   B C2    1 
ATOM   850  O O2    . C   B 1 21 ? -8.158  -1.978  -19.110 1.00 36.63  ? 44  C   B O2    1 
ATOM   851  N N3    . C   B 1 21 ? -9.553  -3.510  -18.179 1.00 31.04  ? 44  C   B N3    1 
ATOM   852  C C4    . C   B 1 21 ? -10.776 -3.777  -17.704 1.00 38.49  ? 44  C   B C4    1 
ATOM   853  N N4    . C   B 1 21 ? -10.990 -4.991  -17.170 1.00 24.33  ? 44  C   B N4    1 
ATOM   854  C C5    . C   B 1 21 ? -11.830 -2.806  -17.737 1.00 30.34  ? 44  C   B C5    1 
ATOM   855  C C6    . C   B 1 21 ? -11.540 -1.592  -18.233 1.00 38.56  ? 44  C   B C6    1 
ATOM   856  P P     . G   B 1 22 ? -12.191 0.207   -23.486 1.00 53.48  ? 45  G   B P     1 
ATOM   857  O OP1   . G   B 1 22 ? -12.561 1.132   -24.587 1.00 62.69  ? 45  G   B OP1   1 
ATOM   858  O OP2   . G   B 1 22 ? -13.195 -0.757  -22.974 1.00 51.41  ? 45  G   B OP2   1 
ATOM   859  O "O5'" . G   B 1 22 ? -10.897 -0.603  -23.946 1.00 50.45  ? 45  G   B "O5'" 1 
ATOM   860  C "C5'" . G   B 1 22 ? -9.730  0.089   -24.368 1.00 50.14  ? 45  G   B "C5'" 1 
ATOM   861  C "C4'" . G   B 1 22 ? -8.514  -0.811  -24.304 1.00 57.82  ? 45  G   B "C4'" 1 
ATOM   862  O "O4'" . G   B 1 22 ? -8.339  -1.257  -22.932 1.00 59.97  ? 45  G   B "O4'" 1 
ATOM   863  C "C3'" . G   B 1 22 ? -8.669  -2.130  -25.032 1.00 60.10  ? 45  G   B "C3'" 1 
ATOM   864  O "O3'" . G   B 1 22 ? -8.434  -1.965  -26.422 1.00 65.66  ? 45  G   B "O3'" 1 
ATOM   865  C "C2'" . G   B 1 22 ? -7.539  -2.933  -24.404 1.00 60.33  ? 45  G   B "C2'" 1 
ATOM   866  O "O2'" . G   B 1 22 ? -6.267  -2.498  -24.848 1.00 60.80  ? 45  G   B "O2'" 1 
ATOM   867  C "C1'" . G   B 1 22 ? -7.685  -2.525  -22.938 1.00 58.30  ? 45  G   B "C1'" 1 
ATOM   868  N N9    . G   B 1 22 ? -8.514  -3.503  -22.242 1.00 47.28  ? 45  G   B N9    1 
ATOM   869  C C8    . G   B 1 22 ? -9.798  -3.351  -21.779 1.00 41.82  ? 45  G   B C8    1 
ATOM   870  N N7    . G   B 1 22 ? -10.276 -4.437  -21.235 1.00 34.82  ? 45  G   B N7    1 
ATOM   871  C C5    . G   B 1 22 ? -9.239  -5.355  -21.336 1.00 39.28  ? 45  G   B C5    1 
ATOM   872  C C6    . G   B 1 22 ? -9.164  -6.720  -20.930 1.00 33.49  ? 45  G   B C6    1 
ATOM   873  O O6    . G   B 1 22 ? -10.018 -7.400  -20.347 1.00 29.21  ? 45  G   B O6    1 
ATOM   874  N N1    . G   B 1 22 ? -7.941  -7.286  -21.262 1.00 28.19  ? 45  G   B N1    1 
ATOM   875  C C2    . G   B 1 22 ? -6.908  -6.628  -21.885 1.00 42.99  ? 45  G   B C2    1 
ATOM   876  N N2    . G   B 1 22 ? -5.793  -7.351  -22.125 1.00 45.49  ? 45  G   B N2    1 
ATOM   877  N N3    . G   B 1 22 ? -6.956  -5.356  -22.249 1.00 42.27  ? 45  G   B N3    1 
ATOM   878  C C4    . G   B 1 22 ? -8.145  -4.790  -21.952 1.00 41.57  ? 45  G   B C4    1 
ATOM   879  P P     . C   B 1 23 ? -9.128  -2.975  -27.465 1.00 69.88  ? 46  C   B P     1 
ATOM   880  O OP1   . C   B 1 23 ? -8.832  -2.447  -28.821 1.00 72.30  ? 46  C   B OP1   1 
ATOM   881  O OP2   . C   B 1 23 ? -10.538 -3.201  -27.052 1.00 61.52  ? 46  C   B OP2   1 
ATOM   882  O "O5'" . C   B 1 23 ? -8.340  -4.347  -27.269 1.00 64.48  ? 46  C   B "O5'" 1 
ATOM   883  C "C5'" . C   B 1 23 ? -6.946  -4.435  -27.542 1.00 62.12  ? 46  C   B "C5'" 1 
ATOM   884  C "C4'" . C   B 1 23 ? -6.439  -5.826  -27.234 1.00 64.66  ? 46  C   B "C4'" 1 
ATOM   885  O "O4'" . C   B 1 23 ? -6.606  -6.080  -25.813 1.00 68.08  ? 46  C   B "O4'" 1 
ATOM   886  C "C3'" . C   B 1 23 ? -7.268  -6.926  -27.868 1.00 65.15  ? 46  C   B "C3'" 1 
ATOM   887  O "O3'" . C   B 1 23 ? -7.058  -7.093  -29.278 1.00 64.73  ? 46  C   B "O3'" 1 
ATOM   888  C "C2'" . C   B 1 23 ? -6.907  -8.117  -26.993 1.00 63.27  ? 46  C   B "C2'" 1 
ATOM   889  O "O2'" . C   B 1 23 ? -5.612  -8.593  -27.294 1.00 61.21  ? 46  C   B "O2'" 1 
ATOM   890  C "C1'" . C   B 1 23 ? -6.867  -7.461  -25.610 1.00 58.82  ? 46  C   B "C1'" 1 
ATOM   891  N N1    . C   B 1 23 ? -8.142  -7.603  -24.887 1.00 50.15  ? 46  C   B N1    1 
ATOM   892  C C2    . C   B 1 23 ? -8.399  -8.811  -24.232 1.00 50.16  ? 46  C   B C2    1 
ATOM   893  O O2    . C   B 1 23 ? -7.554  -9.712  -24.294 1.00 43.00  ? 46  C   B O2    1 
ATOM   894  N N3    . C   B 1 23 ? -9.565  -8.968  -23.557 1.00 46.10  ? 46  C   B N3    1 
ATOM   895  C C4    . C   B 1 23 ? -10.457 -7.973  -23.530 1.00 42.82  ? 46  C   B C4    1 
ATOM   896  N N4    . C   B 1 23 ? -11.592 -8.167  -22.846 1.00 35.81  ? 46  C   B N4    1 
ATOM   897  C C5    . C   B 1 23 ? -10.223 -6.734  -24.201 1.00 40.91  ? 46  C   B C5    1 
ATOM   898  C C6    . C   B 1 23 ? -9.059  -6.592  -24.855 1.00 44.94  ? 46  C   B C6    1 
HETATM 899  C C11   . TOY C 2 .  ? 10.853  6.909   7.681   1.00 76.30  ? 47  TOY A C11   1 
HETATM 900  O O11   . TOY C 2 .  ? 11.607  7.670   8.581   1.00 83.95  ? 47  TOY A O11   1 
HETATM 901  C C21   . TOY C 2 .  ? 11.781  5.959   6.882   1.00 71.88  ? 47  TOY A C21   1 
HETATM 902  N N21   . TOY C 2 .  ? 12.571  5.056   7.757   1.00 60.23  ? 47  TOY A N21   1 
HETATM 903  C C31   . TOY C 2 .  ? 12.704  6.757   5.941   1.00 73.04  ? 47  TOY A C31   1 
HETATM 904  C C41   . TOY C 2 .  ? 11.851  7.657   5.034   1.00 78.51  ? 47  TOY A C41   1 
HETATM 905  O O41   . TOY C 2 .  ? 12.696  8.394   4.157   1.00 80.06  ? 47  TOY A O41   1 
HETATM 906  C C51   . TOY C 2 .  ? 10.997  8.604   5.907   1.00 79.78  ? 47  TOY A C51   1 
HETATM 907  O O51   . TOY C 2 .  ? 10.140  7.821   6.790   1.00 78.92  ? 47  TOY A O51   1 
HETATM 908  C C61   . TOY C 2 .  ? 10.088  9.523   5.098   1.00 80.92  ? 47  TOY A C61   1 
HETATM 909  N N61   . TOY C 2 .  ? 10.840  10.643  4.484   1.00 92.92  ? 47  TOY A N61   1 
HETATM 910  C C12   . TOY C 2 .  ? 11.017  9.358   12.465  1.00 83.05  ? 47  TOY A C12   1 
HETATM 911  N N12   . TOY C 2 .  ? 10.398  10.020  13.639  1.00 82.86  ? 47  TOY A N12   1 
HETATM 912  C C22   . TOY C 2 .  ? 11.016  10.307  11.259  1.00 81.23  ? 47  TOY A C22   1 
HETATM 913  C C32   . TOY C 2 .  ? 11.678  9.608   10.047  1.00 81.86  ? 47  TOY A C32   1 
HETATM 914  N N32   . TOY C 2 .  ? 11.804  10.586  8.934   1.00 77.76  ? 47  TOY A N32   1 
HETATM 915  C C42   . TOY C 2 .  ? 10.902  8.330   9.665   1.00 82.96  ? 47  TOY A C42   1 
HETATM 916  C C52   . TOY C 2 .  ? 10.809  7.367   10.885  1.00 85.89  ? 47  TOY A C52   1 
HETATM 917  O O52   . TOY C 2 .  ? 9.972   6.271   10.552  1.00 88.31  ? 47  TOY A O52   1 
HETATM 918  C C62   . TOY C 2 .  ? 10.220  8.090   12.123  1.00 86.29  ? 47  TOY A C62   1 
HETATM 919  O O62   . TOY C 2 .  ? 10.245  7.194   13.259  1.00 90.24  ? 47  TOY A O62   1 
HETATM 920  C C13   . TOY C 2 .  ? 9.039   6.930   13.910  1.00 96.65  ? 47  TOY A C13   1 
HETATM 921  C C23   . TOY C 2 .  ? 9.315   6.492   15.361  1.00 97.77  ? 47  TOY A C23   1 
HETATM 922  O O23   . TOY C 2 .  ? 9.995   7.524   16.057  1.00 100.81 ? 47  TOY A O23   1 
HETATM 923  C C33   . TOY C 2 .  ? 10.159  5.219   15.354  1.00 98.17  ? 47  TOY A C33   1 
HETATM 924  N N33   . TOY C 2 .  ? 10.533  4.807   16.729  1.00 98.10  ? 47  TOY A N33   1 
HETATM 925  C C43   . TOY C 2 .  ? 9.369   4.104   14.649  1.00 99.01  ? 47  TOY A C43   1 
HETATM 926  O O43   . TOY C 2 .  ? 10.136  2.904   14.612  1.00 101.42 ? 47  TOY A O43   1 
HETATM 927  C C53   . TOY C 2 .  ? 8.983   4.545   13.215  1.00 99.00  ? 47  TOY A C53   1 
HETATM 928  O O53   . TOY C 2 .  ? 8.329   5.868   13.204  1.00 97.97  ? 47  TOY A O53   1 
HETATM 929  C C63   . TOY C 2 .  ? 8.021   3.571   12.561  1.00 100.07 ? 47  TOY A C63   1 
HETATM 930  O O63   . TOY C 2 .  ? 6.774   3.528   13.248  1.00 102.99 ? 47  TOY A O63   1 
HETATM 931  C C11   . TOY D 2 .  ? -10.154 -7.190  -7.156  1.00 35.19  ? 48  TOY B C11   1 
HETATM 932  O O11   . TOY D 2 .  ? -11.074 -7.716  -8.079  1.00 31.02  ? 48  TOY B O11   1 
HETATM 933  C C21   . TOY D 2 .  ? -9.885  -8.263  -6.081  1.00 30.52  ? 48  TOY B C21   1 
HETATM 934  N N21   . TOY D 2 .  ? -9.372  -9.489  -6.702  1.00 24.05  ? 48  TOY B N21   1 
HETATM 935  C C31   . TOY D 2 .  ? -11.173 -8.538  -5.270  1.00 24.28  ? 48  TOY B C31   1 
HETATM 936  C C41   . TOY D 2 .  ? -11.609 -7.209  -4.629  1.00 35.45  ? 48  TOY B C41   1 
HETATM 937  O O41   . TOY D 2 .  ? -12.774 -7.403  -3.821  1.00 39.94  ? 48  TOY B O41   1 
HETATM 938  C C51   . TOY D 2 .  ? -11.865 -6.164  -5.744  1.00 38.52  ? 48  TOY B C51   1 
HETATM 939  O O51   . TOY D 2 .  ? -10.669 -5.982  -6.554  1.00 30.73  ? 48  TOY B O51   1 
HETATM 940  C C61   . TOY D 2 .  ? -12.253 -4.787  -5.210  1.00 36.74  ? 48  TOY B C61   1 
HETATM 941  N N61   . TOY D 2 .  ? -13.225 -4.114  -6.111  1.00 44.25  ? 48  TOY B N61   1 
HETATM 942  C C12   . TOY D 2 .  ? -11.693 -7.659  -12.271 1.00 25.32  ? 48  TOY B C12   1 
HETATM 943  N N12   . TOY D 2 .  ? -11.825 -7.212  -13.670 1.00 26.96  ? 48  TOY B N12   1 
HETATM 944  C C22   . TOY D 2 .  ? -12.729 -6.957  -11.404 1.00 20.07  ? 48  TOY B C22   1 
HETATM 945  C C32   . TOY D 2 .  ? -12.599 -7.411  -9.945  1.00 32.47  ? 48  TOY B C32   1 
HETATM 946  N N32   . TOY D 2 .  ? -13.699 -6.794  -9.163  1.00 30.56  ? 48  TOY B N32   1 
HETATM 947  C C42   . TOY D 2 .  ? -11.175 -7.117  -9.386  1.00 32.31  ? 48  TOY B C42   1 
HETATM 948  C C52   . TOY D 2 .  ? -10.114 -7.782  -10.301 1.00 25.76  ? 48  TOY B C52   1 
HETATM 949  O O52   . TOY D 2 .  ? -8.829  -7.381  -9.893  1.00 34.50  ? 48  TOY B O52   1 
HETATM 950  C C62   . TOY D 2 .  ? -10.291 -7.333  -11.761 1.00 31.99  ? 48  TOY B C62   1 
HETATM 951  O O62   . TOY D 2 .  ? -9.317  -7.994  -12.568 1.00 30.09  ? 48  TOY B O62   1 
HETATM 952  C C13   . TOY D 2 .  ? -8.500  -7.198  -13.356 1.00 38.75  ? 48  TOY B C13   1 
HETATM 953  C C23   . TOY D 2 .  ? -8.264  -7.907  -14.700 1.00 34.88  ? 48  TOY B C23   1 
HETATM 954  O O23   . TOY D 2 .  ? -9.521  -8.113  -15.332 1.00 29.17  ? 48  TOY B O23   1 
HETATM 955  C C33   . TOY D 2 .  ? -7.571  -9.258  -14.452 1.00 41.65  ? 48  TOY B C33   1 
HETATM 956  N N33   . TOY D 2 .  ? -7.335  -10.003 -15.722 1.00 29.67  ? 48  TOY B N33   1 
HETATM 957  C C43   . TOY D 2 .  ? -6.237  -9.017  -13.704 1.00 42.62  ? 48  TOY B C43   1 
HETATM 958  O O43   . TOY D 2 .  ? -5.583  -10.256 -13.437 1.00 43.09  ? 48  TOY B O43   1 
HETATM 959  C C53   . TOY D 2 .  ? -6.492  -8.246  -12.396 1.00 44.49  ? 48  TOY B C53   1 
HETATM 960  O O53   . TOY D 2 .  ? -7.238  -7.004  -12.667 1.00 52.91  ? 48  TOY B O53   1 
HETATM 961  C C63   . TOY D 2 .  ? -5.204  -7.850  -11.708 1.00 42.96  ? 48  TOY B C63   1 
HETATM 962  O O63   . TOY D 2 .  ? -4.455  -6.922  -12.489 1.00 50.66  ? 48  TOY B O63   1 
HETATM 963  O O     . HOH E 3 .  ? 12.793  -5.330  0.348   1.00 59.57  ? 104 HOH A O     1 
HETATM 964  O O     . HOH E 3 .  ? 11.198  -2.899  -1.275  1.00 50.43  ? 106 HOH A O     1 
HETATM 965  O O     . HOH E 3 .  ? -13.636 -0.850  -0.641  1.00 74.65  ? 107 HOH A O     1 
HETATM 966  O O     . HOH E 3 .  ? 10.848  3.824   9.595   1.00 61.86  ? 115 HOH A O     1 
HETATM 967  O O     . HOH E 3 .  ? -12.445 2.091   -7.853  1.00 39.17  ? 118 HOH A O     1 
HETATM 968  O O     . HOH E 3 .  ? 10.577  1.666   7.372   1.00 64.80  ? 119 HOH A O     1 
HETATM 969  O O     . HOH E 3 .  ? 8.597   12.257  18.993  1.00 58.53  ? 120 HOH A O     1 
HETATM 970  O O     . HOH E 3 .  ? 3.812   15.716  8.212   1.00 57.29  ? 121 HOH A O     1 
HETATM 971  O O     . HOH E 3 .  ? -11.907 -5.333  5.445   1.00 77.36  ? 124 HOH A O     1 
HETATM 972  O O     . HOH E 3 .  ? 13.183  11.607  2.283   1.00 71.02  ? 128 HOH A O     1 
HETATM 973  O O     . HOH E 3 .  ? 15.997  14.692  12.951  1.00 92.24  ? 129 HOH A O     1 
HETATM 974  O O     . HOH E 3 .  ? 11.642  -1.075  7.971   1.00 67.40  ? 130 HOH A O     1 
HETATM 975  O O     . HOH E 3 .  ? 2.119   -1.268  4.057   1.00 68.48  ? 131 HOH A O     1 
HETATM 976  O O     . HOH E 3 .  ? -6.326  0.220   -18.936 1.00 57.06  ? 134 HOH A O     1 
HETATM 977  O O     . HOH E 3 .  ? -9.267  7.362   -5.960  1.00 56.12  ? 137 HOH A O     1 
HETATM 978  O O     . HOH E 3 .  ? 2.910   -12.860 8.238   1.00 56.69  ? 138 HOH A O     1 
HETATM 979  O O     . HOH E 3 .  ? -4.102  -0.599  -3.167  1.00 56.70  ? 140 HOH A O     1 
HETATM 980  O O     . HOH E 3 .  ? -14.504 3.939   -2.129  1.00 67.36  ? 144 HOH A O     1 
HETATM 981  O O     . HOH E 3 .  ? 2.037   -3.691  12.156  1.00 54.70  ? 145 HOH A O     1 
HETATM 982  O O     . HOH E 3 .  ? -2.934  -10.238 -22.668 1.00 65.34  ? 146 HOH A O     1 
HETATM 983  O O     . HOH E 3 .  ? -3.688  -2.792  -8.574  1.00 71.76  ? 147 HOH A O     1 
HETATM 984  O O     . HOH E 3 .  ? -6.590  2.820   -17.354 1.00 71.32  ? 150 HOH A O     1 
HETATM 985  O O     . HOH E 3 .  ? 13.045  15.793  13.876  1.00 66.83  ? 153 HOH A O     1 
HETATM 986  O O     . HOH E 3 .  ? 14.468  2.881   6.904   1.00 62.70  ? 154 HOH A O     1 
HETATM 987  O O     . HOH E 3 .  ? 5.516   -12.312 6.640   1.00 63.90  ? 156 HOH A O     1 
HETATM 988  O O     . HOH E 3 .  ? 0.570   -9.458  11.291  1.00 75.31  ? 157 HOH A O     1 
HETATM 989  O O     . HOH E 3 .  ? -6.375  1.525   1.028   1.00 45.56  ? 158 HOH A O     1 
HETATM 990  O O     . HOH E 3 .  ? -4.508  0.421   -6.334  1.00 65.18  ? 159 HOH A O     1 
HETATM 991  O O     . HOH E 3 .  ? -2.706  1.514   -16.522 1.00 55.94  ? 160 HOH A O     1 
HETATM 992  O O     . HOH E 3 .  ? 0.502   13.689  14.511  1.00 78.80  ? 161 HOH A O     1 
HETATM 993  O O     . HOH E 3 .  ? 1.454   -14.982 -15.463 1.00 65.48  ? 163 HOH A O     1 
HETATM 994  O O     . HOH E 3 .  ? -6.282  -5.002  -8.591  1.00 68.91  ? 165 HOH A O     1 
HETATM 995  O O     . HOH E 3 .  ? -10.562 -5.314  2.678   1.00 54.34  ? 167 HOH A O     1 
HETATM 996  O O     . HOH E 3 .  ? 9.376   12.668  15.832  1.00 65.35  ? 173 HOH A O     1 
HETATM 997  O O     . HOH E 3 .  ? -8.769  2.509   -13.506 1.00 56.05  ? 174 HOH A O     1 
HETATM 998  O O     . HOH E 3 .  ? 7.539   2.632   7.734   1.00 63.48  ? 176 HOH A O     1 
HETATM 999  O O     . HOH F 3 .  ? -5.554  -9.144  -5.376  1.00 53.41  ? 101 HOH B O     1 
HETATM 1000 O O     . HOH F 3 .  ? 9.587   -5.966  -1.731  1.00 47.20  ? 102 HOH B O     1 
HETATM 1001 O O     . HOH F 3 .  ? 1.240   -2.668  -3.551  1.00 60.47  ? 103 HOH B O     1 
HETATM 1002 O O     . HOH F 3 .  ? -12.820 -4.663  -20.213 1.00 50.83  ? 105 HOH B O     1 
HETATM 1003 O O     . HOH F 3 .  ? -1.750  -7.321  -5.879  1.00 73.28  ? 108 HOH B O     1 
HETATM 1004 O O     . HOH F 3 .  ? -4.622  -6.163  -6.006  1.00 58.91  ? 109 HOH B O     1 
HETATM 1005 O O     . HOH F 3 .  ? -7.121  -9.354  -8.422  1.00 36.74  ? 110 HOH B O     1 
HETATM 1006 O O     . HOH F 3 .  ? -13.332 -5.505  -16.385 1.00 33.34  ? 111 HOH B O     1 
HETATM 1007 O O     . HOH F 3 .  ? -12.422 -7.419  -19.011 1.00 54.77  ? 112 HOH B O     1 
HETATM 1008 O O     . HOH F 3 .  ? -16.678 -8.145  -11.259 1.00 63.07  ? 113 HOH B O     1 
HETATM 1009 O O     . HOH F 3 .  ? -8.077  -0.068  -16.206 1.00 33.47  ? 114 HOH B O     1 
HETATM 1010 O O     . HOH F 3 .  ? 8.329   10.392  -0.342  1.00 74.67  ? 116 HOH B O     1 
HETATM 1011 O O     . HOH F 3 .  ? -15.043 -0.604  -5.930  1.00 71.11  ? 117 HOH B O     1 
HETATM 1012 O O     . HOH F 3 .  ? -8.684  -11.738 -5.004  1.00 26.53  ? 122 HOH B O     1 
HETATM 1013 O O     . HOH F 3 .  ? 5.569   4.813   8.855   1.00 50.09  ? 123 HOH B O     1 
HETATM 1014 O O     . HOH F 3 .  ? -15.971 -6.982  -2.520  1.00 45.71  ? 125 HOH B O     1 
HETATM 1015 O O     . HOH F 3 .  ? -13.994 -7.469  -0.386  1.00 60.97  ? 126 HOH B O     1 
HETATM 1016 O O     . HOH F 3 .  ? -11.622 -10.945 -8.145  1.00 47.51  ? 127 HOH B O     1 
HETATM 1017 O O     . HOH F 3 .  ? 11.608  1.157   -1.284  1.00 58.42  ? 132 HOH B O     1 
HETATM 1018 O O     . HOH F 3 .  ? 3.861   -10.124 1.846   1.00 40.71  ? 133 HOH B O     1 
HETATM 1019 O O     . HOH F 3 .  ? -6.202  0.251   -22.023 1.00 72.10  ? 135 HOH B O     1 
HETATM 1020 O O     . HOH F 3 .  ? 10.621  5.041   -1.876  1.00 61.72  ? 136 HOH B O     1 
HETATM 1021 O O     . HOH F 3 .  ? -13.939 2.444   -10.701 1.00 63.43  ? 139 HOH B O     1 
HETATM 1022 O O     . HOH F 3 .  ? -11.294 3.484   -11.696 1.00 53.45  ? 141 HOH B O     1 
HETATM 1023 O O     . HOH F 3 .  ? -7.464  -14.572 -6.515  1.00 67.75  ? 142 HOH B O     1 
HETATM 1024 O O     . HOH F 3 .  ? -12.414 -3.962  0.210   1.00 52.01  ? 143 HOH B O     1 
HETATM 1025 O O     . HOH F 3 .  ? -14.580 -14.718 -5.656  1.00 56.13  ? 148 HOH B O     1 
HETATM 1026 O O     . HOH F 3 .  ? 10.378  3.086   25.733  1.00 54.64  ? 149 HOH B O     1 
HETATM 1027 O O     . HOH F 3 .  ? 2.985   -5.490  -7.313  1.00 57.48  ? 151 HOH B O     1 
HETATM 1028 O O     . HOH F 3 .  ? -16.929 -13.219 -8.108  1.00 60.90  ? 152 HOH B O     1 
HETATM 1029 O O     . HOH F 3 .  ? 2.290   5.582   2.175   1.00 61.57  ? 155 HOH B O     1 
HETATM 1030 O O     . HOH F 3 .  ? 18.659  9.035   18.228  1.00 55.95  ? 162 HOH B O     1 
HETATM 1031 O O     . HOH F 3 .  ? 4.246   -12.515 -0.154  1.00 53.64  ? 164 HOH B O     1 
HETATM 1032 O O     . HOH F 3 .  ? 0.776   -5.075  -5.484  1.00 44.86  ? 166 HOH B O     1 
HETATM 1033 O O     . HOH F 3 .  ? -3.138  -7.034  -23.069 1.00 59.96  ? 168 HOH B O     1 
HETATM 1034 O O     . HOH F 3 .  ? -6.395  -12.950 -12.525 1.00 56.03  ? 169 HOH B O     1 
HETATM 1035 O O     . HOH F 3 .  ? 3.699   -15.222 -6.988  1.00 49.27  ? 170 HOH B O     1 
HETATM 1036 O O     . HOH F 3 .  ? 1.380   11.853  11.894  1.00 76.40  ? 171 HOH B O     1 
HETATM 1037 O O     . HOH F 3 .  ? 3.831   1.972   7.291   1.00 63.57  ? 172 HOH B O     1 
HETATM 1038 O O     . HOH F 3 .  ? 0.610   -0.352  -1.502  1.00 59.64  ? 175 HOH B O     1 
# 
loop_
_pdbx_poly_seq_scheme.asym_id 
_pdbx_poly_seq_scheme.entity_id 
_pdbx_poly_seq_scheme.seq_id 
_pdbx_poly_seq_scheme.mon_id 
_pdbx_poly_seq_scheme.ndb_seq_num 
_pdbx_poly_seq_scheme.pdb_seq_num 
_pdbx_poly_seq_scheme.auth_seq_num 
_pdbx_poly_seq_scheme.pdb_mon_id 
_pdbx_poly_seq_scheme.auth_mon_id 
_pdbx_poly_seq_scheme.pdb_strand_id 
_pdbx_poly_seq_scheme.pdb_ins_code 
_pdbx_poly_seq_scheme.hetero 
A 1 1  U 1  1  ?  ? ? A . n 
A 1 2  U 2  2  ?  ? ? A . n 
A 1 3  G 3  3  3  G G A . n 
A 1 4  C 4  4  4  C C A . n 
A 1 5  G 5  5  5  G G A . n 
A 1 6  U 6  6  6  U U A . n 
A 1 7  C 7  7  7  C C A . n 
A 1 8  A 8  8  8  A A A . n 
A 1 9  C 9  9  9  C C A . n 
A 1 10 A 10 10 10 A A A . n 
A 1 11 C 11 11 11 C C A . n 
A 1 12 C 12 12 12 C C A . n 
A 1 13 G 13 13 13 G G A . n 
A 1 14 G 14 14 14 G G A . n 
A 1 15 U 15 15 15 U U A . n 
A 1 16 G 16 16 16 G G A . n 
A 1 17 A 17 17 17 A A A . n 
A 1 18 A 18 18 18 A A A . n 
A 1 19 G 19 19 19 G G A . n 
A 1 20 U 20 20 20 U U A . n 
A 1 21 C 21 21 21 C C A . n 
A 1 22 G 22 22 22 G G A . n 
A 1 23 C 23 23 23 C C A . n 
B 1 1  U 1  24 ?  ? ? B . n 
B 1 2  U 2  25 ?  ? ? B . n 
B 1 3  G 3  26 26 G G B . n 
B 1 4  C 4  27 27 C C B . n 
B 1 5  G 5  28 28 G G B . n 
B 1 6  U 6  29 29 U U B . n 
B 1 7  C 7  30 30 C C B . n 
B 1 8  A 8  31 31 A A B . n 
B 1 9  C 9  32 32 C C B . n 
B 1 10 A 10 33 33 A A B . n 
B 1 11 C 11 34 34 C C B . n 
B 1 12 C 12 35 35 C C B . n 
B 1 13 G 13 36 36 G G B . n 
B 1 14 G 14 37 37 G G B . n 
B 1 15 U 15 38 38 U U B . n 
B 1 16 G 16 39 39 G G B . n 
B 1 17 A 17 40 40 A A B . n 
B 1 18 A 18 41 41 A A B . n 
B 1 19 G 19 42 42 G G B . n 
B 1 20 U 20 43 43 U U B . n 
B 1 21 C 21 44 44 C C B . n 
B 1 22 G 22 45 45 G G B . n 
B 1 23 C 23 46 46 C C B . n 
# 
loop_
_pdbx_nonpoly_scheme.asym_id 
_pdbx_nonpoly_scheme.entity_id 
_pdbx_nonpoly_scheme.mon_id 
_pdbx_nonpoly_scheme.ndb_seq_num 
_pdbx_nonpoly_scheme.pdb_seq_num 
_pdbx_nonpoly_scheme.auth_seq_num 
_pdbx_nonpoly_scheme.pdb_mon_id 
_pdbx_nonpoly_scheme.auth_mon_id 
_pdbx_nonpoly_scheme.pdb_strand_id 
_pdbx_nonpoly_scheme.pdb_ins_code 
C 2 TOY 1  47  47  TOY TOY A . 
D 2 TOY 1  48  48  TOY TOY B . 
E 3 HOH 1  104 104 HOH HOH A . 
E 3 HOH 2  106 106 HOH HOH A . 
E 3 HOH 3  107 107 HOH HOH A . 
E 3 HOH 4  115 115 HOH HOH A . 
E 3 HOH 5  118 118 HOH HOH A . 
E 3 HOH 6  119 119 HOH HOH A . 
E 3 HOH 7  120 120 HOH HOH A . 
E 3 HOH 8  121 121 HOH HOH A . 
E 3 HOH 9  124 124 HOH HOH A . 
E 3 HOH 10 128 128 HOH HOH A . 
E 3 HOH 11 129 129 HOH HOH A . 
E 3 HOH 12 130 130 HOH HOH A . 
E 3 HOH 13 131 131 HOH HOH A . 
E 3 HOH 14 134 134 HOH HOH A . 
E 3 HOH 15 137 137 HOH HOH A . 
E 3 HOH 16 138 138 HOH HOH A . 
E 3 HOH 17 140 140 HOH HOH A . 
E 3 HOH 18 144 144 HOH HOH A . 
E 3 HOH 19 145 145 HOH HOH A . 
E 3 HOH 20 146 146 HOH HOH A . 
E 3 HOH 21 147 147 HOH HOH A . 
E 3 HOH 22 150 150 HOH HOH A . 
E 3 HOH 23 153 153 HOH HOH A . 
E 3 HOH 24 154 154 HOH HOH A . 
E 3 HOH 25 156 156 HOH HOH A . 
E 3 HOH 26 157 157 HOH HOH A . 
E 3 HOH 27 158 158 HOH HOH A . 
E 3 HOH 28 159 159 HOH HOH A . 
E 3 HOH 29 160 160 HOH HOH A . 
E 3 HOH 30 161 161 HOH HOH A . 
E 3 HOH 31 163 163 HOH HOH A . 
E 3 HOH 32 165 165 HOH HOH A . 
E 3 HOH 33 167 167 HOH HOH A . 
E 3 HOH 34 173 173 HOH HOH A . 
E 3 HOH 35 174 174 HOH HOH A . 
E 3 HOH 36 176 176 HOH HOH A . 
F 3 HOH 1  101 101 HOH HOH B . 
F 3 HOH 2  102 102 HOH HOH B . 
F 3 HOH 3  103 103 HOH HOH B . 
F 3 HOH 4  105 105 HOH HOH B . 
F 3 HOH 5  108 108 HOH HOH B . 
F 3 HOH 6  109 109 HOH HOH B . 
F 3 HOH 7  110 110 HOH HOH B . 
F 3 HOH 8  111 111 HOH HOH B . 
F 3 HOH 9  112 112 HOH HOH B . 
F 3 HOH 10 113 113 HOH HOH B . 
F 3 HOH 11 114 114 HOH HOH B . 
F 3 HOH 12 116 116 HOH HOH B . 
F 3 HOH 13 117 117 HOH HOH B . 
F 3 HOH 14 122 122 HOH HOH B . 
F 3 HOH 15 123 123 HOH HOH B . 
F 3 HOH 16 125 125 HOH HOH B . 
F 3 HOH 17 126 126 HOH HOH B . 
F 3 HOH 18 127 127 HOH HOH B . 
F 3 HOH 19 132 132 HOH HOH B . 
F 3 HOH 20 133 133 HOH HOH B . 
F 3 HOH 21 135 135 HOH HOH B . 
F 3 HOH 22 136 136 HOH HOH B . 
F 3 HOH 23 139 139 HOH HOH B . 
F 3 HOH 24 141 141 HOH HOH B . 
F 3 HOH 25 142 142 HOH HOH B . 
F 3 HOH 26 143 143 HOH HOH B . 
F 3 HOH 27 148 148 HOH HOH B . 
F 3 HOH 28 149 149 HOH HOH B . 
F 3 HOH 29 151 151 HOH HOH B . 
F 3 HOH 30 152 152 HOH HOH B . 
F 3 HOH 31 155 155 HOH HOH B . 
F 3 HOH 32 162 162 HOH HOH B . 
F 3 HOH 33 164 164 HOH HOH B . 
F 3 HOH 34 166 166 HOH HOH B . 
F 3 HOH 35 168 168 HOH HOH B . 
F 3 HOH 36 169 169 HOH HOH B . 
F 3 HOH 37 170 170 HOH HOH B . 
F 3 HOH 38 171 171 HOH HOH B . 
F 3 HOH 39 172 172 HOH HOH B . 
F 3 HOH 40 175 175 HOH HOH B . 
# 
_struct_site_keywords.site_id   1 
_struct_site_keywords.text      INTERCALATION 
# 
_pdbx_struct_assembly.id                   1 
_pdbx_struct_assembly.details              author_defined_assembly 
_pdbx_struct_assembly.method_details       ? 
_pdbx_struct_assembly.oligomeric_details   dimeric 
_pdbx_struct_assembly.oligomeric_count     2 
# 
_pdbx_struct_assembly_gen.assembly_id       1 
_pdbx_struct_assembly_gen.oper_expression   1 
_pdbx_struct_assembly_gen.asym_id_list      A,B,C,D,E,F 
# 
_pdbx_struct_oper_list.id                   1 
_pdbx_struct_oper_list.type                 'identity operation' 
_pdbx_struct_oper_list.name                 1_555 
_pdbx_struct_oper_list.symmetry_operation   x,y,z 
_pdbx_struct_oper_list.matrix[1][1]         1.0000000000 
_pdbx_struct_oper_list.matrix[1][2]         0.0000000000 
_pdbx_struct_oper_list.matrix[1][3]         0.0000000000 
_pdbx_struct_oper_list.vector[1]            0.0000000000 
_pdbx_struct_oper_list.matrix[2][1]         0.0000000000 
_pdbx_struct_oper_list.matrix[2][2]         1.0000000000 
_pdbx_struct_oper_list.matrix[2][3]         0.0000000000 
_pdbx_struct_oper_list.vector[2]            0.0000000000 
_pdbx_struct_oper_list.matrix[3][1]         0.0000000000 
_pdbx_struct_oper_list.matrix[3][2]         0.0000000000 
_pdbx_struct_oper_list.matrix[3][3]         1.0000000000 
_pdbx_struct_oper_list.vector[3]            0.0000000000 
# 
loop_
_pdbx_audit_revision_history.ordinal 
_pdbx_audit_revision_history.data_content_type 
_pdbx_audit_revision_history.major_revision 
_pdbx_audit_revision_history.minor_revision 
_pdbx_audit_revision_history.revision_date 
1 'Structure model' 1 0 2003-04-08 
2 'Structure model' 1 1 2008-04-28 
3 'Structure model' 1 2 2011-07-13 
4 'Structure model' 1 3 2012-02-08 
5 'Structure model' 1 4 2023-08-16 
# 
_pdbx_audit_revision_details.ordinal             1 
_pdbx_audit_revision_details.revision_ordinal    1 
_pdbx_audit_revision_details.data_content_type   'Structure model' 
_pdbx_audit_revision_details.provider            repository 
_pdbx_audit_revision_details.type                'Initial release' 
_pdbx_audit_revision_details.description         ? 
_pdbx_audit_revision_details.details             ? 
# 
loop_
_pdbx_audit_revision_group.ordinal 
_pdbx_audit_revision_group.revision_ordinal 
_pdbx_audit_revision_group.data_content_type 
_pdbx_audit_revision_group.group 
1 2 'Structure model' 'Version format compliance' 
2 3 'Structure model' 'Version format compliance' 
3 4 'Structure model' 'Derived calculations'      
4 5 'Structure model' 'Data collection'           
5 5 'Structure model' 'Database references'       
6 5 'Structure model' 'Derived calculations'      
7 5 'Structure model' 'Refinement description'    
# 
loop_
_pdbx_audit_revision_category.ordinal 
_pdbx_audit_revision_category.revision_ordinal 
_pdbx_audit_revision_category.data_content_type 
_pdbx_audit_revision_category.category 
1 5 'Structure model' chem_comp_atom                
2 5 'Structure model' chem_comp_bond                
3 5 'Structure model' database_2                    
4 5 'Structure model' pdbx_initial_refinement_model 
5 5 'Structure model' struct_site                   
# 
loop_
_pdbx_audit_revision_item.ordinal 
_pdbx_audit_revision_item.revision_ordinal 
_pdbx_audit_revision_item.data_content_type 
_pdbx_audit_revision_item.item 
1 5 'Structure model' '_database_2.pdbx_DOI'                
2 5 'Structure model' '_database_2.pdbx_database_accession' 
3 5 'Structure model' '_struct_site.pdbx_auth_asym_id'      
4 5 'Structure model' '_struct_site.pdbx_auth_comp_id'      
5 5 'Structure model' '_struct_site.pdbx_auth_seq_id'       
# 
loop_
_software.name 
_software.classification 
_software.version 
_software.citation_id 
_software.pdbx_ordinal 
DENZO     'data reduction' .   ? 1 
SCALEPACK 'data scaling'   .   ? 2 
AMoRE     phasing          .   ? 3 
CNS       refinement       1.0 ? 4 
# 
loop_
_pdbx_unobs_or_zero_occ_residues.id 
_pdbx_unobs_or_zero_occ_residues.PDB_model_num 
_pdbx_unobs_or_zero_occ_residues.polymer_flag 
_pdbx_unobs_or_zero_occ_residues.occupancy_flag 
_pdbx_unobs_or_zero_occ_residues.auth_asym_id 
_pdbx_unobs_or_zero_occ_residues.auth_comp_id 
_pdbx_unobs_or_zero_occ_residues.auth_seq_id 
_pdbx_unobs_or_zero_occ_residues.PDB_ins_code 
_pdbx_unobs_or_zero_occ_residues.label_asym_id 
_pdbx_unobs_or_zero_occ_residues.label_comp_id 
_pdbx_unobs_or_zero_occ_residues.label_seq_id 
1 1 Y 1 A U 1  ? A U 1 
2 1 Y 1 A U 2  ? A U 2 
3 1 Y 1 B U 24 ? B U 1 
4 1 Y 1 B U 25 ? B U 2 
# 
loop_
_chem_comp_atom.comp_id 
_chem_comp_atom.atom_id 
_chem_comp_atom.type_symbol 
_chem_comp_atom.pdbx_aromatic_flag 
_chem_comp_atom.pdbx_stereo_config 
_chem_comp_atom.pdbx_ordinal 
A   OP3    O N N 1   
A   P      P N N 2   
A   OP1    O N N 3   
A   OP2    O N N 4   
A   "O5'"  O N N 5   
A   "C5'"  C N N 6   
A   "C4'"  C N R 7   
A   "O4'"  O N N 8   
A   "C3'"  C N S 9   
A   "O3'"  O N N 10  
A   "C2'"  C N R 11  
A   "O2'"  O N N 12  
A   "C1'"  C N R 13  
A   N9     N Y N 14  
A   C8     C Y N 15  
A   N7     N Y N 16  
A   C5     C Y N 17  
A   C6     C Y N 18  
A   N6     N N N 19  
A   N1     N Y N 20  
A   C2     C Y N 21  
A   N3     N Y N 22  
A   C4     C Y N 23  
A   HOP3   H N N 24  
A   HOP2   H N N 25  
A   "H5'"  H N N 26  
A   "H5''" H N N 27  
A   "H4'"  H N N 28  
A   "H3'"  H N N 29  
A   "HO3'" H N N 30  
A   "H2'"  H N N 31  
A   "HO2'" H N N 32  
A   "H1'"  H N N 33  
A   H8     H N N 34  
A   H61    H N N 35  
A   H62    H N N 36  
A   H2     H N N 37  
C   OP3    O N N 38  
C   P      P N N 39  
C   OP1    O N N 40  
C   OP2    O N N 41  
C   "O5'"  O N N 42  
C   "C5'"  C N N 43  
C   "C4'"  C N R 44  
C   "O4'"  O N N 45  
C   "C3'"  C N S 46  
C   "O3'"  O N N 47  
C   "C2'"  C N R 48  
C   "O2'"  O N N 49  
C   "C1'"  C N R 50  
C   N1     N N N 51  
C   C2     C N N 52  
C   O2     O N N 53  
C   N3     N N N 54  
C   C4     C N N 55  
C   N4     N N N 56  
C   C5     C N N 57  
C   C6     C N N 58  
C   HOP3   H N N 59  
C   HOP2   H N N 60  
C   "H5'"  H N N 61  
C   "H5''" H N N 62  
C   "H4'"  H N N 63  
C   "H3'"  H N N 64  
C   "HO3'" H N N 65  
C   "H2'"  H N N 66  
C   "HO2'" H N N 67  
C   "H1'"  H N N 68  
C   H41    H N N 69  
C   H42    H N N 70  
C   H5     H N N 71  
C   H6     H N N 72  
G   OP3    O N N 73  
G   P      P N N 74  
G   OP1    O N N 75  
G   OP2    O N N 76  
G   "O5'"  O N N 77  
G   "C5'"  C N N 78  
G   "C4'"  C N R 79  
G   "O4'"  O N N 80  
G   "C3'"  C N S 81  
G   "O3'"  O N N 82  
G   "C2'"  C N R 83  
G   "O2'"  O N N 84  
G   "C1'"  C N R 85  
G   N9     N Y N 86  
G   C8     C Y N 87  
G   N7     N Y N 88  
G   C5     C Y N 89  
G   C6     C N N 90  
G   O6     O N N 91  
G   N1     N N N 92  
G   C2     C N N 93  
G   N2     N N N 94  
G   N3     N N N 95  
G   C4     C Y N 96  
G   HOP3   H N N 97  
G   HOP2   H N N 98  
G   "H5'"  H N N 99  
G   "H5''" H N N 100 
G   "H4'"  H N N 101 
G   "H3'"  H N N 102 
G   "HO3'" H N N 103 
G   "H2'"  H N N 104 
G   "HO2'" H N N 105 
G   "H1'"  H N N 106 
G   H8     H N N 107 
G   H1     H N N 108 
G   H21    H N N 109 
G   H22    H N N 110 
HOH O      O N N 111 
HOH H1     H N N 112 
HOH H2     H N N 113 
TOY C11    C N R 114 
TOY O11    O N N 115 
TOY C21    C N R 116 
TOY N21    N N N 117 
TOY C31    C N N 118 
TOY C41    C N S 119 
TOY O41    O N N 120 
TOY C51    C N R 121 
TOY O51    O N N 122 
TOY C61    C N N 123 
TOY N61    N N N 124 
TOY C12    C N R 125 
TOY N12    N N N 126 
TOY C22    C N N 127 
TOY C32    C N S 128 
TOY N32    N N N 129 
TOY C42    C N R 130 
TOY C52    C N S 131 
TOY O52    O N N 132 
TOY C62    C N S 133 
TOY O62    O N N 134 
TOY C13    C N S 135 
TOY C23    C N R 136 
TOY O23    O N N 137 
TOY C33    C N S 138 
TOY N33    N N N 139 
TOY C43    C N S 140 
TOY O43    O N N 141 
TOY C53    C N R 142 
TOY O53    O N N 143 
TOY C63    C N N 144 
TOY O63    O N N 145 
TOY H11    H N N 146 
TOY H21    H N N 147 
TOY HN21   H N N 148 
TOY HN22   H N N 149 
TOY H311   H N N 150 
TOY H312   H N N 151 
TOY H41    H N N 152 
TOY H41O   H N N 153 
TOY H51    H N N 154 
TOY H611   H N N 155 
TOY H612   H N N 156 
TOY HN61   H N N 157 
TOY HN62   H N N 158 
TOY H12    H N N 159 
TOY HN11   H N N 160 
TOY HN12   H N N 161 
TOY H221   H N N 162 
TOY H222   H N N 163 
TOY H32    H N N 164 
TOY HN1    H N N 165 
TOY HN2    H N N 166 
TOY H42    H N N 167 
TOY H52    H N N 168 
TOY H52O   H N N 169 
TOY H62    H N N 170 
TOY H13    H N N 171 
TOY H23    H N N 172 
TOY H23O   H N N 173 
TOY H33    H N N 174 
TOY HN31   H N N 175 
TOY HN32   H N N 176 
TOY H43    H N N 177 
TOY H43O   H N N 178 
TOY H53    H N N 179 
TOY H631   H N N 180 
TOY H632   H N N 181 
TOY H63O   H N N 182 
U   OP3    O N N 183 
U   P      P N N 184 
U   OP1    O N N 185 
U   OP2    O N N 186 
U   "O5'"  O N N 187 
U   "C5'"  C N N 188 
U   "C4'"  C N R 189 
U   "O4'"  O N N 190 
U   "C3'"  C N S 191 
U   "O3'"  O N N 192 
U   "C2'"  C N R 193 
U   "O2'"  O N N 194 
U   "C1'"  C N R 195 
U   N1     N N N 196 
U   C2     C N N 197 
U   O2     O N N 198 
U   N3     N N N 199 
U   C4     C N N 200 
U   O4     O N N 201 
U   C5     C N N 202 
U   C6     C N N 203 
U   HOP3   H N N 204 
U   HOP2   H N N 205 
U   "H5'"  H N N 206 
U   "H5''" H N N 207 
U   "H4'"  H N N 208 
U   "H3'"  H N N 209 
U   "HO3'" H N N 210 
U   "H2'"  H N N 211 
U   "HO2'" H N N 212 
U   "H1'"  H N N 213 
U   H3     H N N 214 
U   H5     H N N 215 
U   H6     H N N 216 
# 
loop_
_chem_comp_bond.comp_id 
_chem_comp_bond.atom_id_1 
_chem_comp_bond.atom_id_2 
_chem_comp_bond.value_order 
_chem_comp_bond.pdbx_aromatic_flag 
_chem_comp_bond.pdbx_stereo_config 
_chem_comp_bond.pdbx_ordinal 
A   OP3   P      sing N N 1   
A   OP3   HOP3   sing N N 2   
A   P     OP1    doub N N 3   
A   P     OP2    sing N N 4   
A   P     "O5'"  sing N N 5   
A   OP2   HOP2   sing N N 6   
A   "O5'" "C5'"  sing N N 7   
A   "C5'" "C4'"  sing N N 8   
A   "C5'" "H5'"  sing N N 9   
A   "C5'" "H5''" sing N N 10  
A   "C4'" "O4'"  sing N N 11  
A   "C4'" "C3'"  sing N N 12  
A   "C4'" "H4'"  sing N N 13  
A   "O4'" "C1'"  sing N N 14  
A   "C3'" "O3'"  sing N N 15  
A   "C3'" "C2'"  sing N N 16  
A   "C3'" "H3'"  sing N N 17  
A   "O3'" "HO3'" sing N N 18  
A   "C2'" "O2'"  sing N N 19  
A   "C2'" "C1'"  sing N N 20  
A   "C2'" "H2'"  sing N N 21  
A   "O2'" "HO2'" sing N N 22  
A   "C1'" N9     sing N N 23  
A   "C1'" "H1'"  sing N N 24  
A   N9    C8     sing Y N 25  
A   N9    C4     sing Y N 26  
A   C8    N7     doub Y N 27  
A   C8    H8     sing N N 28  
A   N7    C5     sing Y N 29  
A   C5    C6     sing Y N 30  
A   C5    C4     doub Y N 31  
A   C6    N6     sing N N 32  
A   C6    N1     doub Y N 33  
A   N6    H61    sing N N 34  
A   N6    H62    sing N N 35  
A   N1    C2     sing Y N 36  
A   C2    N3     doub Y N 37  
A   C2    H2     sing N N 38  
A   N3    C4     sing Y N 39  
C   OP3   P      sing N N 40  
C   OP3   HOP3   sing N N 41  
C   P     OP1    doub N N 42  
C   P     OP2    sing N N 43  
C   P     "O5'"  sing N N 44  
C   OP2   HOP2   sing N N 45  
C   "O5'" "C5'"  sing N N 46  
C   "C5'" "C4'"  sing N N 47  
C   "C5'" "H5'"  sing N N 48  
C   "C5'" "H5''" sing N N 49  
C   "C4'" "O4'"  sing N N 50  
C   "C4'" "C3'"  sing N N 51  
C   "C4'" "H4'"  sing N N 52  
C   "O4'" "C1'"  sing N N 53  
C   "C3'" "O3'"  sing N N 54  
C   "C3'" "C2'"  sing N N 55  
C   "C3'" "H3'"  sing N N 56  
C   "O3'" "HO3'" sing N N 57  
C   "C2'" "O2'"  sing N N 58  
C   "C2'" "C1'"  sing N N 59  
C   "C2'" "H2'"  sing N N 60  
C   "O2'" "HO2'" sing N N 61  
C   "C1'" N1     sing N N 62  
C   "C1'" "H1'"  sing N N 63  
C   N1    C2     sing N N 64  
C   N1    C6     sing N N 65  
C   C2    O2     doub N N 66  
C   C2    N3     sing N N 67  
C   N3    C4     doub N N 68  
C   C4    N4     sing N N 69  
C   C4    C5     sing N N 70  
C   N4    H41    sing N N 71  
C   N4    H42    sing N N 72  
C   C5    C6     doub N N 73  
C   C5    H5     sing N N 74  
C   C6    H6     sing N N 75  
G   OP3   P      sing N N 76  
G   OP3   HOP3   sing N N 77  
G   P     OP1    doub N N 78  
G   P     OP2    sing N N 79  
G   P     "O5'"  sing N N 80  
G   OP2   HOP2   sing N N 81  
G   "O5'" "C5'"  sing N N 82  
G   "C5'" "C4'"  sing N N 83  
G   "C5'" "H5'"  sing N N 84  
G   "C5'" "H5''" sing N N 85  
G   "C4'" "O4'"  sing N N 86  
G   "C4'" "C3'"  sing N N 87  
G   "C4'" "H4'"  sing N N 88  
G   "O4'" "C1'"  sing N N 89  
G   "C3'" "O3'"  sing N N 90  
G   "C3'" "C2'"  sing N N 91  
G   "C3'" "H3'"  sing N N 92  
G   "O3'" "HO3'" sing N N 93  
G   "C2'" "O2'"  sing N N 94  
G   "C2'" "C1'"  sing N N 95  
G   "C2'" "H2'"  sing N N 96  
G   "O2'" "HO2'" sing N N 97  
G   "C1'" N9     sing N N 98  
G   "C1'" "H1'"  sing N N 99  
G   N9    C8     sing Y N 100 
G   N9    C4     sing Y N 101 
G   C8    N7     doub Y N 102 
G   C8    H8     sing N N 103 
G   N7    C5     sing Y N 104 
G   C5    C6     sing N N 105 
G   C5    C4     doub Y N 106 
G   C6    O6     doub N N 107 
G   C6    N1     sing N N 108 
G   N1    C2     sing N N 109 
G   N1    H1     sing N N 110 
G   C2    N2     sing N N 111 
G   C2    N3     doub N N 112 
G   N2    H21    sing N N 113 
G   N2    H22    sing N N 114 
G   N3    C4     sing N N 115 
HOH O     H1     sing N N 116 
HOH O     H2     sing N N 117 
TOY C11   O11    sing N N 118 
TOY C11   C21    sing N N 119 
TOY C11   O51    sing N N 120 
TOY C11   H11    sing N N 121 
TOY O11   C42    sing N N 122 
TOY C21   N21    sing N N 123 
TOY C21   C31    sing N N 124 
TOY C21   H21    sing N N 125 
TOY N21   HN21   sing N N 126 
TOY N21   HN22   sing N N 127 
TOY C31   C41    sing N N 128 
TOY C31   H311   sing N N 129 
TOY C31   H312   sing N N 130 
TOY C41   O41    sing N N 131 
TOY C41   C51    sing N N 132 
TOY C41   H41    sing N N 133 
TOY O41   H41O   sing N N 134 
TOY C51   O51    sing N N 135 
TOY C51   C61    sing N N 136 
TOY C51   H51    sing N N 137 
TOY C61   N61    sing N N 138 
TOY C61   H611   sing N N 139 
TOY C61   H612   sing N N 140 
TOY N61   HN61   sing N N 141 
TOY N61   HN62   sing N N 142 
TOY C12   N12    sing N N 143 
TOY C12   C22    sing N N 144 
TOY C12   C62    sing N N 145 
TOY C12   H12    sing N N 146 
TOY N12   HN11   sing N N 147 
TOY N12   HN12   sing N N 148 
TOY C22   C32    sing N N 149 
TOY C22   H221   sing N N 150 
TOY C22   H222   sing N N 151 
TOY C32   N32    sing N N 152 
TOY C32   C42    sing N N 153 
TOY C32   H32    sing N N 154 
TOY N32   HN1    sing N N 155 
TOY N32   HN2    sing N N 156 
TOY C42   C52    sing N N 157 
TOY C42   H42    sing N N 158 
TOY C52   O52    sing N N 159 
TOY C52   C62    sing N N 160 
TOY C52   H52    sing N N 161 
TOY O52   H52O   sing N N 162 
TOY C62   O62    sing N N 163 
TOY C62   H62    sing N N 164 
TOY O62   C13    sing N N 165 
TOY C13   C23    sing N N 166 
TOY C13   O53    sing N N 167 
TOY C13   H13    sing N N 168 
TOY C23   O23    sing N N 169 
TOY C23   C33    sing N N 170 
TOY C23   H23    sing N N 171 
TOY O23   H23O   sing N N 172 
TOY C33   N33    sing N N 173 
TOY C33   C43    sing N N 174 
TOY C33   H33    sing N N 175 
TOY N33   HN31   sing N N 176 
TOY N33   HN32   sing N N 177 
TOY C43   O43    sing N N 178 
TOY C43   C53    sing N N 179 
TOY C43   H43    sing N N 180 
TOY O43   H43O   sing N N 181 
TOY C53   O53    sing N N 182 
TOY C53   C63    sing N N 183 
TOY C53   H53    sing N N 184 
TOY C63   O63    sing N N 185 
TOY C63   H631   sing N N 186 
TOY C63   H632   sing N N 187 
TOY O63   H63O   sing N N 188 
U   OP3   P      sing N N 189 
U   OP3   HOP3   sing N N 190 
U   P     OP1    doub N N 191 
U   P     OP2    sing N N 192 
U   P     "O5'"  sing N N 193 
U   OP2   HOP2   sing N N 194 
U   "O5'" "C5'"  sing N N 195 
U   "C5'" "C4'"  sing N N 196 
U   "C5'" "H5'"  sing N N 197 
U   "C5'" "H5''" sing N N 198 
U   "C4'" "O4'"  sing N N 199 
U   "C4'" "C3'"  sing N N 200 
U   "C4'" "H4'"  sing N N 201 
U   "O4'" "C1'"  sing N N 202 
U   "C3'" "O3'"  sing N N 203 
U   "C3'" "C2'"  sing N N 204 
U   "C3'" "H3'"  sing N N 205 
U   "O3'" "HO3'" sing N N 206 
U   "C2'" "O2'"  sing N N 207 
U   "C2'" "C1'"  sing N N 208 
U   "C2'" "H2'"  sing N N 209 
U   "O2'" "HO2'" sing N N 210 
U   "C1'" N1     sing N N 211 
U   "C1'" "H1'"  sing N N 212 
U   N1    C2     sing N N 213 
U   N1    C6     sing N N 214 
U   C2    O2     doub N N 215 
U   C2    N3     sing N N 216 
U   N3    C4     sing N N 217 
U   N3    H3     sing N N 218 
U   C4    O4     doub N N 219 
U   C4    C5     sing N N 220 
U   C5    C6     doub N N 221 
U   C5    H5     sing N N 222 
U   C6    H6     sing N N 223 
# 
loop_
_ndb_struct_conf_na.entry_id 
_ndb_struct_conf_na.feature 
1LC4 'double helix'         
1LC4 'a-form double helix'  
1LC4 'mismatched base pair' 
1LC4 'internal loop'        
# 
loop_
_ndb_struct_na_base_pair.model_number 
_ndb_struct_na_base_pair.i_label_asym_id 
_ndb_struct_na_base_pair.i_label_comp_id 
_ndb_struct_na_base_pair.i_label_seq_id 
_ndb_struct_na_base_pair.i_symmetry 
_ndb_struct_na_base_pair.j_label_asym_id 
_ndb_struct_na_base_pair.j_label_comp_id 
_ndb_struct_na_base_pair.j_label_seq_id 
_ndb_struct_na_base_pair.j_symmetry 
_ndb_struct_na_base_pair.shear 
_ndb_struct_na_base_pair.stretch 
_ndb_struct_na_base_pair.stagger 
_ndb_struct_na_base_pair.buckle 
_ndb_struct_na_base_pair.propeller 
_ndb_struct_na_base_pair.opening 
_ndb_struct_na_base_pair.pair_number 
_ndb_struct_na_base_pair.pair_name 
_ndb_struct_na_base_pair.i_auth_asym_id 
_ndb_struct_na_base_pair.i_auth_seq_id 
_ndb_struct_na_base_pair.i_PDB_ins_code 
_ndb_struct_na_base_pair.j_auth_asym_id 
_ndb_struct_na_base_pair.j_auth_seq_id 
_ndb_struct_na_base_pair.j_PDB_ins_code 
_ndb_struct_na_base_pair.hbond_type_28 
_ndb_struct_na_base_pair.hbond_type_12 
1 A G 3  1_555 B C 23 1_555 -0.672 -0.298 -0.056 3.120  -1.807  2.487   1  A_G3:C46_B  A 3  ? B 46 ? 19 1 
1 A C 4  1_555 B G 22 1_555 0.327  -0.109 0.210  4.840  -14.010 -1.762  2  A_C4:G45_B  A 4  ? B 45 ? 19 1 
1 A G 5  1_555 B C 21 1_555 -0.624 -0.347 -0.061 -1.489 -4.856  2.152   3  A_G5:C44_B  A 5  ? B 44 ? 19 1 
1 A U 6  1_555 B U 20 1_555 -2.721 -1.220 -0.381 9.153  -9.550  -26.572 4  A_U6:U43_B  A 6  ? B 43 ? ?  ? 
1 A C 7  1_555 B G 19 1_555 0.097  -0.352 -0.094 0.459  -2.526  3.035   5  A_C7:G42_B  A 7  ? B 42 ? 19 1 
1 A C 9  1_555 B G 16 1_555 0.322  -0.122 -0.176 9.191  -22.489 0.709   6  A_C9:G39_B  A 9  ? B 39 ? 19 1 
1 A A 10 1_555 B U 15 1_555 -0.033 -0.208 0.084  4.572  -18.460 -1.672  7  A_A10:U38_B A 10 ? B 38 ? 20 1 
1 A C 11 1_555 B G 14 1_555 0.216  -0.471 0.156  2.498  -17.926 -0.487  8  A_C11:G37_B A 11 ? B 37 ? 19 1 
1 A C 12 1_555 B G 13 1_555 -0.067 -0.248 0.359  -1.177 -7.211  1.505   9  A_C12:G36_B A 12 ? B 36 ? 19 1 
1 A G 13 1_555 B C 12 1_555 -0.466 -0.162 0.021  -4.569 -13.219 -3.300  10 A_G13:C35_B A 13 ? B 35 ? 19 1 
1 A G 14 1_555 B C 11 1_555 -0.039 -0.016 0.284  -5.198 -17.584 0.507   11 A_G14:C34_B A 14 ? B 34 ? 19 1 
1 A U 15 1_555 B A 10 1_555 0.198  -0.092 0.404  -1.716 -13.800 3.146   12 A_U15:A33_B A 15 ? B 33 ? 20 1 
1 A G 16 1_555 B C 9  1_555 -0.431 -0.328 0.132  -4.878 -22.056 3.452   13 A_G16:C32_B A 16 ? B 32 ? 19 1 
1 A G 19 1_555 B C 7  1_555 -0.345 -0.423 -0.115 6.646  2.228   -3.855  14 A_G19:C30_B A 19 ? B 30 ? 19 1 
1 A U 20 1_555 B U 6  1_555 1.960  -1.632 -0.181 -4.173 -5.588  -26.676 15 A_U20:U29_B A 20 ? B 29 ? ?  ? 
1 A C 21 1_555 B G 5  1_555 0.520  -0.541 -0.100 1.213  -0.717  0.346   16 A_C21:G28_B A 21 ? B 28 ? 19 1 
1 A G 22 1_555 B C 4  1_555 0.402  -0.315 0.210  -1.396 -7.529  1.469   17 A_G22:C27_B A 22 ? B 27 ? 19 1 
1 A C 23 1_555 B G 3  1_555 0.706  -0.574 0.212  -0.787 -4.257  -0.318  18 A_C23:G26_B A 23 ? B 26 ? 19 1 
# 
loop_
_ndb_struct_na_base_pair_step.model_number 
_ndb_struct_na_base_pair_step.i_label_asym_id_1 
_ndb_struct_na_base_pair_step.i_label_comp_id_1 
_ndb_struct_na_base_pair_step.i_label_seq_id_1 
_ndb_struct_na_base_pair_step.i_symmetry_1 
_ndb_struct_na_base_pair_step.j_label_asym_id_1 
_ndb_struct_na_base_pair_step.j_label_comp_id_1 
_ndb_struct_na_base_pair_step.j_label_seq_id_1 
_ndb_struct_na_base_pair_step.j_symmetry_1 
_ndb_struct_na_base_pair_step.i_label_asym_id_2 
_ndb_struct_na_base_pair_step.i_label_comp_id_2 
_ndb_struct_na_base_pair_step.i_label_seq_id_2 
_ndb_struct_na_base_pair_step.i_symmetry_2 
_ndb_struct_na_base_pair_step.j_label_asym_id_2 
_ndb_struct_na_base_pair_step.j_label_comp_id_2 
_ndb_struct_na_base_pair_step.j_label_seq_id_2 
_ndb_struct_na_base_pair_step.j_symmetry_2 
_ndb_struct_na_base_pair_step.shift 
_ndb_struct_na_base_pair_step.slide 
_ndb_struct_na_base_pair_step.rise 
_ndb_struct_na_base_pair_step.tilt 
_ndb_struct_na_base_pair_step.roll 
_ndb_struct_na_base_pair_step.twist 
_ndb_struct_na_base_pair_step.x_displacement 
_ndb_struct_na_base_pair_step.y_displacement 
_ndb_struct_na_base_pair_step.helical_rise 
_ndb_struct_na_base_pair_step.inclination 
_ndb_struct_na_base_pair_step.tip 
_ndb_struct_na_base_pair_step.helical_twist 
_ndb_struct_na_base_pair_step.step_number 
_ndb_struct_na_base_pair_step.step_name 
_ndb_struct_na_base_pair_step.i_auth_asym_id_1 
_ndb_struct_na_base_pair_step.i_auth_seq_id_1 
_ndb_struct_na_base_pair_step.i_PDB_ins_code_1 
_ndb_struct_na_base_pair_step.j_auth_asym_id_1 
_ndb_struct_na_base_pair_step.j_auth_seq_id_1 
_ndb_struct_na_base_pair_step.j_PDB_ins_code_1 
_ndb_struct_na_base_pair_step.i_auth_asym_id_2 
_ndb_struct_na_base_pair_step.i_auth_seq_id_2 
_ndb_struct_na_base_pair_step.i_PDB_ins_code_2 
_ndb_struct_na_base_pair_step.j_auth_asym_id_2 
_ndb_struct_na_base_pair_step.j_auth_seq_id_2 
_ndb_struct_na_base_pair_step.j_PDB_ins_code_2 
1 A G 3  1_555 B C 23 1_555 A C 4  1_555 B G 22 1_555 -0.386 -1.812 3.267 -2.085 -0.123 37.129 -2.825 0.328  3.289 -0.193 3.270  
37.186 1  AA_G3C4:G45C46_BB   A 3  ? B 46 ? A 4  ? B 45 ? 
1 A C 4  1_555 B G 22 1_555 A G 5  1_555 B C 21 1_555 0.183  -1.912 3.290 2.257  8.678  24.606 -6.370 0.155  2.488 19.553 -5.085 
26.165 2  AA_C4G5:C44G45_BB   A 4  ? B 45 ? A 5  ? B 44 ? 
1 A G 5  1_555 B C 21 1_555 A U 6  1_555 B U 20 1_555 -0.741 -2.114 3.067 1.610  2.447  20.402 -6.866 2.701  2.730 6.863  -4.515 
20.609 3  AA_G5U6:U43C44_BB   A 5  ? B 44 ? A 6  ? B 43 ? 
1 A U 6  1_555 B U 20 1_555 A C 7  1_555 B G 19 1_555 2.135  -2.246 3.607 -1.625 2.441  42.488 -3.357 -3.116 3.399 3.364  2.239  
42.584 4  AA_U6C7:G42U43_BB   A 6  ? B 43 ? A 7  ? B 42 ? 
1 A C 7  1_555 B G 19 1_555 A C 9  1_555 B G 16 1_555 1.191  -3.231 6.364 -7.344 14.154 81.410 -3.097 -1.239 5.740 10.759 5.583  
82.689 5  AA_C7C9:G39G42_BB   A 7  ? B 42 ? A 9  ? B 39 ? 
1 A C 9  1_555 B G 16 1_555 A A 10 1_555 B U 15 1_555 -0.565 -1.507 3.321 -4.114 14.823 29.543 -4.931 0.350  2.372 26.893 7.464  
33.229 6  AA_C9A10:U38G39_BB  A 9  ? B 39 ? A 10 ? B 38 ? 
1 A A 10 1_555 B U 15 1_555 A C 11 1_555 B G 14 1_555 0.895  -1.909 3.172 1.535  2.516  33.315 -3.715 -1.313 3.061 4.377  -2.671 
33.441 7  AA_A10C11:G37U38_BB A 10 ? B 38 ? A 11 ? B 37 ? 
1 A C 11 1_555 B G 14 1_555 A C 12 1_555 B G 13 1_555 -0.724 -2.098 3.280 -3.794 5.496  29.447 -5.103 0.650  2.917 10.640 7.345  
30.179 8  AA_C11C12:G36G37_BB A 11 ? B 37 ? A 12 ? B 36 ? 
1 A C 12 1_555 B G 13 1_555 A G 13 1_555 B C 12 1_555 -0.202 -1.636 3.152 0.730  10.669 29.518 -4.794 0.495  2.423 20.126 -1.377 
31.355 9  AA_C12G13:C35G36_BB A 12 ? B 36 ? A 13 ? B 35 ? 
1 A G 13 1_555 B C 12 1_555 A G 14 1_555 B C 11 1_555 0.350  -1.688 3.118 -1.594 4.635  32.873 -3.662 -0.856 2.840 8.134  2.797  
33.227 10 AA_G13G14:C34C35_BB A 13 ? B 35 ? A 14 ? B 34 ? 
1 A G 14 1_555 B C 11 1_555 A U 15 1_555 B A 10 1_555 0.367  -1.321 3.122 0.430  -0.444 31.505 -2.353 -0.599 3.145 -0.818 -0.793 
31.511 11 AA_G14U15:A33C34_BB A 14 ? B 34 ? A 15 ? B 33 ? 
1 A U 15 1_555 B A 10 1_555 A G 16 1_555 B C 9  1_555 0.136  -1.475 3.091 4.556  10.801 33.829 -3.778 0.359  2.514 17.907 -7.553 
35.746 12 AA_U15G16:C32A33_BB A 15 ? B 33 ? A 16 ? B 32 ? 
1 A G 16 1_555 B C 9  1_555 A G 19 1_555 B C 7  1_555 -1.388 -3.695 6.032 10.029 20.304 77.740 -3.774 1.526  4.931 15.866 -7.837 
80.467 13 AA_G16G19:C30C32_BB A 16 ? B 32 ? A 19 ? B 30 ? 
1 A G 19 1_555 B C 7  1_555 A U 20 1_555 B U 6  1_555 -2.027 -2.416 3.644 -1.022 2.651  43.026 -3.575 2.647  3.541 3.609  1.392  
43.115 14 AA_G19U20:U29C30_BB A 19 ? B 30 ? A 20 ? B 29 ? 
1 A U 20 1_555 B U 6  1_555 A C 21 1_555 B G 5  1_555 0.635  -2.592 3.087 -0.108 2.512  23.776 -6.994 -1.564 2.800 6.074  0.260  
23.907 15 AA_U20C21:G28U29_BB A 20 ? B 29 ? A 21 ? B 28 ? 
1 A C 21 1_555 B G 5  1_555 A G 22 1_555 B C 4  1_555 0.042  -1.727 3.149 -0.971 8.682  29.110 -4.848 -0.254 2.537 16.802 1.880  
30.365 16 AA_C21G22:C27G28_BB A 21 ? B 28 ? A 22 ? B 27 ? 
1 A G 22 1_555 B C 4  1_555 A C 23 1_555 B G 3  1_555 0.307  -2.230 3.308 0.038  -1.287 29.747 -4.064 -0.590 3.399 -2.506 -0.073 
29.775 17 AA_G22C23:G26C27_BB A 22 ? B 27 ? A 23 ? B 26 ? 
# 
loop_
_pdbx_entity_nonpoly.entity_id 
_pdbx_entity_nonpoly.name 
_pdbx_entity_nonpoly.comp_id 
2 TOBRAMYCIN TOY 
3 water      HOH 
# 
_pdbx_initial_refinement_model.id               1 
_pdbx_initial_refinement_model.entity_id_list   ? 
_pdbx_initial_refinement_model.type             'experimental model' 
_pdbx_initial_refinement_model.source_name      PDB 
_pdbx_initial_refinement_model.accession_code   1J7T 
_pdbx_initial_refinement_model.details          'PDB ENTRY 1J7T' 
# 
